data_6MHQ
#
_entry.id   6MHQ
#
_cell.length_a   1
_cell.length_b   1
_cell.length_c   1
_cell.angle_alpha   90.00
_cell.angle_beta   90.00
_cell.angle_gamma   90.00
#
_symmetry.space_group_name_H-M   'P 1'
#
_entity_poly.entity_id   1
_entity_poly.type   'polypeptide(L)'
_entity_poly.pdbx_seq_one_letter_code
;MGDWSFLGRLLENAQEHSTVIGKVWLTVLFIFRILVLGAAAEEVWGDEQSDFTCNTQQPGCENVCYDRAFPISHVRFWVL
QIIFVSTPTLIYLGHVLHLVRMEEKRKEREEEPPKAAGPAEEHQDPAPVRDDRGKVRIAGALLRTYVFNIIFKTLFEVGF
IAGQYFLYGFQLKPLYRCDRWPCPNTVDCFISRPTEKTIFILFMLAVACVSLLLNVLEIYHLGWKKLKQGMTSPFRPDTP
GSRAGSAKPMGGSPLLLPPNSAPPAVTIGFPPYYAPSASSLGQASAPGYPEPPLPAALPGTPGTPGTPGTLGGGGGNQGL
RAPAQNCANREAEPQTSARKASPPASTP
;
_entity_poly.pdbx_strand_id   A,B,C,D,E,F,G,H,I,J,K,L
#
# COMPACT_ATOMS: atom_id res chain seq x y z
N GLY A 2 27.87 26.57 -0.14
CA GLY A 2 28.75 25.53 -0.61
C GLY A 2 30.20 25.76 -0.26
N ASP A 3 31.08 25.17 -1.05
CA ASP A 3 32.53 25.30 -0.85
C ASP A 3 33.06 26.49 -1.63
N TRP A 4 32.47 27.65 -1.38
CA TRP A 4 32.75 28.86 -2.14
C TRP A 4 33.86 29.71 -1.53
N SER A 5 34.43 29.31 -0.40
CA SER A 5 35.29 30.22 0.36
C SER A 5 36.55 30.58 -0.40
N PHE A 6 37.15 29.61 -1.09
CA PHE A 6 38.44 29.85 -1.74
C PHE A 6 38.28 30.82 -2.91
N LEU A 7 37.25 30.62 -3.71
CA LEU A 7 36.96 31.55 -4.79
C LEU A 7 36.77 32.96 -4.24
N GLY A 8 36.04 33.08 -3.14
CA GLY A 8 35.82 34.38 -2.54
C GLY A 8 37.10 35.03 -2.07
N ARG A 9 38.00 34.24 -1.48
CA ARG A 9 39.29 34.77 -1.05
C ARG A 9 40.10 35.27 -2.24
N LEU A 10 40.18 34.45 -3.29
CA LEU A 10 40.98 34.85 -4.46
C LEU A 10 40.40 36.08 -5.12
N LEU A 11 39.08 36.20 -5.11
CA LEU A 11 38.46 37.37 -5.74
C LEU A 11 38.53 38.60 -4.85
N GLU A 12 38.59 38.42 -3.54
CA GLU A 12 38.93 39.54 -2.66
C GLU A 12 40.33 40.04 -2.96
N ASN A 13 41.27 39.11 -3.20
CA ASN A 13 42.60 39.52 -3.64
C ASN A 13 42.53 40.29 -4.95
N ALA A 14 41.70 39.82 -5.88
CA ALA A 14 41.57 40.47 -7.18
C ALA A 14 40.86 41.82 -7.11
N GLN A 15 40.05 42.04 -6.08
CA GLN A 15 39.27 43.28 -6.00
C GLN A 15 40.17 44.49 -5.86
N GLU A 16 41.30 44.33 -5.18
CA GLU A 16 42.23 45.45 -5.01
C GLU A 16 42.86 45.88 -6.33
N HIS A 17 42.80 45.04 -7.36
CA HIS A 17 43.37 45.34 -8.67
C HIS A 17 42.33 45.73 -9.71
N SER A 18 41.07 45.39 -9.49
CA SER A 18 40.04 45.69 -10.47
C SER A 18 39.58 47.13 -10.34
N THR A 19 38.94 47.62 -11.40
CA THR A 19 38.48 48.99 -11.45
C THR A 19 37.25 49.16 -10.58
N VAL A 20 36.63 50.34 -10.66
CA VAL A 20 35.43 50.60 -9.89
C VAL A 20 34.28 49.75 -10.41
N ILE A 21 34.05 49.81 -11.71
CA ILE A 21 32.92 49.11 -12.30
C ILE A 21 33.12 47.61 -12.23
N GLY A 22 34.36 47.14 -12.33
CA GLY A 22 34.62 45.72 -12.12
C GLY A 22 34.36 45.30 -10.70
N LYS A 23 34.66 46.16 -9.74
CA LYS A 23 34.35 45.88 -8.35
C LYS A 23 32.85 45.79 -8.14
N VAL A 24 32.11 46.69 -8.79
CA VAL A 24 30.65 46.64 -8.76
C VAL A 24 30.16 45.31 -9.31
N TRP A 25 30.75 44.88 -10.42
CA TRP A 25 30.37 43.60 -11.01
C TRP A 25 30.64 42.46 -10.06
N LEU A 26 31.76 42.51 -9.35
CA LEU A 26 32.10 41.43 -8.44
C LEU A 26 31.16 41.38 -7.25
N THR A 27 30.78 42.54 -6.74
CA THR A 27 29.82 42.56 -5.65
C THR A 27 28.44 42.13 -6.13
N VAL A 28 28.09 42.43 -7.37
CA VAL A 28 26.87 41.89 -7.96
C VAL A 28 26.95 40.38 -8.01
N LEU A 29 28.12 39.85 -8.33
CA LEU A 29 28.29 38.41 -8.43
C LEU A 29 28.06 37.75 -7.08
N PHE A 30 28.73 38.24 -6.05
CA PHE A 30 28.62 37.60 -4.75
C PHE A 30 27.25 37.81 -4.12
N ILE A 31 26.76 39.05 -4.14
CA ILE A 31 25.54 39.36 -3.42
C ILE A 31 24.34 38.73 -4.10
N PHE A 32 24.35 38.64 -5.43
CA PHE A 32 23.20 38.22 -6.20
C PHE A 32 23.39 36.84 -6.81
N ARG A 33 24.46 36.64 -7.58
CA ARG A 33 24.63 35.37 -8.27
C ARG A 33 24.86 34.23 -7.30
N ILE A 34 25.85 34.38 -6.42
CA ILE A 34 26.27 33.27 -5.60
C ILE A 34 25.36 33.11 -4.40
N LEU A 35 25.01 34.22 -3.76
CA LEU A 35 24.26 34.14 -2.51
C LEU A 35 22.87 33.59 -2.75
N VAL A 36 22.15 34.12 -3.74
CA VAL A 36 20.81 33.64 -4.03
C VAL A 36 20.85 32.21 -4.52
N LEU A 37 21.95 31.81 -5.14
CA LEU A 37 22.06 30.46 -5.64
C LEU A 37 22.28 29.48 -4.51
N GLY A 38 23.00 29.88 -3.48
CA GLY A 38 23.34 29.00 -2.39
C GLY A 38 22.34 28.98 -1.26
N ALA A 39 21.63 30.09 -1.07
CA ALA A 39 20.77 30.28 0.07
C ALA A 39 19.32 29.95 -0.22
N ALA A 40 18.85 30.31 -1.41
CA ALA A 40 17.47 30.13 -1.81
C ALA A 40 17.28 29.00 -2.79
N ALA A 41 18.04 29.01 -3.88
CA ALA A 41 17.76 28.11 -4.99
C ALA A 41 17.95 26.65 -4.61
N GLU A 42 19.01 26.34 -3.87
CA GLU A 42 19.25 24.97 -3.48
C GLU A 42 18.12 24.40 -2.63
N GLU A 43 17.41 25.26 -1.92
CA GLU A 43 16.22 24.83 -1.20
C GLU A 43 15.05 24.64 -2.14
N VAL A 44 15.04 25.38 -3.27
CA VAL A 44 13.97 25.27 -4.23
C VAL A 44 14.11 24.02 -5.07
N TRP A 45 15.24 23.88 -5.73
CA TRP A 45 15.51 22.74 -6.59
C TRP A 45 15.90 21.49 -5.84
N GLY A 46 15.86 21.50 -4.51
CA GLY A 46 16.18 20.31 -3.75
C GLY A 46 15.14 19.23 -3.86
N ASP A 47 13.92 19.59 -4.21
CA ASP A 47 12.81 18.67 -4.41
C ASP A 47 12.45 18.53 -5.87
N GLU A 48 13.46 18.50 -6.74
CA GLU A 48 13.22 18.46 -8.17
C GLU A 48 12.92 17.06 -8.66
N GLN A 49 13.65 16.07 -8.18
CA GLN A 49 13.48 14.68 -8.60
C GLN A 49 12.45 13.97 -7.76
N SER A 50 12.30 14.38 -6.51
CA SER A 50 11.39 13.69 -5.61
C SER A 50 9.94 13.94 -5.98
N ASP A 51 9.53 15.20 -5.94
CA ASP A 51 8.16 15.59 -6.13
C ASP A 51 7.77 15.78 -7.58
N PHE A 52 8.54 15.22 -8.50
CA PHE A 52 8.18 15.19 -9.92
C PHE A 52 7.35 13.96 -10.14
N THR A 53 6.05 14.09 -9.99
CA THR A 53 5.13 12.97 -9.99
C THR A 53 4.48 12.88 -11.36
N CYS A 54 4.73 11.78 -12.04
CA CYS A 54 4.10 11.47 -13.29
C CYS A 54 2.76 10.77 -13.07
N ASN A 55 2.06 10.52 -14.16
CA ASN A 55 0.71 10.00 -14.15
C ASN A 55 0.65 8.60 -14.74
N THR A 56 1.58 7.75 -14.35
CA THR A 56 1.60 6.36 -14.82
C THR A 56 2.05 5.42 -13.71
N GLN A 57 1.82 4.14 -13.96
CA GLN A 57 2.31 3.05 -13.12
C GLN A 57 3.57 2.43 -13.65
N GLN A 58 4.04 2.86 -14.82
CA GLN A 58 5.33 2.45 -15.31
C GLN A 58 6.39 2.86 -14.29
N PRO A 59 7.26 1.95 -13.87
CA PRO A 59 8.21 2.33 -12.83
C PRO A 59 9.28 3.29 -13.32
N GLY A 60 9.75 3.10 -14.53
CA GLY A 60 10.84 3.89 -15.04
C GLY A 60 10.49 5.17 -15.70
N CYS A 61 9.20 5.45 -15.89
CA CYS A 61 8.82 6.62 -16.66
C CYS A 61 9.20 7.91 -15.97
N GLU A 62 9.24 7.91 -14.65
CA GLU A 62 9.51 9.14 -13.92
C GLU A 62 10.96 9.58 -14.10
N ASN A 63 11.91 8.66 -13.93
CA ASN A 63 13.31 8.99 -14.10
C ASN A 63 13.59 9.51 -15.48
N VAL A 64 13.10 8.80 -16.48
CA VAL A 64 13.40 9.16 -17.84
C VAL A 64 12.73 10.45 -18.24
N CYS A 65 11.48 10.64 -17.86
CA CYS A 65 10.80 11.85 -18.23
C CYS A 65 11.39 13.07 -17.54
N TYR A 66 11.88 12.90 -16.32
CA TYR A 66 12.63 13.98 -15.69
C TYR A 66 13.85 14.33 -16.51
N ASP A 67 14.65 13.32 -16.84
CA ASP A 67 15.86 13.58 -17.60
C ASP A 67 15.56 14.19 -18.96
N ARG A 68 14.41 13.89 -19.52
CA ARG A 68 14.03 14.50 -20.78
C ARG A 68 13.53 15.91 -20.58
N ALA A 69 13.03 16.23 -19.40
CA ALA A 69 12.58 17.58 -19.11
C ALA A 69 13.74 18.48 -18.75
N PHE A 70 14.50 18.07 -17.75
CA PHE A 70 15.64 18.81 -17.23
C PHE A 70 16.91 18.00 -17.46
N PRO A 71 17.52 18.09 -18.63
CA PRO A 71 18.78 17.41 -18.85
C PRO A 71 19.85 17.85 -17.92
N ILE A 72 19.82 19.11 -17.55
CA ILE A 72 20.75 19.67 -16.58
C ILE A 72 19.99 20.75 -15.83
N SER A 73 19.92 20.60 -14.52
CA SER A 73 19.11 21.49 -13.72
C SER A 73 19.66 22.90 -13.78
N HIS A 74 18.79 23.85 -13.48
CA HIS A 74 19.18 25.24 -13.55
C HIS A 74 20.25 25.58 -12.54
N VAL A 75 20.29 24.89 -11.42
CA VAL A 75 21.26 25.18 -10.38
C VAL A 75 22.66 24.83 -10.87
N ARG A 76 22.83 23.64 -11.42
CA ARG A 76 24.13 23.25 -11.94
C ARG A 76 24.54 24.16 -13.07
N PHE A 77 23.59 24.55 -13.89
CA PHE A 77 23.90 25.40 -15.03
C PHE A 77 24.38 26.76 -14.57
N TRP A 78 23.73 27.33 -13.56
CA TRP A 78 24.16 28.60 -13.02
C TRP A 78 25.50 28.49 -12.33
N VAL A 79 25.77 27.37 -11.67
CA VAL A 79 27.07 27.18 -11.04
C VAL A 79 28.17 27.22 -12.09
N LEU A 80 27.99 26.44 -13.15
CA LEU A 80 28.99 26.45 -14.21
C LEU A 80 29.08 27.81 -14.88
N GLN A 81 27.96 28.53 -14.95
CA GLN A 81 27.99 29.88 -15.50
C GLN A 81 28.87 30.78 -14.65
N ILE A 82 28.71 30.69 -13.34
CA ILE A 82 29.50 31.51 -12.42
C ILE A 82 30.97 31.19 -12.56
N ILE A 83 31.29 29.90 -12.58
CA ILE A 83 32.69 29.51 -12.68
C ILE A 83 33.30 30.00 -13.99
N PHE A 84 32.64 29.73 -15.10
CA PHE A 84 33.19 30.07 -16.40
C PHE A 84 33.27 31.56 -16.61
N VAL A 85 32.42 32.32 -15.91
CA VAL A 85 32.45 33.77 -16.01
C VAL A 85 33.46 34.38 -15.05
N SER A 86 33.79 33.70 -13.96
CA SER A 86 34.68 34.23 -12.95
C SER A 86 36.13 33.84 -13.17
N THR A 87 36.39 32.77 -13.91
CA THR A 87 37.78 32.38 -14.17
C THR A 87 38.64 33.47 -14.79
N PRO A 88 38.16 34.26 -15.75
CA PRO A 88 39.01 35.31 -16.33
C PRO A 88 39.54 36.30 -15.32
N THR A 89 38.75 36.62 -14.30
CA THR A 89 39.23 37.50 -13.24
C THR A 89 40.46 36.92 -12.57
N LEU A 90 40.44 35.62 -12.30
CA LEU A 90 41.57 34.98 -11.64
C LEU A 90 42.75 34.85 -12.58
N ILE A 91 42.49 34.65 -13.87
CA ILE A 91 43.55 34.69 -14.86
C ILE A 91 44.26 36.03 -14.82
N TYR A 92 43.48 37.11 -14.84
CA TYR A 92 44.05 38.45 -14.83
C TYR A 92 44.85 38.70 -13.55
N LEU A 93 44.30 38.30 -12.40
CA LEU A 93 45.02 38.43 -11.15
C LEU A 93 46.35 37.69 -11.20
N GLY A 94 46.33 36.46 -11.71
CA GLY A 94 47.57 35.71 -11.84
C GLY A 94 48.58 36.40 -12.74
N HIS A 95 48.09 37.05 -13.80
CA HIS A 95 48.98 37.82 -14.65
C HIS A 95 49.57 39.01 -13.90
N VAL A 96 48.81 39.58 -12.97
CA VAL A 96 49.31 40.70 -12.19
C VAL A 96 50.37 40.23 -11.21
N LEU A 97 50.09 39.15 -10.49
CA LEU A 97 51.03 38.64 -9.50
C LEU A 97 52.25 38.03 -10.19
N LEU A 142 49.25 45.64 -18.41
CA LEU A 142 48.53 44.45 -18.81
C LEU A 142 47.13 44.81 -19.27
N LEU A 143 47.06 45.88 -20.06
CA LEU A 143 45.77 46.38 -20.51
C LEU A 143 45.09 45.37 -21.43
N ARG A 144 45.81 44.90 -22.45
CA ARG A 144 45.24 43.93 -23.38
C ARG A 144 44.78 42.67 -22.67
N THR A 145 45.48 42.28 -21.61
CA THR A 145 45.04 41.15 -20.80
C THR A 145 43.67 41.40 -20.20
N TYR A 146 43.49 42.59 -19.62
CA TYR A 146 42.21 42.96 -19.05
C TYR A 146 41.12 42.97 -20.11
N VAL A 147 41.43 43.47 -21.30
CA VAL A 147 40.43 43.54 -22.36
C VAL A 147 40.00 42.14 -22.77
N PHE A 148 40.98 41.25 -22.95
CA PHE A 148 40.65 39.87 -23.30
C PHE A 148 39.85 39.22 -22.19
N ASN A 149 40.16 39.57 -20.94
CA ASN A 149 39.39 39.08 -19.80
C ASN A 149 37.91 39.47 -19.93
N ILE A 150 37.65 40.74 -20.20
CA ILE A 150 36.25 41.17 -20.22
C ILE A 150 35.52 40.61 -21.43
N ILE A 151 36.20 40.45 -22.57
CA ILE A 151 35.48 39.87 -23.70
C ILE A 151 35.22 38.39 -23.45
N PHE A 152 36.12 37.70 -22.75
CA PHE A 152 35.84 36.33 -22.35
C PHE A 152 34.58 36.26 -21.51
N LYS A 153 34.49 37.12 -20.49
CA LYS A 153 33.30 37.18 -19.66
C LYS A 153 32.06 37.40 -20.51
N THR A 154 32.09 38.43 -21.35
CA THR A 154 30.94 38.81 -22.15
C THR A 154 30.50 37.66 -23.06
N LEU A 155 31.46 37.04 -23.75
CA LEU A 155 31.10 36.01 -24.71
C LEU A 155 30.57 34.77 -24.01
N PHE A 156 31.21 34.36 -22.92
CA PHE A 156 30.73 33.18 -22.22
C PHE A 156 29.36 33.42 -21.64
N GLU A 157 29.12 34.60 -21.07
CA GLU A 157 27.83 34.87 -20.46
C GLU A 157 26.73 34.98 -21.50
N VAL A 158 27.03 35.56 -22.65
CA VAL A 158 26.08 35.54 -23.75
C VAL A 158 25.77 34.11 -24.15
N GLY A 159 26.79 33.27 -24.20
CA GLY A 159 26.59 31.87 -24.51
C GLY A 159 25.70 31.19 -23.50
N PHE A 160 25.83 31.55 -22.24
CA PHE A 160 25.06 30.88 -21.20
C PHE A 160 23.61 31.32 -21.23
N ILE A 161 23.35 32.61 -21.40
CA ILE A 161 21.95 33.03 -21.50
C ILE A 161 21.32 32.45 -22.75
N ALA A 162 22.08 32.35 -23.84
CA ALA A 162 21.55 31.76 -25.06
C ALA A 162 21.24 30.28 -24.86
N GLY A 163 22.13 29.55 -24.20
CA GLY A 163 21.89 28.16 -23.94
C GLY A 163 20.70 27.95 -23.01
N GLN A 164 20.58 28.80 -22.00
CA GLN A 164 19.44 28.69 -21.11
C GLN A 164 18.15 28.92 -21.85
N TYR A 165 18.10 29.91 -22.73
CA TYR A 165 16.92 30.11 -23.55
C TYR A 165 16.67 28.91 -24.45
N PHE A 166 17.73 28.32 -24.98
CA PHE A 166 17.57 27.19 -25.90
C PHE A 166 16.97 25.99 -25.18
N LEU A 167 17.36 25.78 -23.93
CA LEU A 167 16.83 24.64 -23.18
C LEU A 167 15.46 24.96 -22.59
N TYR A 168 15.39 25.99 -21.77
CA TYR A 168 14.17 26.36 -21.04
C TYR A 168 13.92 27.83 -21.29
N GLY A 169 12.88 28.12 -22.04
CA GLY A 169 12.64 29.48 -22.48
C GLY A 169 12.15 30.41 -21.40
N PHE A 170 13.00 30.63 -20.41
CA PHE A 170 12.72 31.43 -19.21
C PHE A 170 11.31 31.24 -18.67
N GLN A 171 10.83 30.01 -18.67
CA GLN A 171 9.56 29.69 -18.05
C GLN A 171 9.39 28.19 -17.87
N LEU A 172 9.22 27.73 -16.63
CA LEU A 172 8.91 26.34 -16.35
C LEU A 172 7.42 26.18 -16.27
N LYS A 173 6.85 25.52 -17.24
CA LYS A 173 5.46 25.14 -17.16
C LYS A 173 5.31 23.91 -16.30
N PRO A 174 4.22 23.76 -15.57
CA PRO A 174 4.08 22.58 -14.71
C PRO A 174 4.00 21.29 -15.49
N LEU A 175 3.28 21.28 -16.59
CA LEU A 175 3.05 20.07 -17.34
C LEU A 175 4.17 19.83 -18.35
N TYR A 176 4.61 18.58 -18.43
CA TYR A 176 5.50 18.15 -19.48
C TYR A 176 5.00 16.82 -20.00
N ARG A 177 4.80 16.72 -21.31
CA ARG A 177 4.32 15.52 -21.96
C ARG A 177 5.48 14.81 -22.64
N CYS A 178 5.83 13.63 -22.13
CA CYS A 178 7.00 12.89 -22.57
C CYS A 178 6.58 11.58 -23.21
N ASP A 179 7.40 11.13 -24.15
CA ASP A 179 7.14 9.95 -24.96
C ASP A 179 8.36 9.05 -25.05
N ARG A 180 9.22 9.07 -24.04
CA ARG A 180 10.33 8.16 -23.99
C ARG A 180 9.83 6.73 -23.90
N TRP A 181 10.73 5.78 -24.14
CA TRP A 181 10.32 4.40 -24.35
C TRP A 181 9.59 3.78 -23.17
N PRO A 182 10.09 3.87 -21.95
CA PRO A 182 9.36 3.26 -20.84
C PRO A 182 8.03 3.93 -20.61
N CYS A 183 7.93 5.20 -20.90
CA CYS A 183 6.67 5.91 -20.79
C CYS A 183 5.78 5.56 -21.97
N PRO A 184 4.63 4.94 -21.76
CA PRO A 184 3.78 4.62 -22.89
C PRO A 184 2.82 5.72 -23.29
N ASN A 185 2.91 6.18 -24.52
CA ASN A 185 1.88 7.00 -25.14
C ASN A 185 1.68 8.32 -24.38
N THR A 186 2.73 9.14 -24.38
CA THR A 186 2.64 10.57 -24.10
C THR A 186 2.09 10.82 -22.69
N VAL A 187 2.89 10.40 -21.73
CA VAL A 187 2.57 10.56 -20.33
C VAL A 187 2.60 12.02 -19.94
N ASP A 188 1.67 12.41 -19.07
CA ASP A 188 1.69 13.71 -18.44
C ASP A 188 2.48 13.65 -17.15
N CYS A 189 3.44 14.56 -16.99
CA CYS A 189 4.28 14.61 -15.82
C CYS A 189 4.35 16.03 -15.31
N PHE A 190 4.15 16.20 -14.02
CA PHE A 190 4.03 17.49 -13.39
C PHE A 190 5.27 17.82 -12.58
N ILE A 191 5.60 19.09 -12.56
CA ILE A 191 6.85 19.59 -11.99
C ILE A 191 6.55 20.31 -10.68
N SER A 192 7.54 20.29 -9.79
CA SER A 192 7.45 20.92 -8.49
C SER A 192 8.00 22.32 -8.52
N ARG A 193 7.29 23.24 -7.88
CA ARG A 193 7.68 24.64 -7.81
C ARG A 193 7.97 25.26 -9.18
N PRO A 194 7.02 25.21 -10.09
CA PRO A 194 7.26 25.83 -11.39
C PRO A 194 7.30 27.33 -11.35
N THR A 195 6.39 27.94 -10.61
CA THR A 195 6.35 29.40 -10.58
C THR A 195 7.57 29.97 -9.88
N GLU A 196 7.94 29.40 -8.75
CA GLU A 196 9.12 29.84 -8.02
C GLU A 196 10.37 29.66 -8.84
N LYS A 197 10.50 28.52 -9.51
CA LYS A 197 11.65 28.30 -10.34
C LYS A 197 11.69 29.27 -11.50
N THR A 198 10.53 29.59 -12.06
CA THR A 198 10.49 30.58 -13.12
C THR A 198 10.94 31.92 -12.63
N ILE A 199 10.50 32.30 -11.44
CA ILE A 199 10.89 33.59 -10.86
C ILE A 199 12.39 33.64 -10.68
N PHE A 200 12.98 32.60 -10.17
CA PHE A 200 14.42 32.64 -9.94
C PHE A 200 15.18 32.59 -11.24
N ILE A 201 14.64 31.93 -12.26
CA ILE A 201 15.25 31.98 -13.58
C ILE A 201 15.26 33.42 -14.09
N LEU A 202 14.14 34.10 -13.98
CA LEU A 202 14.06 35.47 -14.43
C LEU A 202 15.00 36.37 -13.67
N PHE A 203 15.07 36.19 -12.35
CA PHE A 203 15.95 37.00 -11.52
C PHE A 203 17.40 36.81 -11.90
N MET A 204 17.83 35.55 -12.06
CA MET A 204 19.21 35.30 -12.39
C MET A 204 19.54 35.71 -13.81
N LEU A 205 18.58 35.58 -14.70
CA LEU A 205 18.79 36.04 -16.07
C LEU A 205 18.91 37.55 -16.11
N ALA A 206 18.16 38.25 -15.28
CA ALA A 206 18.29 39.68 -15.20
C ALA A 206 19.63 40.08 -14.60
N VAL A 207 20.09 39.33 -13.61
CA VAL A 207 21.41 39.57 -13.05
C VAL A 207 22.48 39.40 -14.11
N ALA A 208 22.35 38.38 -14.94
CA ALA A 208 23.34 38.15 -15.98
C ALA A 208 23.28 39.25 -17.03
N CYS A 209 22.08 39.69 -17.41
CA CYS A 209 21.97 40.82 -18.31
C CYS A 209 22.60 42.06 -17.73
N VAL A 210 22.48 42.24 -16.42
CA VAL A 210 23.09 43.39 -15.77
C VAL A 210 24.61 43.26 -15.81
N SER A 211 25.12 42.05 -15.65
CA SER A 211 26.56 41.87 -15.77
C SER A 211 27.04 42.20 -17.16
N LEU A 212 26.25 41.82 -18.17
CA LEU A 212 26.61 42.18 -19.54
C LEU A 212 26.59 43.69 -19.72
N LEU A 213 25.59 44.37 -19.15
CA LEU A 213 25.55 45.82 -19.23
C LEU A 213 26.75 46.43 -18.56
N LEU A 214 27.15 45.89 -17.41
CA LEU A 214 28.31 46.42 -16.71
C LEU A 214 29.56 46.26 -17.54
N ASN A 215 29.75 45.10 -18.15
CA ASN A 215 30.95 44.90 -18.96
C ASN A 215 30.93 45.76 -20.21
N VAL A 216 29.75 45.97 -20.80
CA VAL A 216 29.65 46.78 -22.01
C VAL A 216 29.80 48.26 -21.67
N LEU A 217 29.50 48.66 -20.44
CA LEU A 217 29.80 50.00 -20.00
C LEU A 217 31.29 50.14 -19.71
N GLU A 218 31.88 49.11 -19.14
CA GLU A 218 33.30 49.13 -18.79
C GLU A 218 34.17 49.24 -20.02
N ILE A 219 33.84 48.48 -21.07
CA ILE A 219 34.68 48.45 -22.25
C ILE A 219 34.72 49.82 -22.93
N TYR A 220 33.61 50.56 -22.88
CA TYR A 220 33.61 51.92 -23.40
C TYR A 220 34.29 52.88 -22.44
N HIS A 221 34.16 52.65 -21.13
CA HIS A 221 34.86 53.46 -20.13
C HIS A 221 36.36 53.36 -20.30
N LEU A 222 36.85 52.26 -20.86
CA LEU A 222 38.26 52.13 -21.18
C LEU A 222 38.58 52.83 -22.49
N GLY B 2 32.96 19.88 1.41
CA GLY B 2 33.44 18.86 2.32
C GLY B 2 34.51 19.36 3.26
N ASP B 3 35.32 18.43 3.75
CA ASP B 3 36.42 18.75 4.66
C ASP B 3 37.70 19.03 3.88
N TRP B 4 37.58 19.98 2.96
CA TRP B 4 38.65 20.29 2.03
C TRP B 4 39.61 21.38 2.52
N SER B 5 39.37 21.95 3.71
CA SER B 5 40.07 23.18 4.09
C SER B 5 41.56 22.94 4.27
N PHE B 6 41.95 21.81 4.85
CA PHE B 6 43.35 21.59 5.15
C PHE B 6 44.17 21.41 3.89
N LEU B 7 43.65 20.64 2.94
CA LEU B 7 44.31 20.50 1.64
C LEU B 7 44.49 21.85 0.99
N GLY B 8 43.45 22.68 1.05
CA GLY B 8 43.55 24.00 0.45
C GLY B 8 44.61 24.86 1.11
N ARG B 9 44.71 24.78 2.42
CA ARG B 9 45.75 25.54 3.13
C ARG B 9 47.14 25.08 2.73
N LEU B 10 47.35 23.75 2.70
CA LEU B 10 48.67 23.24 2.36
C LEU B 10 49.03 23.59 0.92
N LEU B 11 48.04 23.60 0.04
CA LEU B 11 48.33 23.92 -1.35
C LEU B 11 48.49 25.42 -1.58
N GLU B 12 47.85 26.25 -0.75
CA GLU B 12 48.18 27.67 -0.75
C GLU B 12 49.62 27.88 -0.32
N ASN B 13 50.09 27.12 0.67
CA ASN B 13 51.50 27.16 1.02
C ASN B 13 52.37 26.74 -0.17
N ALA B 14 51.95 25.69 -0.88
CA ALA B 14 52.72 25.21 -2.02
C ALA B 14 52.68 26.17 -3.22
N GLN B 15 51.66 27.00 -3.31
CA GLN B 15 51.53 27.87 -4.47
C GLN B 15 52.67 28.87 -4.57
N GLU B 16 53.19 29.31 -3.43
CA GLU B 16 54.30 30.25 -3.42
C GLU B 16 55.57 29.65 -3.98
N HIS B 17 55.66 28.31 -4.06
CA HIS B 17 56.83 27.62 -4.56
C HIS B 17 56.66 27.08 -5.97
N SER B 18 55.42 26.93 -6.43
CA SER B 18 55.19 26.38 -7.76
C SER B 18 55.36 27.45 -8.82
N THR B 19 55.55 26.98 -10.05
CA THR B 19 55.79 27.87 -11.18
C THR B 19 54.48 28.55 -11.58
N VAL B 20 54.52 29.27 -12.70
CA VAL B 20 53.33 29.94 -13.20
C VAL B 20 52.31 28.92 -13.68
N ILE B 21 52.76 28.00 -14.54
CA ILE B 21 51.85 27.04 -15.12
C ILE B 21 51.35 26.05 -14.07
N GLY B 22 52.18 25.73 -13.08
CA GLY B 22 51.70 24.91 -11.98
C GLY B 22 50.66 25.62 -11.15
N LYS B 23 50.82 26.93 -10.98
CA LYS B 23 49.82 27.72 -10.28
C LYS B 23 48.50 27.72 -11.04
N VAL B 24 48.59 27.84 -12.36
CA VAL B 24 47.41 27.74 -13.21
C VAL B 24 46.73 26.40 -13.02
N TRP B 25 47.53 25.33 -12.98
CA TRP B 25 46.98 24.00 -12.76
C TRP B 25 46.28 23.91 -11.43
N LEU B 26 46.85 24.52 -10.40
CA LEU B 26 46.26 24.44 -9.07
C LEU B 26 44.95 25.21 -9.01
N THR B 27 44.89 26.36 -9.66
CA THR B 27 43.64 27.10 -9.69
C THR B 27 42.60 26.38 -10.53
N VAL B 28 43.02 25.68 -11.58
CA VAL B 28 42.11 24.82 -12.32
C VAL B 28 41.57 23.74 -11.40
N LEU B 29 42.43 23.20 -10.54
CA LEU B 29 42.00 22.14 -9.63
C LEU B 29 40.93 22.64 -8.68
N PHE B 30 41.18 23.76 -8.02
CA PHE B 30 40.23 24.24 -7.03
C PHE B 30 38.96 24.77 -7.68
N ILE B 31 39.10 25.58 -8.72
CA ILE B 31 37.93 26.25 -9.29
C ILE B 31 37.05 25.27 -10.01
N PHE B 32 37.63 24.24 -10.63
CA PHE B 32 36.91 23.33 -11.49
C PHE B 32 36.77 21.94 -10.89
N ARG B 33 37.87 21.31 -10.51
CA ARG B 33 37.80 19.94 -10.02
C ARG B 33 37.07 19.87 -8.70
N ILE B 34 37.50 20.65 -7.72
CA ILE B 34 36.99 20.50 -6.37
C ILE B 34 35.66 21.21 -6.21
N LEU B 35 35.53 22.40 -6.75
CA LEU B 35 34.35 23.20 -6.52
C LEU B 35 33.12 22.58 -7.17
N VAL B 36 33.25 22.20 -8.44
CA VAL B 36 32.14 21.58 -9.14
C VAL B 36 31.80 20.24 -8.53
N LEU B 37 32.78 19.58 -7.94
CA LEU B 37 32.54 18.29 -7.32
C LEU B 37 31.78 18.44 -6.02
N GLY B 38 32.05 19.50 -5.29
CA GLY B 38 31.44 19.68 -3.99
C GLY B 38 30.13 20.43 -4.00
N ALA B 39 29.95 21.29 -4.99
CA ALA B 39 28.82 22.20 -5.04
C ALA B 39 27.69 21.67 -5.90
N ALA B 40 28.01 21.05 -7.02
CA ALA B 40 27.03 20.57 -7.97
C ALA B 40 26.87 19.06 -7.94
N ALA B 41 27.97 18.32 -8.03
CA ALA B 41 27.89 16.89 -8.25
C ALA B 41 27.26 16.16 -7.08
N GLU B 42 27.62 16.54 -5.86
CA GLU B 42 27.06 15.88 -4.69
C GLU B 42 25.56 16.03 -4.62
N GLU B 43 25.02 17.10 -5.18
CA GLU B 43 23.58 17.25 -5.29
C GLU B 43 23.02 16.38 -6.40
N VAL B 44 23.83 16.08 -7.41
CA VAL B 44 23.39 15.25 -8.52
C VAL B 44 23.37 13.79 -8.12
N TRP B 45 24.50 13.28 -7.69
CA TRP B 45 24.63 11.90 -7.30
C TRP B 45 24.08 11.59 -5.93
N GLY B 46 23.44 12.55 -5.27
CA GLY B 46 22.85 12.29 -3.98
C GLY B 46 21.63 11.40 -4.03
N ASP B 47 20.99 11.33 -5.19
CA ASP B 47 19.83 10.49 -5.42
C ASP B 47 20.17 9.32 -6.34
N GLU B 48 21.33 8.73 -6.14
CA GLU B 48 21.78 7.66 -7.02
C GLU B 48 21.20 6.32 -6.63
N GLN B 49 21.15 6.02 -5.34
CA GLN B 49 20.62 4.76 -4.84
C GLN B 49 19.14 4.80 -4.63
N SER B 50 18.61 5.98 -4.31
CA SER B 50 17.20 6.09 -3.98
C SER B 50 16.34 5.92 -5.22
N ASP B 51 16.52 6.80 -6.19
CA ASP B 51 15.68 6.85 -7.38
C ASP B 51 16.14 5.92 -8.48
N PHE B 52 16.93 4.91 -8.17
CA PHE B 52 17.29 3.86 -9.10
C PHE B 52 16.21 2.80 -9.00
N THR B 53 15.18 2.94 -9.80
CA THR B 53 14.00 2.10 -9.71
C THR B 53 14.09 1.01 -10.76
N CYS B 54 14.14 -0.23 -10.31
CA CYS B 54 14.10 -1.37 -11.17
C CYS B 54 12.65 -1.77 -11.47
N ASN B 55 12.50 -2.77 -12.32
CA ASN B 55 11.21 -3.20 -12.84
C ASN B 55 10.86 -4.59 -12.36
N THR B 56 11.06 -4.86 -11.08
CA THR B 56 10.72 -6.15 -10.50
C THR B 56 10.17 -5.98 -9.10
N GLN B 57 9.57 -7.06 -8.60
CA GLN B 57 9.13 -7.18 -7.23
C GLN B 57 10.11 -7.93 -6.35
N GLN B 58 11.18 -8.45 -6.93
CA GLN B 58 12.25 -9.01 -6.14
C GLN B 58 12.79 -7.94 -5.20
N PRO B 59 12.90 -8.21 -3.90
CA PRO B 59 13.33 -7.15 -3.01
C PRO B 59 14.78 -6.78 -3.16
N GLY B 60 15.64 -7.75 -3.40
CA GLY B 60 17.06 -7.51 -3.45
C GLY B 60 17.61 -7.12 -4.78
N CYS B 61 16.81 -7.12 -5.83
CA CYS B 61 17.35 -6.89 -7.15
C CYS B 61 17.86 -5.48 -7.33
N GLU B 62 17.28 -4.52 -6.62
CA GLU B 62 17.67 -3.13 -6.79
C GLU B 62 19.06 -2.89 -6.26
N ASN B 63 19.36 -3.35 -5.04
CA ASN B 63 20.67 -3.16 -4.45
C ASN B 63 21.74 -3.77 -5.32
N VAL B 64 21.52 -5.01 -5.72
CA VAL B 64 22.53 -5.74 -6.45
C VAL B 64 22.72 -5.15 -7.84
N CYS B 65 21.64 -4.82 -8.52
CA CYS B 65 21.79 -4.30 -9.85
C CYS B 65 22.42 -2.91 -9.84
N TYR B 66 22.18 -2.12 -8.80
CA TYR B 66 22.93 -0.89 -8.66
C TYR B 66 24.41 -1.16 -8.53
N ASP B 67 24.78 -2.05 -7.62
CA ASP B 67 26.19 -2.35 -7.42
C ASP B 67 26.82 -2.91 -8.67
N ARG B 68 26.05 -3.60 -9.49
CA ARG B 68 26.59 -4.10 -10.74
C ARG B 68 26.69 -3.01 -11.78
N ALA B 69 25.89 -1.97 -11.66
CA ALA B 69 25.96 -0.85 -12.59
C ALA B 69 27.08 0.10 -12.22
N PHE B 70 27.05 0.57 -10.99
CA PHE B 70 28.01 1.52 -10.45
C PHE B 70 28.77 0.87 -9.31
N PRO B 71 29.83 0.13 -9.61
CA PRO B 71 30.63 -0.44 -8.53
C PRO B 71 31.23 0.61 -7.65
N ILE B 72 31.57 1.74 -8.22
CA ILE B 72 32.08 2.88 -7.48
C ILE B 72 31.58 4.13 -8.19
N SER B 73 30.87 4.96 -7.46
CA SER B 73 30.23 6.10 -8.06
C SER B 73 31.27 7.07 -8.59
N HIS B 74 30.83 7.90 -9.53
CA HIS B 74 31.76 8.83 -10.15
C HIS B 74 32.28 9.85 -9.16
N VAL B 75 31.49 10.17 -8.14
CA VAL B 75 31.91 11.18 -7.17
C VAL B 75 33.08 10.67 -6.36
N ARG B 76 32.97 9.45 -5.85
CA ARG B 76 34.08 8.88 -5.08
C ARG B 76 35.30 8.71 -5.96
N PHE B 77 35.09 8.35 -7.20
CA PHE B 77 36.20 8.14 -8.11
C PHE B 77 36.93 9.44 -8.37
N TRP B 78 36.20 10.52 -8.58
CA TRP B 78 36.82 11.82 -8.79
C TRP B 78 37.51 12.31 -7.53
N VAL B 79 36.94 12.03 -6.36
CA VAL B 79 37.60 12.41 -5.12
C VAL B 79 38.96 11.75 -5.01
N LEU B 80 38.99 10.44 -5.22
CA LEU B 80 40.26 9.74 -5.17
C LEU B 80 41.20 10.22 -6.26
N GLN B 81 40.67 10.59 -7.41
CA GLN B 81 41.50 11.13 -8.47
C GLN B 81 42.17 12.41 -8.02
N ILE B 82 41.40 13.29 -7.39
CA ILE B 82 41.93 14.56 -6.90
C ILE B 82 43.02 14.31 -5.88
N ILE B 83 42.76 13.43 -4.94
CA ILE B 83 43.74 13.16 -3.89
C ILE B 83 45.02 12.60 -4.48
N PHE B 84 44.90 11.58 -5.31
CA PHE B 84 46.07 10.91 -5.85
C PHE B 84 46.84 11.80 -6.79
N VAL B 85 46.18 12.78 -7.40
CA VAL B 85 46.84 13.72 -8.29
C VAL B 85 47.45 14.88 -7.53
N SER B 86 46.92 15.21 -6.35
CA SER B 86 47.38 16.35 -5.59
C SER B 86 48.45 16.01 -4.58
N THR B 87 48.56 14.75 -4.17
CA THR B 87 49.60 14.37 -3.22
C THR B 87 51.02 14.72 -3.66
N PRO B 88 51.41 14.55 -4.93
CA PRO B 88 52.78 14.91 -5.31
C PRO B 88 53.14 16.35 -5.04
N THR B 89 52.18 17.26 -5.20
CA THR B 89 52.43 18.65 -4.87
C THR B 89 52.86 18.81 -3.41
N LEU B 90 52.18 18.10 -2.52
CA LEU B 90 52.49 18.21 -1.10
C LEU B 90 53.80 17.49 -0.79
N ILE B 91 54.11 16.41 -1.50
CA ILE B 91 55.42 15.80 -1.39
C ILE B 91 56.51 16.79 -1.73
N TYR B 92 56.34 17.49 -2.86
CA TYR B 92 57.35 18.45 -3.28
C TYR B 92 57.49 19.59 -2.27
N LEU B 93 56.36 20.10 -1.78
CA LEU B 93 56.41 21.13 -0.75
C LEU B 93 57.17 20.66 0.47
N GLY B 94 56.88 19.44 0.93
CA GLY B 94 57.60 18.89 2.06
C GLY B 94 59.10 18.79 1.80
N HIS B 95 59.46 18.45 0.56
CA HIS B 95 60.88 18.42 0.22
C HIS B 95 61.48 19.81 0.28
N VAL B 96 60.70 20.83 -0.06
CA VAL B 96 61.20 22.20 0.00
C VAL B 96 61.39 22.64 1.45
N LEU B 97 60.40 22.39 2.29
CA LEU B 97 60.46 22.80 3.67
C LEU B 97 61.47 21.96 4.44
N LEU B 142 66.06 21.15 -6.20
CA LEU B 142 65.18 19.99 -6.14
C LEU B 142 64.44 19.83 -7.45
N LEU B 143 65.19 20.01 -8.53
CA LEU B 143 64.59 19.96 -9.87
C LEU B 143 64.06 18.57 -10.18
N ARG B 144 64.90 17.54 -9.97
CA ARG B 144 64.49 16.17 -10.25
C ARG B 144 63.27 15.78 -9.42
N THR B 145 63.17 16.32 -8.20
CA THR B 145 61.99 16.08 -7.37
C THR B 145 60.74 16.62 -8.05
N TYR B 146 60.83 17.85 -8.56
CA TYR B 146 59.71 18.44 -9.29
C TYR B 146 59.34 17.63 -10.52
N VAL B 147 60.34 17.14 -11.24
CA VAL B 147 60.08 16.36 -12.45
C VAL B 147 59.35 15.07 -12.10
N PHE B 148 59.83 14.38 -11.07
CA PHE B 148 59.16 13.16 -10.64
C PHE B 148 57.75 13.46 -10.16
N ASN B 149 57.57 14.61 -9.52
CA ASN B 149 56.24 15.05 -9.13
C ASN B 149 55.30 15.15 -10.32
N ILE B 150 55.74 15.82 -11.38
CA ILE B 150 54.83 16.02 -12.50
C ILE B 150 54.58 14.72 -13.25
N ILE B 151 55.57 13.84 -13.34
CA ILE B 151 55.28 12.58 -14.02
C ILE B 151 54.35 11.72 -13.18
N PHE B 152 54.45 11.79 -11.86
CA PHE B 152 53.48 11.12 -11.01
C PHE B 152 52.07 11.61 -11.31
N LYS B 153 51.89 12.93 -11.34
CA LYS B 153 50.59 13.50 -11.69
C LYS B 153 50.10 12.98 -13.02
N THR B 154 50.94 13.08 -14.04
CA THR B 154 50.56 12.71 -15.39
C THR B 154 50.16 11.24 -15.45
N LEU B 155 50.97 10.36 -14.87
CA LEU B 155 50.71 8.93 -14.97
C LEU B 155 49.46 8.56 -14.21
N PHE B 156 49.29 9.09 -13.00
CA PHE B 156 48.10 8.74 -12.23
C PHE B 156 46.85 9.25 -12.92
N GLU B 157 46.89 10.46 -13.46
CA GLU B 157 45.71 11.01 -14.10
C GLU B 157 45.36 10.28 -15.38
N VAL B 158 46.38 9.87 -16.15
CA VAL B 158 46.12 9.02 -17.30
C VAL B 158 45.48 7.73 -16.84
N GLY B 159 45.96 7.16 -15.75
CA GLY B 159 45.35 5.95 -15.21
C GLY B 159 43.91 6.16 -14.83
N PHE B 160 43.59 7.33 -14.30
CA PHE B 160 42.23 7.57 -13.84
C PHE B 160 41.28 7.78 -15.01
N ILE B 161 41.69 8.52 -16.02
CA ILE B 161 40.81 8.67 -17.18
C ILE B 161 40.65 7.32 -17.87
N ALA B 162 41.71 6.52 -17.92
CA ALA B 162 41.61 5.20 -18.54
C ALA B 162 40.66 4.31 -17.75
N GLY B 163 40.76 4.33 -16.43
CA GLY B 163 39.87 3.53 -15.62
C GLY B 163 38.43 3.99 -15.74
N GLN B 164 38.21 5.30 -15.79
CA GLN B 164 36.86 5.81 -15.96
C GLN B 164 36.28 5.36 -17.29
N TYR B 165 37.07 5.40 -18.35
CA TYR B 165 36.60 4.89 -19.63
C TYR B 165 36.32 3.40 -19.54
N PHE B 166 37.14 2.67 -18.81
CA PHE B 166 36.97 1.22 -18.73
C PHE B 166 35.68 0.86 -18.02
N LEU B 167 35.32 1.64 -17.00
CA LEU B 167 34.09 1.36 -16.26
C LEU B 167 32.88 1.92 -16.98
N TYR B 168 32.87 3.23 -17.21
CA TYR B 168 31.73 3.94 -17.79
C TYR B 168 32.25 4.76 -18.95
N GLY B 169 31.90 4.38 -20.16
CA GLY B 169 32.48 4.98 -21.34
C GLY B 169 31.98 6.38 -21.63
N PHE B 170 32.29 7.29 -20.72
CA PHE B 170 31.84 8.69 -20.73
C PHE B 170 30.41 8.87 -21.21
N GLN B 171 29.52 7.98 -20.77
CA GLN B 171 28.09 8.14 -21.05
C GLN B 171 27.27 7.22 -20.17
N LEU B 172 26.38 7.78 -19.37
CA LEU B 172 25.44 7.01 -18.57
C LEU B 172 24.15 6.87 -19.37
N LYS B 173 23.87 5.68 -19.83
CA LYS B 173 22.60 5.40 -20.43
C LYS B 173 21.58 5.15 -19.33
N PRO B 174 20.31 5.52 -19.55
CA PRO B 174 19.33 5.30 -18.49
C PRO B 174 19.08 3.85 -18.17
N LEU B 175 19.02 3.01 -19.19
CA LEU B 175 18.69 1.62 -19.01
C LEU B 175 19.93 0.80 -18.71
N TYR B 176 19.80 -0.11 -17.74
CA TYR B 176 20.81 -1.11 -17.48
C TYR B 176 20.10 -2.44 -17.28
N ARG B 177 20.50 -3.46 -18.02
CA ARG B 177 19.93 -4.79 -17.94
C ARG B 177 20.86 -5.70 -17.16
N CYS B 178 20.41 -6.13 -15.99
CA CYS B 178 21.22 -6.90 -15.06
C CYS B 178 20.65 -8.29 -14.88
N ASP B 179 21.55 -9.23 -14.60
CA ASP B 179 21.22 -10.64 -14.49
C ASP B 179 21.84 -11.27 -13.25
N ARG B 180 22.06 -10.47 -12.21
CA ARG B 180 22.55 -11.01 -10.96
C ARG B 180 21.52 -11.97 -10.38
N TRP B 181 21.93 -12.74 -9.38
CA TRP B 181 21.13 -13.88 -8.94
C TRP B 181 19.77 -13.50 -8.40
N PRO B 182 19.63 -12.53 -7.51
CA PRO B 182 18.30 -12.19 -7.03
C PRO B 182 17.42 -11.64 -8.11
N CYS B 183 18.01 -10.98 -9.09
CA CYS B 183 17.26 -10.47 -10.21
C CYS B 183 16.96 -11.62 -11.17
N PRO B 184 15.70 -11.95 -11.41
CA PRO B 184 15.42 -13.05 -12.34
C PRO B 184 15.30 -12.61 -13.79
N ASN B 185 16.13 -13.19 -14.64
CA ASN B 185 15.95 -13.10 -16.08
C ASN B 185 15.99 -11.66 -16.59
N THR B 186 17.16 -11.04 -16.44
CA THR B 186 17.53 -9.85 -17.18
C THR B 186 16.57 -8.69 -16.93
N VAL B 187 16.58 -8.24 -15.69
CA VAL B 187 15.74 -7.14 -15.25
C VAL B 187 16.19 -5.84 -15.89
N ASP B 188 15.23 -5.01 -16.23
CA ASP B 188 15.49 -3.65 -16.67
C ASP B 188 15.50 -2.73 -15.48
N CYS B 189 16.55 -1.93 -15.35
CA CYS B 189 16.70 -1.01 -14.23
C CYS B 189 17.10 0.35 -14.77
N PHE B 190 16.42 1.38 -14.32
CA PHE B 190 16.57 2.73 -14.83
C PHE B 190 17.31 3.60 -13.83
N ILE B 191 18.08 4.52 -14.36
CA ILE B 191 19.01 5.35 -13.60
C ILE B 191 18.47 6.76 -13.51
N SER B 192 18.84 7.44 -12.44
CA SER B 192 18.42 8.82 -12.18
C SER B 192 19.45 9.79 -12.69
N ARG B 193 18.98 10.85 -13.34
CA ARG B 193 19.83 11.90 -13.88
C ARG B 193 20.95 11.36 -14.79
N PRO B 194 20.60 10.61 -15.83
CA PRO B 194 21.64 10.13 -16.71
C PRO B 194 22.27 11.20 -17.56
N THR B 195 21.48 12.10 -18.09
CA THR B 195 22.03 13.14 -18.96
C THR B 195 22.91 14.09 -18.17
N GLU B 196 22.43 14.54 -17.03
CA GLU B 196 23.20 15.43 -16.18
C GLU B 196 24.50 14.79 -15.73
N LYS B 197 24.43 13.52 -15.34
CA LYS B 197 25.62 12.83 -14.91
C LYS B 197 26.59 12.67 -16.07
N THR B 198 26.07 12.43 -17.26
CA THR B 198 26.93 12.35 -18.43
C THR B 198 27.62 13.66 -18.69
N ILE B 199 26.89 14.76 -18.56
CA ILE B 199 27.46 16.08 -18.78
C ILE B 199 28.58 16.33 -17.80
N PHE B 200 28.37 16.01 -16.54
CA PHE B 200 29.41 16.28 -15.56
C PHE B 200 30.59 15.36 -15.75
N ILE B 201 30.36 14.14 -16.23
CA ILE B 201 31.47 13.26 -16.56
C ILE B 201 32.30 13.88 -17.67
N LEU B 202 31.65 14.38 -18.71
CA LEU B 202 32.37 15.00 -19.81
C LEU B 202 33.13 16.22 -19.35
N PHE B 203 32.50 17.05 -18.51
CA PHE B 203 33.15 18.26 -18.02
C PHE B 203 34.39 17.93 -17.21
N MET B 204 34.27 16.97 -16.29
CA MET B 204 35.41 16.64 -15.45
C MET B 204 36.49 15.92 -16.24
N LEU B 205 36.10 15.13 -17.22
CA LEU B 205 37.07 14.48 -18.07
C LEU B 205 37.82 15.49 -18.92
N ALA B 206 37.13 16.54 -19.36
CA ALA B 206 37.79 17.60 -20.08
C ALA B 206 38.73 18.38 -19.18
N VAL B 207 38.33 18.60 -17.93
CA VAL B 207 39.21 19.24 -16.97
C VAL B 207 40.47 18.41 -16.77
N ALA B 208 40.32 17.11 -16.67
CA ALA B 208 41.48 16.26 -16.48
C ALA B 208 42.37 16.26 -17.70
N CYS B 209 41.78 16.23 -18.89
CA CYS B 209 42.58 16.36 -20.10
C CYS B 209 43.32 17.67 -20.14
N VAL B 210 42.70 18.74 -19.65
CA VAL B 210 43.36 20.02 -19.61
C VAL B 210 44.51 20.00 -18.62
N SER B 211 44.35 19.30 -17.52
CA SER B 211 45.45 19.17 -16.57
C SER B 211 46.61 18.42 -17.20
N LEU B 212 46.30 17.38 -17.98
CA LEU B 212 47.35 16.68 -18.69
C LEU B 212 48.05 17.58 -19.69
N LEU B 213 47.28 18.42 -20.40
CA LEU B 213 47.88 19.36 -21.33
C LEU B 213 48.77 20.34 -20.61
N LEU B 214 48.33 20.81 -19.44
CA LEU B 214 49.14 21.74 -18.68
C LEU B 214 50.44 21.11 -18.24
N ASN B 215 50.40 19.88 -17.76
CA ASN B 215 51.62 19.22 -17.32
C ASN B 215 52.54 18.91 -18.49
N VAL B 216 51.97 18.57 -19.64
CA VAL B 216 52.78 18.27 -20.82
C VAL B 216 53.36 19.54 -21.43
N LEU B 217 52.72 20.68 -21.20
CA LEU B 217 53.31 21.94 -21.58
C LEU B 217 54.40 22.33 -20.60
N GLU B 218 54.18 22.05 -19.32
CA GLU B 218 55.14 22.41 -18.29
C GLU B 218 56.44 21.64 -18.45
N ILE B 219 56.34 20.35 -18.75
CA ILE B 219 57.54 19.52 -18.83
C ILE B 219 58.45 19.98 -19.97
N TYR B 220 57.87 20.47 -21.07
CA TYR B 220 58.67 21.05 -22.14
C TYR B 220 59.15 22.45 -21.79
N HIS B 221 58.34 23.21 -21.04
CA HIS B 221 58.78 24.53 -20.58
C HIS B 221 59.99 24.42 -19.68
N LEU B 222 60.18 23.28 -19.02
CA LEU B 222 61.38 23.04 -18.24
C LEU B 222 62.53 22.60 -19.13
N GLY C 2 33.45 16.62 9.30
CA GLY C 2 33.00 16.60 10.68
C GLY C 2 33.62 17.67 11.54
N ASP C 3 33.65 17.43 12.84
CA ASP C 3 34.22 18.38 13.81
C ASP C 3 35.70 18.07 14.02
N TRP C 4 36.42 18.07 12.91
CA TRP C 4 37.83 17.67 12.89
C TRP C 4 38.79 18.84 13.11
N SER C 5 38.30 20.07 13.23
CA SER C 5 39.18 21.23 13.14
C SER C 5 40.18 21.28 14.29
N PHE C 6 39.75 20.93 15.49
CA PHE C 6 40.61 21.08 16.65
C PHE C 6 41.77 20.08 16.61
N LEU C 7 41.48 18.84 16.25
CA LEU C 7 42.53 17.85 16.07
C LEU C 7 43.53 18.32 15.03
N GLY C 8 43.04 18.89 13.93
CA GLY C 8 43.93 19.38 12.89
C GLY C 8 44.82 20.50 13.39
N ARG C 9 44.26 21.40 14.19
CA ARG C 9 45.06 22.49 14.74
C ARG C 9 46.14 21.95 15.66
N LEU C 10 45.78 21.04 16.56
CA LEU C 10 46.76 20.50 17.49
C LEU C 10 47.85 19.73 16.77
N LEU C 11 47.49 19.06 15.69
CA LEU C 11 48.49 18.29 14.95
C LEU C 11 49.33 19.18 14.05
N GLU C 12 48.79 20.32 13.60
CA GLU C 12 49.63 21.32 12.97
C GLU C 12 50.67 21.85 13.95
N ASN C 13 50.25 22.06 15.21
CA ASN C 13 51.23 22.42 16.24
C ASN C 13 52.27 21.32 16.40
N ALA C 14 51.84 20.06 16.38
CA ALA C 14 52.78 18.95 16.55
C ALA C 14 53.69 18.75 15.34
N GLN C 15 53.28 19.21 14.16
CA GLN C 15 54.07 18.96 12.97
C GLN C 15 55.42 19.66 13.03
N GLU C 16 55.48 20.81 13.69
CA GLU C 16 56.75 21.53 13.82
C GLU C 16 57.76 20.77 14.67
N HIS C 17 57.30 19.81 15.47
CA HIS C 17 58.17 19.03 16.33
C HIS C 17 58.45 17.63 15.82
N SER C 18 57.64 17.12 14.90
CA SER C 18 57.83 15.77 14.39
C SER C 18 58.91 15.76 13.31
N THR C 19 59.41 14.56 13.05
CA THR C 19 60.50 14.39 12.09
C THR C 19 59.94 14.49 10.68
N VAL C 20 60.78 14.20 9.69
CA VAL C 20 60.35 14.23 8.30
C VAL C 20 59.35 13.12 8.03
N ILE C 21 59.70 11.90 8.40
CA ILE C 21 58.86 10.75 8.10
C ILE C 21 57.59 10.81 8.92
N GLY C 22 57.66 11.33 10.15
CA GLY C 22 56.44 11.53 10.91
C GLY C 22 55.52 12.56 10.28
N LYS C 23 56.11 13.60 9.70
CA LYS C 23 55.33 14.59 8.98
C LYS C 23 54.65 13.97 7.77
N VAL C 24 55.38 13.11 7.07
CA VAL C 24 54.79 12.37 5.95
C VAL C 24 53.62 11.54 6.43
N TRP C 25 53.79 10.88 7.56
CA TRP C 25 52.71 10.07 8.13
C TRP C 25 51.50 10.93 8.44
N LEU C 26 51.73 12.12 8.98
CA LEU C 26 50.61 12.99 9.34
C LEU C 26 49.87 13.49 8.11
N THR C 27 50.61 13.82 7.07
CA THR C 27 49.95 14.23 5.84
C THR C 27 49.22 13.08 5.19
N VAL C 28 49.75 11.87 5.31
CA VAL C 28 49.01 10.68 4.88
C VAL C 28 47.72 10.56 5.65
N LEU C 29 47.77 10.86 6.95
CA LEU C 29 46.58 10.76 7.79
C LEU C 29 45.51 11.72 7.33
N PHE C 30 45.87 12.99 7.17
CA PHE C 30 44.86 13.98 6.81
C PHE C 30 44.39 13.81 5.39
N ILE C 31 45.31 13.63 4.44
CA ILE C 31 44.93 13.63 3.03
C ILE C 31 44.15 12.36 2.70
N PHE C 32 44.47 11.25 3.33
CA PHE C 32 43.93 9.95 2.97
C PHE C 32 42.97 9.42 4.03
N ARG C 33 43.40 9.32 5.27
CA ARG C 33 42.56 8.72 6.30
C ARG C 33 41.34 9.58 6.57
N ILE C 34 41.56 10.85 6.89
CA ILE C 34 40.46 11.68 7.36
C ILE C 34 39.64 12.22 6.21
N LEU C 35 40.29 12.65 5.15
CA LEU C 35 39.58 13.30 4.07
C LEU C 35 38.66 12.33 3.34
N VAL C 36 39.19 11.16 2.98
CA VAL C 36 38.38 10.17 2.30
C VAL C 36 37.27 9.66 3.20
N LEU C 37 37.50 9.69 4.50
CA LEU C 37 36.49 9.22 5.44
C LEU C 37 35.36 10.22 5.56
N GLY C 38 35.67 11.49 5.48
CA GLY C 38 34.67 12.51 5.68
C GLY C 38 33.96 12.96 4.42
N ALA C 39 34.63 12.83 3.28
CA ALA C 39 34.14 13.36 2.02
C ALA C 39 33.42 12.32 1.19
N ALA C 40 33.94 11.10 1.17
CA ALA C 40 33.41 10.02 0.37
C ALA C 40 32.64 9.00 1.18
N ALA C 41 33.25 8.47 2.23
CA ALA C 41 32.68 7.32 2.91
C ALA C 41 31.35 7.63 3.56
N GLU C 42 31.23 8.79 4.20
CA GLU C 42 29.99 9.13 4.85
C GLU C 42 28.83 9.21 3.88
N GLU C 43 29.11 9.52 2.62
CA GLU C 43 28.08 9.46 1.59
C GLU C 43 27.80 8.03 1.18
N VAL C 44 28.78 7.14 1.33
CA VAL C 44 28.60 5.74 0.96
C VAL C 44 27.80 5.01 2.03
N TRP C 45 28.27 5.04 3.25
CA TRP C 45 27.63 4.36 4.35
C TRP C 45 26.43 5.10 4.91
N GLY C 46 26.03 6.20 4.29
CA GLY C 46 24.86 6.92 4.75
C GLY C 46 23.56 6.20 4.50
N ASP C 47 23.54 5.29 3.55
CA ASP C 47 22.40 4.46 3.20
C ASP C 47 22.61 3.02 3.62
N GLU C 48 23.19 2.82 4.79
CA GLU C 48 23.50 1.47 5.25
C GLU C 48 22.32 0.79 5.87
N GLN C 49 21.55 1.51 6.69
CA GLN C 49 20.39 0.96 7.37
C GLN C 49 19.15 1.06 6.54
N SER C 50 19.07 2.08 5.70
CA SER C 50 17.86 2.31 4.92
C SER C 50 17.68 1.26 3.85
N ASP C 51 18.63 1.18 2.94
CA ASP C 51 18.54 0.31 1.78
C ASP C 51 19.02 -1.10 2.02
N PHE C 52 19.08 -1.53 3.27
CA PHE C 52 19.36 -2.91 3.63
C PHE C 52 18.03 -3.63 3.65
N THR C 53 17.65 -4.18 2.51
CA THR C 53 16.33 -4.75 2.33
C THR C 53 16.44 -6.26 2.46
N CYS C 54 15.75 -6.79 3.46
CA CYS C 54 15.64 -8.21 3.67
C CYS C 54 14.48 -8.77 2.86
N ASN C 55 14.34 -10.09 2.91
CA ASN C 55 13.39 -10.83 2.10
C ASN C 55 12.32 -11.47 2.96
N THR C 56 11.76 -10.73 3.91
CA THR C 56 10.70 -11.22 4.76
C THR C 56 9.69 -10.12 5.06
N GLN C 57 8.55 -10.54 5.59
CA GLN C 57 7.51 -9.67 6.09
C GLN C 57 7.58 -9.50 7.60
N GLN C 58 8.46 -10.22 8.27
CA GLN C 58 8.72 -9.99 9.67
C GLN C 58 9.15 -8.54 9.85
N PRO C 59 8.53 -7.79 10.76
CA PRO C 59 8.89 -6.38 10.87
C PRO C 59 10.25 -6.15 11.46
N GLY C 60 10.63 -6.94 12.44
CA GLY C 60 11.87 -6.74 13.14
C GLY C 60 13.09 -7.40 12.57
N CYS C 61 12.93 -8.20 11.52
CA CYS C 61 14.06 -8.97 11.03
C CYS C 61 15.13 -8.08 10.43
N GLU C 62 14.74 -6.94 9.87
CA GLU C 62 15.70 -6.07 9.19
C GLU C 62 16.65 -5.44 10.19
N ASN C 63 16.13 -4.87 11.27
CA ASN C 63 16.97 -4.24 12.28
C ASN C 63 17.96 -5.23 12.85
N VAL C 64 17.46 -6.39 13.24
CA VAL C 64 18.29 -7.36 13.90
C VAL C 64 19.32 -7.94 12.96
N CYS C 65 18.92 -8.26 11.74
CA CYS C 65 19.86 -8.85 10.82
C CYS C 65 20.93 -7.85 10.41
N TYR C 66 20.59 -6.56 10.34
CA TYR C 66 21.62 -5.56 10.14
C TYR C 66 22.62 -5.58 11.28
N ASP C 67 22.12 -5.52 12.51
CA ASP C 67 23.01 -5.51 13.65
C ASP C 67 23.85 -6.76 13.73
N ARG C 68 23.34 -7.88 13.22
CA ARG C 68 24.13 -9.09 13.20
C ARG C 68 25.13 -9.08 12.08
N ALA C 69 24.87 -8.31 11.02
CA ALA C 69 25.83 -8.20 9.94
C ALA C 69 26.92 -7.22 10.25
N PHE C 70 26.54 -6.00 10.61
CA PHE C 70 27.43 -4.90 10.91
C PHE C 70 27.24 -4.49 12.36
N PRO C 71 27.90 -5.16 13.30
CA PRO C 71 27.80 -4.73 14.68
C PRO C 71 28.30 -3.34 14.90
N ILE C 72 29.30 -2.95 14.14
CA ILE C 72 29.82 -1.60 14.17
C ILE C 72 30.27 -1.28 12.76
N SER C 73 29.72 -0.21 12.20
CA SER C 73 29.98 0.11 10.82
C SER C 73 31.43 0.45 10.62
N HIS C 74 31.87 0.33 9.38
CA HIS C 74 33.27 0.59 9.07
C HIS C 74 33.64 2.04 9.30
N VAL C 75 32.69 2.95 9.16
CA VAL C 75 32.99 4.37 9.32
C VAL C 75 33.33 4.66 10.77
N ARG C 76 32.50 4.18 11.69
CA ARG C 76 32.77 4.39 13.11
C ARG C 76 34.07 3.72 13.50
N PHE C 77 34.33 2.56 12.94
CA PHE C 77 35.54 1.82 13.28
C PHE C 77 36.77 2.58 12.83
N TRP C 78 36.73 3.14 11.62
CA TRP C 78 37.85 3.92 11.13
C TRP C 78 38.02 5.20 11.92
N VAL C 79 36.93 5.81 12.36
CA VAL C 79 37.02 7.01 13.17
C VAL C 79 37.76 6.70 14.45
N LEU C 80 37.35 5.65 15.15
CA LEU C 80 38.03 5.27 16.37
C LEU C 80 39.47 4.87 16.09
N GLN C 81 39.74 4.27 14.94
CA GLN C 81 41.10 3.94 14.58
C GLN C 81 41.95 5.18 14.48
N ILE C 82 41.42 6.20 13.81
CA ILE C 82 42.14 7.46 13.65
C ILE C 82 42.42 8.09 14.99
N ILE C 83 41.42 8.14 15.84
CA ILE C 83 41.59 8.76 17.16
C ILE C 83 42.64 8.02 17.96
N PHE C 84 42.50 6.71 18.06
CA PHE C 84 43.39 5.92 18.90
C PHE C 84 44.80 5.90 18.35
N VAL C 85 44.97 6.11 17.05
CA VAL C 85 46.28 6.15 16.45
C VAL C 85 46.89 7.55 16.53
N SER C 86 46.07 8.58 16.62
CA SER C 86 46.55 9.95 16.63
C SER C 86 46.79 10.50 18.02
N THR C 87 46.17 9.92 19.04
CA THR C 87 46.39 10.40 20.40
C THR C 87 47.85 10.41 20.83
N PRO C 88 48.67 9.41 20.52
CA PRO C 88 50.07 9.45 20.95
C PRO C 88 50.83 10.66 20.45
N THR C 89 50.52 11.14 19.26
CA THR C 89 51.14 12.35 18.75
C THR C 89 50.87 13.52 19.68
N LEU C 90 49.64 13.64 20.15
CA LEU C 90 49.28 14.75 21.02
C LEU C 90 49.87 14.55 22.42
N ILE C 91 49.98 13.30 22.87
CA ILE C 91 50.70 13.03 24.10
C ILE C 91 52.13 13.54 24.00
N TYR C 92 52.81 13.20 22.91
CA TYR C 92 54.19 13.63 22.74
C TYR C 92 54.30 15.14 22.68
N LEU C 93 53.42 15.78 21.93
CA LEU C 93 53.40 17.25 21.89
C LEU C 93 53.24 17.84 23.28
N GLY C 94 52.29 17.30 24.06
CA GLY C 94 52.12 17.79 25.41
C GLY C 94 53.36 17.60 26.26
N HIS C 95 54.08 16.50 26.05
CA HIS C 95 55.34 16.31 26.75
C HIS C 95 56.36 17.35 26.33
N VAL C 96 56.32 17.78 25.07
CA VAL C 96 57.26 18.79 24.61
C VAL C 96 56.92 20.15 25.22
N LEU C 97 55.65 20.52 25.19
CA LEU C 97 55.24 21.81 25.70
C LEU C 97 55.33 21.82 27.24
N LEU C 142 63.50 13.88 24.99
CA LEU C 142 62.30 13.08 25.17
C LEU C 142 62.26 11.98 24.12
N LEU C 143 63.41 11.36 23.90
CA LEU C 143 63.54 10.33 22.88
C LEU C 143 62.69 9.11 23.21
N ARG C 144 62.82 8.60 24.44
CA ARG C 144 62.06 7.43 24.84
C ARG C 144 60.57 7.69 24.76
N THR C 145 60.14 8.92 25.02
CA THR C 145 58.74 9.30 24.86
C THR C 145 58.30 9.11 23.42
N TYR C 146 59.10 9.59 22.48
CA TYR C 146 58.80 9.43 21.06
C TYR C 146 58.74 7.96 20.67
N VAL C 147 59.67 7.15 21.20
CA VAL C 147 59.68 5.74 20.86
C VAL C 147 58.42 5.05 21.37
N PHE C 148 58.03 5.34 22.61
CA PHE C 148 56.81 4.77 23.15
C PHE C 148 55.61 5.24 22.35
N ASN C 149 55.65 6.49 21.88
CA ASN C 149 54.60 7.01 21.01
C ASN C 149 54.46 6.15 19.75
N ILE C 150 55.57 5.88 19.07
CA ILE C 150 55.45 5.17 17.81
C ILE C 150 55.06 3.72 18.03
N ILE C 151 55.51 3.10 19.13
CA ILE C 151 55.08 1.71 19.33
C ILE C 151 53.61 1.67 19.70
N PHE C 152 53.11 2.68 20.41
CA PHE C 152 51.66 2.76 20.65
C PHE C 152 50.91 2.81 19.34
N LYS C 153 51.33 3.70 18.43
CA LYS C 153 50.70 3.77 17.12
C LYS C 153 50.72 2.42 16.43
N THR C 154 51.89 1.81 16.35
CA THR C 154 52.05 0.55 15.63
C THR C 154 51.16 -0.53 16.23
N LEU C 155 51.17 -0.67 17.54
CA LEU C 155 50.42 -1.75 18.16
C LEU C 155 48.92 -1.54 18.02
N PHE C 156 48.46 -0.31 18.23
CA PHE C 156 47.02 -0.06 18.10
C PHE C 156 46.57 -0.27 16.67
N GLU C 157 47.36 0.18 15.70
CA GLU C 157 46.95 0.05 14.31
C GLU C 157 46.96 -1.41 13.87
N VAL C 158 47.94 -2.19 14.32
CA VAL C 158 47.92 -3.61 14.08
C VAL C 158 46.66 -4.23 14.68
N GLY C 159 46.31 -3.80 15.89
CA GLY C 159 45.08 -4.29 16.50
C GLY C 159 43.86 -3.95 15.69
N PHE C 160 43.85 -2.78 15.07
CA PHE C 160 42.67 -2.36 14.34
C PHE C 160 42.54 -3.11 13.03
N ILE C 161 43.64 -3.29 12.30
CA ILE C 161 43.55 -4.07 11.08
C ILE C 161 43.18 -5.52 11.41
N ALA C 162 43.71 -6.05 12.51
CA ALA C 162 43.36 -7.40 12.90
C ALA C 162 41.89 -7.51 13.26
N GLY C 163 41.36 -6.54 13.99
CA GLY C 163 39.95 -6.56 14.34
C GLY C 163 39.07 -6.42 13.11
N GLN C 164 39.46 -5.56 12.19
CA GLN C 164 38.70 -5.40 10.96
C GLN C 164 38.66 -6.70 10.18
N TYR C 165 39.80 -7.39 10.09
CA TYR C 165 39.80 -8.69 9.43
C TYR C 165 38.92 -9.67 10.18
N PHE C 166 38.93 -9.61 11.51
CA PHE C 166 38.16 -10.57 12.30
C PHE C 166 36.67 -10.37 12.08
N LEU C 167 36.23 -9.13 11.94
CA LEU C 167 34.82 -8.85 11.73
C LEU C 167 34.43 -9.05 10.27
N TYR C 168 35.07 -8.30 9.37
CA TYR C 168 34.74 -8.30 7.95
C TYR C 168 36.02 -8.53 7.18
N GLY C 169 36.14 -9.68 6.57
CA GLY C 169 37.38 -10.09 5.94
C GLY C 169 37.70 -9.36 4.67
N PHE C 170 37.91 -8.04 4.78
CA PHE C 170 38.14 -7.11 3.69
C PHE C 170 37.31 -7.41 2.45
N GLN C 171 36.05 -7.77 2.64
CA GLN C 171 35.12 -7.93 1.54
C GLN C 171 33.69 -7.98 2.03
N LEU C 172 32.84 -7.06 1.56
CA LEU C 172 31.42 -7.09 1.85
C LEU C 172 30.72 -7.83 0.73
N LYS C 173 30.22 -9.00 1.02
CA LYS C 173 29.37 -9.70 0.09
C LYS C 173 27.96 -9.14 0.18
N PRO C 174 27.23 -9.10 -0.93
CA PRO C 174 25.88 -8.55 -0.86
C PRO C 174 24.94 -9.34 0.00
N LEU C 175 25.01 -10.65 -0.06
CA LEU C 175 24.09 -11.51 0.65
C LEU C 175 24.58 -11.78 2.06
N TYR C 176 23.66 -11.73 3.02
CA TYR C 176 23.92 -12.18 4.36
C TYR C 176 22.72 -12.99 4.81
N ARG C 177 22.96 -14.22 5.28
CA ARG C 177 21.92 -15.11 5.75
C ARG C 177 21.93 -15.13 7.27
N CYS C 178 20.85 -14.61 7.86
CA CYS C 178 20.73 -14.44 9.29
C CYS C 178 19.63 -15.29 9.86
N ASP C 179 19.81 -15.70 11.11
CA ASP C 179 18.93 -16.61 11.80
C ASP C 179 18.59 -16.11 13.20
N ARG C 180 18.61 -14.81 13.41
CA ARG C 180 18.19 -14.25 14.67
C ARG C 180 16.71 -14.56 14.90
N TRP C 181 16.27 -14.36 16.14
CA TRP C 181 14.97 -14.87 16.55
C TRP C 181 13.81 -14.30 15.77
N PRO C 182 13.69 -12.99 15.58
CA PRO C 182 12.56 -12.49 14.81
C PRO C 182 12.60 -12.93 13.37
N CYS C 183 13.78 -13.14 12.83
CA CYS C 183 13.92 -13.64 11.49
C CYS C 183 13.65 -15.14 11.48
N PRO C 184 12.63 -15.62 10.79
CA PRO C 184 12.38 -17.05 10.77
C PRO C 184 13.14 -17.80 9.69
N ASN C 185 13.95 -18.77 10.09
CA ASN C 185 14.50 -19.75 9.18
C ASN C 185 15.36 -19.12 8.09
N THR C 186 16.45 -18.52 8.52
CA THR C 186 17.59 -18.20 7.66
C THR C 186 17.20 -17.28 6.52
N VAL C 187 16.83 -16.07 6.91
CA VAL C 187 16.43 -15.04 5.97
C VAL C 187 17.60 -14.59 5.14
N ASP C 188 17.35 -14.30 3.87
CA ASP C 188 18.32 -13.66 3.01
C ASP C 188 18.16 -12.16 3.10
N CYS C 189 19.26 -11.44 3.33
CA CYS C 189 19.24 -10.01 3.46
C CYS C 189 20.37 -9.43 2.63
N PHE C 190 20.05 -8.42 1.84
CA PHE C 190 20.96 -7.85 0.87
C PHE C 190 21.44 -6.49 1.32
N ILE C 191 22.68 -6.19 0.99
CA ILE C 191 23.39 -5.02 1.47
C ILE C 191 23.53 -4.01 0.35
N SER C 192 23.59 -2.73 0.72
CA SER C 192 23.71 -1.64 -0.20
C SER C 192 25.17 -1.26 -0.41
N ARG C 193 25.53 -1.02 -1.66
CA ARG C 193 26.89 -0.64 -2.04
C ARG C 193 27.94 -1.60 -1.52
N PRO C 194 27.84 -2.88 -1.82
CA PRO C 194 28.87 -3.80 -1.35
C PRO C 194 30.20 -3.62 -2.04
N THR C 195 30.20 -3.43 -3.34
CA THR C 195 31.45 -3.30 -4.06
C THR C 195 32.18 -2.03 -3.68
N GLU C 196 31.47 -0.92 -3.64
CA GLU C 196 32.05 0.35 -3.25
C GLU C 196 32.60 0.29 -1.83
N LYS C 197 31.84 -0.29 -0.92
CA LYS C 197 32.29 -0.41 0.44
C LYS C 197 33.52 -1.29 0.53
N THR C 198 33.56 -2.35 -0.27
CA THR C 198 34.73 -3.19 -0.30
C THR C 198 35.94 -2.43 -0.79
N ILE C 199 35.76 -1.63 -1.82
CA ILE C 199 36.86 -0.83 -2.36
C ILE C 199 37.39 0.11 -1.32
N PHE C 200 36.51 0.78 -0.59
CA PHE C 200 37.00 1.74 0.39
C PHE C 200 37.62 1.03 1.58
N ILE C 201 37.16 -0.17 1.90
CA ILE C 201 37.83 -0.97 2.92
C ILE C 201 39.24 -1.28 2.50
N LEU C 202 39.41 -1.72 1.26
CA LEU C 202 40.75 -2.05 0.77
C LEU C 202 41.63 -0.82 0.75
N PHE C 203 41.10 0.31 0.31
CA PHE C 203 41.88 1.54 0.25
C PHE C 203 42.34 1.96 1.62
N MET C 204 41.44 1.95 2.60
CA MET C 204 41.80 2.39 3.93
C MET C 204 42.71 1.39 4.62
N LEU C 205 42.53 0.11 4.34
CA LEU C 205 43.43 -0.90 4.88
C LEU C 205 44.82 -0.76 4.29
N ALA C 206 44.91 -0.38 3.02
CA ALA C 206 46.21 -0.13 2.42
C ALA C 206 46.85 1.11 3.02
N VAL C 207 46.04 2.13 3.29
CA VAL C 207 46.57 3.32 3.96
C VAL C 207 47.12 2.96 5.32
N ALA C 208 46.41 2.11 6.05
CA ALA C 208 46.88 1.73 7.37
C ALA C 208 48.16 0.90 7.28
N CYS C 209 48.23 -0.01 6.31
CA CYS C 209 49.46 -0.76 6.09
C CYS C 209 50.61 0.18 5.76
N VAL C 210 50.33 1.24 5.00
CA VAL C 210 51.37 2.19 4.67
C VAL C 210 51.81 2.95 5.92
N SER C 211 50.88 3.25 6.80
CA SER C 211 51.26 3.90 8.05
C SER C 211 52.14 2.99 8.88
N LEU C 212 51.83 1.70 8.89
CA LEU C 212 52.70 0.76 9.59
C LEU C 212 54.08 0.70 8.95
N LEU C 213 54.15 0.73 7.63
CA LEU C 213 55.43 0.74 6.95
C LEU C 213 56.21 2.00 7.30
N LEU C 214 55.52 3.13 7.37
CA LEU C 214 56.18 4.39 7.71
C LEU C 214 56.75 4.33 9.11
N ASN C 215 55.98 3.82 10.06
CA ASN C 215 56.47 3.75 11.43
C ASN C 215 57.61 2.74 11.57
N VAL C 216 57.55 1.65 10.82
CA VAL C 216 58.59 0.63 10.88
C VAL C 216 59.85 1.10 10.18
N LEU C 217 59.72 2.01 9.23
CA LEU C 217 60.89 2.66 8.65
C LEU C 217 61.45 3.71 9.60
N GLU C 218 60.58 4.41 10.29
CA GLU C 218 61.00 5.45 11.21
C GLU C 218 61.77 4.88 12.38
N ILE C 219 61.31 3.76 12.93
CA ILE C 219 61.95 3.20 14.11
C ILE C 219 63.37 2.74 13.80
N TYR C 220 63.61 2.27 12.58
CA TYR C 220 64.97 1.94 12.18
C TYR C 220 65.77 3.19 11.84
N HIS C 221 65.12 4.21 11.28
CA HIS C 221 65.78 5.47 11.01
C HIS C 221 66.29 6.12 12.29
N LEU C 222 65.66 5.82 13.42
CA LEU C 222 66.14 6.28 14.71
C LEU C 222 67.27 5.40 15.21
N GLY D 2 28.88 20.08 15.66
CA GLY D 2 27.88 21.03 16.11
C GLY D 2 28.42 22.43 16.30
N ASP D 3 27.74 23.20 17.14
CA ASP D 3 28.14 24.57 17.43
C ASP D 3 29.08 24.60 18.64
N TRP D 4 30.16 23.84 18.52
CA TRP D 4 31.10 23.64 19.60
C TRP D 4 32.25 24.64 19.62
N SER D 5 32.31 25.55 18.66
CA SER D 5 33.52 26.35 18.46
C SER D 5 33.81 27.26 19.65
N PHE D 6 32.76 27.87 20.22
CA PHE D 6 32.97 28.85 21.27
C PHE D 6 33.49 28.19 22.54
N LEU D 7 32.91 27.05 22.90
CA LEU D 7 33.41 26.30 24.04
C LEU D 7 34.87 25.93 23.84
N GLY D 8 35.23 25.51 22.63
CA GLY D 8 36.60 25.16 22.35
C GLY D 8 37.54 26.33 22.49
N ARG D 9 37.11 27.51 22.03
CA ARG D 9 37.93 28.70 22.17
C ARG D 9 38.14 29.05 23.64
N LEU D 10 37.06 29.04 24.42
CA LEU D 10 37.18 29.40 25.84
C LEU D 10 38.04 28.40 26.58
N LEU D 11 37.97 27.14 26.20
CA LEU D 11 38.78 26.13 26.87
C LEU D 11 40.23 26.15 26.40
N GLU D 12 40.48 26.58 25.17
CA GLU D 12 41.85 26.87 24.76
C GLU D 12 42.43 28.00 25.60
N ASN D 13 41.62 29.02 25.87
CA ASN D 13 42.05 30.07 26.79
C ASN D 13 42.35 29.49 28.17
N ALA D 14 41.50 28.58 28.64
CA ALA D 14 41.69 27.98 29.96
C ALA D 14 42.88 27.02 30.02
N GLN D 15 43.29 26.47 28.87
CA GLN D 15 44.37 25.48 28.88
C GLN D 15 45.68 26.09 29.34
N GLU D 16 45.90 27.36 29.04
CA GLU D 16 47.13 28.02 29.46
C GLU D 16 47.23 28.16 30.97
N HIS D 17 46.10 28.04 31.69
CA HIS D 17 46.06 28.17 33.13
C HIS D 17 45.95 26.85 33.86
N SER D 18 45.52 25.79 33.18
CA SER D 18 45.35 24.51 33.83
C SER D 18 46.68 23.78 33.93
N THR D 19 46.71 22.79 34.82
CA THR D 19 47.92 22.04 35.08
C THR D 19 48.17 21.07 33.94
N VAL D 20 49.16 20.20 34.13
CA VAL D 20 49.48 19.20 33.12
C VAL D 20 48.36 18.19 33.01
N ILE D 21 47.98 17.62 34.15
CA ILE D 21 46.97 16.57 34.15
C ILE D 21 45.61 17.12 33.76
N GLY D 22 45.32 18.36 34.13
CA GLY D 22 44.09 18.99 33.65
C GLY D 22 44.10 19.20 32.16
N LYS D 23 45.25 19.53 31.60
CA LYS D 23 45.38 19.66 30.16
C LYS D 23 45.15 18.33 29.47
N VAL D 24 45.68 17.26 30.07
CA VAL D 24 45.44 15.91 29.56
C VAL D 24 43.94 15.61 29.58
N TRP D 25 43.28 15.98 30.67
CA TRP D 25 41.84 15.76 30.77
C TRP D 25 41.10 16.52 29.68
N LEU D 26 41.53 17.74 29.40
CA LEU D 26 40.85 18.54 28.40
C LEU D 26 41.04 17.97 27.00
N THR D 27 42.23 17.48 26.71
CA THR D 27 42.46 16.85 25.42
C THR D 27 41.70 15.53 25.32
N VAL D 28 41.55 14.82 26.42
CA VAL D 28 40.69 13.65 26.44
C VAL D 28 39.26 14.06 26.12
N LEU D 29 38.83 15.19 26.65
CA LEU D 29 37.47 15.65 26.42
C LEU D 29 37.24 15.94 24.95
N PHE D 30 38.12 16.72 24.33
CA PHE D 30 37.91 17.09 22.94
C PHE D 30 38.11 15.92 22.01
N ILE D 31 39.20 15.17 22.19
CA ILE D 31 39.54 14.13 21.23
C ILE D 31 38.57 12.98 21.32
N PHE D 32 38.07 12.68 22.51
CA PHE D 32 37.26 11.49 22.75
C PHE D 32 35.80 11.83 23.01
N ARG D 33 35.53 12.67 23.99
CA ARG D 33 34.15 12.94 24.36
C ARG D 33 33.41 13.67 23.24
N ILE D 34 33.96 14.80 22.79
CA ILE D 34 33.24 15.66 21.87
C ILE D 34 33.33 15.15 20.46
N LEU D 35 34.52 14.72 20.05
CA LEU D 35 34.73 14.36 18.65
C LEU D 35 33.94 13.12 18.28
N VAL D 36 34.04 12.07 19.12
CA VAL D 36 33.30 10.85 18.84
C VAL D 36 31.81 11.08 18.93
N LEU D 37 31.40 12.04 19.74
CA LEU D 37 29.99 12.33 19.88
C LEU D 37 29.45 13.05 18.66
N GLY D 38 30.25 13.90 18.05
CA GLY D 38 29.82 14.69 16.93
C GLY D 38 30.01 14.05 15.58
N ALA D 39 31.01 13.19 15.48
CA ALA D 39 31.42 12.63 14.20
C ALA D 39 30.81 11.26 13.94
N ALA D 40 30.71 10.44 14.98
CA ALA D 40 30.23 9.08 14.85
C ALA D 40 28.82 8.90 15.41
N ALA D 41 28.60 9.33 16.64
CA ALA D 41 27.37 9.00 17.34
C ALA D 41 26.16 9.60 16.67
N GLU D 42 26.24 10.86 16.25
CA GLU D 42 25.11 11.49 15.61
C GLU D 42 24.68 10.79 14.35
N GLU D 43 25.61 10.11 13.69
CA GLU D 43 25.25 9.27 12.56
C GLU D 43 24.62 7.97 13.00
N VAL D 44 24.96 7.51 14.21
CA VAL D 44 24.40 6.27 14.74
C VAL D 44 22.98 6.48 15.22
N TRP D 45 22.80 7.41 16.14
CA TRP D 45 21.51 7.70 16.72
C TRP D 45 20.62 8.54 15.83
N GLY D 46 21.04 8.84 14.61
CA GLY D 46 20.21 9.61 13.71
C GLY D 46 19.01 8.85 13.20
N ASP D 47 19.06 7.53 13.25
CA ASP D 47 17.98 6.65 12.83
C ASP D 47 17.35 5.96 14.03
N GLU D 48 17.18 6.70 15.12
CA GLU D 48 16.67 6.11 16.35
C GLU D 48 15.16 6.02 16.34
N GLN D 49 14.48 7.06 15.88
CA GLN D 49 13.03 7.11 15.85
C GLN D 49 12.48 6.51 14.58
N SER D 50 13.22 6.60 13.50
CA SER D 50 12.73 6.14 12.21
C SER D 50 12.64 4.63 12.16
N ASP D 51 13.78 3.97 12.32
CA ASP D 51 13.89 2.53 12.17
C ASP D 51 13.56 1.76 13.43
N PHE D 52 12.85 2.36 14.37
CA PHE D 52 12.33 1.68 15.54
C PHE D 52 10.99 1.12 15.16
N THR D 53 10.98 -0.09 14.65
CA THR D 53 9.80 -0.71 14.08
C THR D 53 9.19 -1.64 15.10
N CYS D 54 7.98 -1.33 15.52
CA CYS D 54 7.20 -2.17 16.40
C CYS D 54 6.44 -3.21 15.59
N ASN D 55 5.75 -4.10 16.31
CA ASN D 55 5.07 -5.24 15.74
C ASN D 55 3.57 -5.13 15.90
N THR D 56 3.02 -3.96 15.62
CA THR D 56 1.57 -3.75 15.69
C THR D 56 1.10 -2.84 14.58
N GLN D 57 -0.22 -2.82 14.40
CA GLN D 57 -0.90 -1.90 13.52
C GLN D 57 -1.47 -0.70 14.25
N GLN D 58 -1.37 -0.67 15.56
CA GLN D 58 -1.73 0.51 16.31
C GLN D 58 -0.87 1.68 15.81
N PRO D 59 -1.47 2.81 15.46
CA PRO D 59 -0.65 3.89 14.91
C PRO D 59 0.25 4.55 15.93
N GLY D 60 -0.24 4.72 17.14
CA GLY D 60 0.50 5.44 18.14
C GLY D 60 1.44 4.64 18.97
N CYS D 61 1.47 3.32 18.81
CA CYS D 61 2.27 2.50 19.70
C CYS D 61 3.75 2.74 19.51
N GLU D 62 4.17 3.11 18.32
CA GLU D 62 5.59 3.27 18.05
C GLU D 62 6.15 4.49 18.79
N ASN D 63 5.48 5.64 18.69
CA ASN D 63 5.93 6.84 19.37
C ASN D 63 6.03 6.62 20.85
N VAL D 64 4.98 6.06 21.43
CA VAL D 64 4.93 5.91 22.87
C VAL D 64 5.93 4.89 23.35
N CYS D 65 6.05 3.77 22.66
CA CYS D 65 6.97 2.76 23.11
C CYS D 65 8.41 3.21 22.96
N TYR D 66 8.71 4.03 21.95
CA TYR D 66 10.03 4.65 21.89
C TYR D 66 10.28 5.51 23.11
N ASP D 67 9.34 6.41 23.41
CA ASP D 67 9.52 7.28 24.55
C ASP D 67 9.63 6.51 25.85
N ARG D 68 9.00 5.35 25.93
CA ARG D 68 9.13 4.54 27.11
C ARG D 68 10.45 3.80 27.14
N ALA D 69 11.04 3.56 25.99
CA ALA D 69 12.33 2.90 25.94
C ALA D 69 13.46 3.88 26.19
N PHE D 70 13.49 4.95 25.42
CA PHE D 70 14.51 5.98 25.49
C PHE D 70 13.86 7.30 25.88
N PRO D 71 13.67 7.54 27.17
CA PRO D 71 13.13 8.82 27.59
C PRO D 71 14.00 9.98 27.18
N ILE D 72 15.29 9.76 27.16
CA ILE D 72 16.25 10.75 26.71
C ILE D 72 17.40 9.98 26.06
N SER D 73 17.65 10.29 24.81
CA SER D 73 18.62 9.53 24.05
C SER D 73 20.01 9.71 24.63
N HIS D 74 20.87 8.76 24.33
CA HIS D 74 22.21 8.78 24.88
C HIS D 74 22.99 9.97 24.38
N VAL D 75 22.70 10.46 23.18
CA VAL D 75 23.44 11.57 22.61
C VAL D 75 23.16 12.83 23.40
N ARG D 76 21.89 13.12 23.66
CA ARG D 76 21.54 14.30 24.44
C ARG D 76 22.10 14.18 25.84
N PHE D 77 22.08 12.99 26.39
CA PHE D 77 22.57 12.80 27.75
C PHE D 77 24.06 13.06 27.83
N TRP D 78 24.81 12.58 26.84
CA TRP D 78 26.24 12.83 26.81
C TRP D 78 26.54 14.29 26.56
N VAL D 79 25.73 14.97 25.76
CA VAL D 79 25.93 16.39 25.54
C VAL D 79 25.80 17.15 26.85
N LEU D 80 24.72 16.89 27.58
CA LEU D 80 24.54 17.55 28.86
C LEU D 80 25.62 17.15 29.83
N GLN D 81 26.11 15.92 29.75
CA GLN D 81 27.21 15.50 30.61
C GLN D 81 28.45 16.34 30.34
N ILE D 82 28.75 16.54 29.07
CA ILE D 82 29.91 17.33 28.68
C ILE D 82 29.78 18.75 29.18
N ILE D 83 28.61 19.35 28.98
CA ILE D 83 28.41 20.72 29.40
C ILE D 83 28.56 20.85 30.90
N PHE D 84 27.85 20.01 31.65
CA PHE D 84 27.85 20.11 33.09
C PHE D 84 29.20 19.79 33.69
N VAL D 85 30.01 19.00 32.99
CA VAL D 85 31.34 18.67 33.46
C VAL D 85 32.36 19.73 33.06
N SER D 86 32.10 20.47 31.99
CA SER D 86 33.04 21.44 31.48
C SER D 86 32.81 22.84 32.03
N THR D 87 31.62 23.14 32.52
CA THR D 87 31.37 24.46 33.08
C THR D 87 32.32 24.87 34.20
N PRO D 88 32.69 23.99 35.14
CA PRO D 88 33.62 24.41 36.20
C PRO D 88 34.94 24.93 35.70
N THR D 89 35.45 24.38 34.59
CA THR D 89 36.67 24.89 34.00
C THR D 89 36.51 26.36 33.63
N LEU D 90 35.37 26.71 33.05
CA LEU D 90 35.14 28.08 32.63
C LEU D 90 34.89 28.98 33.82
N ILE D 91 34.26 28.45 34.87
CA ILE D 91 34.15 29.18 36.12
C ILE D 91 35.52 29.56 36.65
N TYR D 92 36.41 28.57 36.69
CA TYR D 92 37.76 28.81 37.21
C TYR D 92 38.50 29.83 36.35
N LEU D 93 38.41 29.69 35.03
CA LEU D 93 39.03 30.66 34.14
C LEU D 93 38.50 32.07 34.41
N GLY D 94 37.18 32.20 34.55
CA GLY D 94 36.62 33.50 34.87
C GLY D 94 37.13 34.06 36.18
N HIS D 95 37.34 33.18 37.17
CA HIS D 95 37.93 33.62 38.42
C HIS D 95 39.34 34.10 38.22
N VAL D 96 40.08 33.49 37.28
CA VAL D 96 41.45 33.91 37.02
C VAL D 96 41.46 35.27 36.33
N LEU D 97 40.63 35.43 35.32
CA LEU D 97 40.59 36.68 34.57
C LEU D 97 39.98 37.79 35.41
N LEU D 142 44.13 31.13 43.97
CA LEU D 142 42.78 30.63 43.79
C LEU D 142 42.78 29.11 43.87
N LEU D 143 43.53 28.60 44.84
CA LEU D 143 43.67 27.16 44.98
C LEU D 143 42.34 26.51 45.35
N ARG D 144 41.67 27.03 46.38
CA ARG D 144 40.40 26.47 46.80
C ARG D 144 39.38 26.51 45.69
N THR D 145 39.45 27.53 44.84
CA THR D 145 38.57 27.59 43.67
C THR D 145 38.80 26.40 42.76
N TYR D 146 40.07 26.11 42.47
CA TYR D 146 40.42 24.96 41.65
C TYR D 146 39.93 23.66 42.28
N VAL D 147 40.08 23.54 43.59
CA VAL D 147 39.66 22.31 44.27
C VAL D 147 38.16 22.12 44.15
N PHE D 148 37.41 23.19 44.39
CA PHE D 148 35.96 23.11 44.26
C PHE D 148 35.58 22.80 42.82
N ASN D 149 36.34 23.33 41.87
CA ASN D 149 36.13 23.01 40.46
C ASN D 149 36.24 21.50 40.23
N ILE D 150 37.32 20.89 40.71
CA ILE D 150 37.51 19.48 40.40
C ILE D 150 36.51 18.61 41.14
N ILE D 151 36.10 18.99 42.35
CA ILE D 151 35.09 18.15 43.00
C ILE D 151 33.75 18.31 42.32
N PHE D 152 33.45 19.49 41.78
CA PHE D 152 32.25 19.64 40.98
C PHE D 152 32.27 18.69 39.80
N LYS D 153 33.38 18.68 39.06
CA LYS D 153 33.52 17.75 37.94
C LYS D 153 33.29 16.32 38.38
N THR D 154 34.00 15.90 39.43
CA THR D 154 33.94 14.53 39.90
C THR D 154 32.52 14.15 40.30
N LEU D 155 31.85 15.00 41.07
CA LEU D 155 30.53 14.66 41.58
C LEU D 155 29.52 14.62 40.45
N PHE D 156 29.56 15.60 39.55
CA PHE D 156 28.60 15.60 38.45
C PHE D 156 28.81 14.39 37.55
N GLU D 157 30.06 14.05 37.27
CA GLU D 157 30.32 12.94 36.37
C GLU D 157 29.94 11.61 37.00
N VAL D 158 30.17 11.47 38.30
CA VAL D 158 29.67 10.29 39.01
C VAL D 158 28.16 10.22 38.91
N GLY D 159 27.50 11.37 39.06
CA GLY D 159 26.06 11.41 38.92
C GLY D 159 25.61 10.99 37.54
N PHE D 160 26.37 11.36 36.52
CA PHE D 160 25.96 11.06 35.16
C PHE D 160 26.15 9.59 34.84
N ILE D 161 27.27 9.00 35.24
CA ILE D 161 27.43 7.57 35.02
C ILE D 161 26.40 6.79 35.81
N ALA D 162 26.08 7.24 37.02
CA ALA D 162 25.07 6.57 37.81
C ALA D 162 23.70 6.66 37.16
N GLY D 163 23.35 7.84 36.65
CA GLY D 163 22.08 7.99 35.97
C GLY D 163 22.01 7.16 34.70
N GLN D 164 23.11 7.12 33.95
CA GLN D 164 23.13 6.30 32.75
C GLN D 164 22.93 4.84 33.08
N TYR D 165 23.57 4.35 34.14
CA TYR D 165 23.34 2.98 34.56
C TYR D 165 21.89 2.79 35.01
N PHE D 166 21.32 3.78 35.66
CA PHE D 166 19.95 3.65 36.16
C PHE D 166 18.96 3.55 35.02
N LEU D 167 19.21 4.29 33.95
CA LEU D 167 18.30 4.24 32.80
C LEU D 167 18.58 3.03 31.91
N TYR D 168 19.81 2.94 31.39
CA TYR D 168 20.20 1.90 30.45
C TYR D 168 21.47 1.27 30.97
N GLY D 169 21.37 0.02 31.41
CA GLY D 169 22.46 -0.62 32.10
C GLY D 169 23.60 -1.02 31.18
N PHE D 170 24.25 -0.02 30.60
CA PHE D 170 25.33 -0.15 29.63
C PHE D 170 25.12 -1.29 28.64
N GLN D 171 23.90 -1.46 28.17
CA GLN D 171 23.61 -2.42 27.12
C GLN D 171 22.23 -2.19 26.53
N LEU D 172 22.17 -1.93 25.22
CA LEU D 172 20.91 -1.82 24.51
C LEU D 172 20.56 -3.18 23.93
N LYS D 173 19.56 -3.81 24.46
CA LYS D 173 19.03 -5.01 23.88
C LYS D 173 18.12 -4.64 22.72
N PRO D 174 18.05 -5.45 21.67
CA PRO D 174 17.19 -5.09 20.54
C PRO D 174 15.73 -5.07 20.89
N LEU D 175 15.27 -6.03 21.66
CA LEU D 175 13.87 -6.16 21.97
C LEU D 175 13.49 -5.31 23.18
N TYR D 176 12.35 -4.64 23.08
CA TYR D 176 11.75 -3.97 24.20
C TYR D 176 10.26 -4.27 24.18
N ARG D 177 9.73 -4.78 25.29
CA ARG D 177 8.33 -5.11 25.43
C ARG D 177 7.62 -4.04 26.23
N CYS D 178 6.72 -3.31 25.58
CA CYS D 178 6.05 -2.16 26.14
C CYS D 178 4.56 -2.41 26.26
N ASP D 179 3.97 -1.78 27.27
CA ASP D 179 2.57 -1.97 27.62
C ASP D 179 1.86 -0.64 27.85
N ARG D 180 2.33 0.42 27.20
CA ARG D 180 1.64 1.68 27.27
C ARG D 180 0.25 1.56 26.66
N TRP D 181 -0.58 2.56 26.92
CA TRP D 181 -2.01 2.43 26.63
C TRP D 181 -2.32 2.20 25.17
N PRO D 182 -1.79 2.96 24.22
CA PRO D 182 -2.12 2.70 22.83
C PRO D 182 -1.60 1.36 22.37
N CYS D 183 -0.51 0.89 22.94
CA CYS D 183 0.01 -0.42 22.62
C CYS D 183 -0.82 -1.47 23.33
N PRO D 184 -1.50 -2.37 22.62
CA PRO D 184 -2.28 -3.39 23.31
C PRO D 184 -1.50 -4.64 23.66
N ASN D 185 -1.44 -4.97 24.93
CA ASN D 185 -1.01 -6.28 25.38
C ASN D 185 0.44 -6.58 24.98
N THR D 186 1.35 -5.78 25.52
CA THR D 186 2.77 -6.13 25.59
C THR D 186 3.37 -6.33 24.19
N VAL D 187 3.40 -5.23 23.46
CA VAL D 187 3.93 -5.21 22.11
C VAL D 187 5.43 -5.42 22.14
N ASP D 188 5.93 -6.15 21.15
CA ASP D 188 7.36 -6.28 20.92
C ASP D 188 7.82 -5.19 19.97
N CYS D 189 8.86 -4.45 20.36
CA CYS D 189 9.39 -3.37 19.57
C CYS D 189 10.89 -3.50 19.48
N PHE D 190 11.42 -3.39 18.28
CA PHE D 190 12.82 -3.64 18.00
C PHE D 190 13.55 -2.34 17.74
N ILE D 191 14.81 -2.31 18.14
CA ILE D 191 15.63 -1.11 18.14
C ILE D 191 16.67 -1.22 17.04
N SER D 192 17.07 -0.05 16.52
CA SER D 192 18.06 0.05 15.46
C SER D 192 19.44 0.25 16.04
N ARG D 193 20.40 -0.47 15.47
CA ARG D 193 21.79 -0.40 15.88
C ARG D 193 22.00 -0.64 17.38
N PRO D 194 21.52 -1.74 17.91
CA PRO D 194 21.73 -1.99 19.33
C PRO D 194 23.16 -2.29 19.68
N THR D 195 23.84 -3.09 18.89
CA THR D 195 25.21 -3.45 19.21
C THR D 195 26.14 -2.25 19.11
N GLU D 196 26.02 -1.49 18.04
CA GLU D 196 26.82 -0.30 17.85
C GLU D 196 26.57 0.71 18.96
N LYS D 197 25.31 0.92 19.31
CA LYS D 197 25.01 1.84 20.37
C LYS D 197 25.56 1.36 21.70
N THR D 198 25.53 0.06 21.93
CA THR D 198 26.11 -0.49 23.13
C THR D 198 27.61 -0.24 23.17
N ILE D 199 28.27 -0.43 22.05
CA ILE D 199 29.70 -0.22 21.98
C ILE D 199 30.04 1.23 22.29
N PHE D 200 29.28 2.16 21.72
CA PHE D 200 29.61 3.55 21.98
C PHE D 200 29.26 3.95 23.41
N ILE D 201 28.25 3.33 23.99
CA ILE D 201 27.97 3.55 25.40
C ILE D 201 29.16 3.10 26.25
N LEU D 202 29.68 1.92 25.96
CA LEU D 202 30.81 1.41 26.71
C LEU D 202 32.03 2.29 26.53
N PHE D 203 32.27 2.74 25.31
CA PHE D 203 33.43 3.58 25.04
C PHE D 203 33.33 4.90 25.78
N MET D 204 32.17 5.54 25.74
CA MET D 204 32.03 6.82 26.40
C MET D 204 32.01 6.67 27.90
N LEU D 205 31.47 5.57 28.40
CA LEU D 205 31.51 5.31 29.83
C LEU D 205 32.93 5.06 30.30
N ALA D 206 33.73 4.42 29.48
CA ALA D 206 35.13 4.23 29.81
C ALA D 206 35.88 5.56 29.78
N VAL D 207 35.55 6.41 28.83
CA VAL D 207 36.14 7.74 28.79
C VAL D 207 35.80 8.51 30.06
N ALA D 208 34.56 8.41 30.51
CA ALA D 208 34.17 9.12 31.71
C ALA D 208 34.86 8.55 32.94
N CYS D 209 34.98 7.23 33.01
CA CYS D 209 35.75 6.63 34.11
C CYS D 209 37.19 7.09 34.08
N VAL D 210 37.75 7.27 32.89
CA VAL D 210 39.11 7.75 32.79
C VAL D 210 39.20 9.19 33.27
N SER D 211 38.19 9.99 32.98
CA SER D 211 38.19 11.35 33.48
C SER D 211 38.12 11.38 34.99
N LEU D 212 37.34 10.46 35.57
CA LEU D 212 37.31 10.36 37.03
C LEU D 212 38.66 9.94 37.58
N LEU D 213 39.33 9.01 36.91
CA LEU D 213 40.66 8.61 37.35
C LEU D 213 41.62 9.77 37.27
N LEU D 214 41.53 10.56 36.21
CA LEU D 214 42.41 11.72 36.05
C LEU D 214 42.18 12.72 37.17
N ASN D 215 40.93 13.01 37.49
CA ASN D 215 40.66 13.97 38.54
C ASN D 215 41.07 13.43 39.91
N VAL D 216 40.92 12.13 40.13
CA VAL D 216 41.29 11.54 41.40
C VAL D 216 42.80 11.43 41.53
N LEU D 217 43.51 11.36 40.42
CA LEU D 217 44.96 11.46 40.45
C LEU D 217 45.39 12.90 40.69
N GLU D 218 44.68 13.84 40.09
CA GLU D 218 45.02 15.25 40.21
C GLU D 218 44.86 15.73 41.64
N ILE D 219 43.77 15.32 42.30
CA ILE D 219 43.50 15.82 43.64
C ILE D 219 44.57 15.36 44.62
N TYR D 220 45.13 14.17 44.42
CA TYR D 220 46.25 13.73 45.24
C TYR D 220 47.55 14.40 44.82
N HIS D 221 47.71 14.66 43.53
CA HIS D 221 48.88 15.38 43.04
C HIS D 221 48.96 16.78 43.64
N LEU D 222 47.82 17.34 44.03
CA LEU D 222 47.80 18.62 44.72
C LEU D 222 48.09 18.43 46.20
N GLY E 2 23.78 26.78 14.11
CA GLY E 2 23.19 27.70 13.16
C GLY E 2 24.10 28.84 12.77
N ASP E 3 23.50 29.94 12.34
CA ASP E 3 24.24 31.13 11.92
C ASP E 3 24.45 32.07 13.11
N TRP E 4 25.03 31.51 14.16
CA TRP E 4 25.19 32.20 15.43
C TRP E 4 26.49 32.97 15.55
N SER E 5 27.37 32.92 14.55
CA SER E 5 28.74 33.40 14.72
C SER E 5 28.80 34.90 14.97
N PHE E 6 27.96 35.66 14.28
CA PHE E 6 28.05 37.12 14.37
C PHE E 6 27.60 37.61 15.75
N LEU E 7 26.51 37.05 16.25
CA LEU E 7 26.07 37.37 17.60
C LEU E 7 27.15 37.06 18.61
N GLY E 8 27.81 35.91 18.45
CA GLY E 8 28.88 35.54 19.36
C GLY E 8 30.04 36.52 19.32
N ARG E 9 30.39 36.97 18.12
CA ARG E 9 31.46 37.94 17.99
C ARG E 9 31.10 39.25 18.67
N LEU E 10 29.89 39.74 18.43
CA LEU E 10 29.48 41.01 19.02
C LEU E 10 29.42 40.91 20.53
N LEU E 11 29.01 39.76 21.04
CA LEU E 11 28.92 39.60 22.48
C LEU E 11 30.28 39.34 23.11
N GLU E 12 31.22 38.77 22.38
CA GLU E 12 32.61 38.76 22.84
C GLU E 12 33.14 40.17 22.96
N ASN E 13 32.79 41.03 22.00
CA ASN E 13 33.15 42.44 22.13
C ASN E 13 32.51 43.04 23.37
N ALA E 14 31.25 42.70 23.64
CA ALA E 14 30.54 43.25 24.80
C ALA E 14 31.06 42.69 26.11
N GLN E 15 31.67 41.51 26.11
CA GLN E 15 32.10 40.89 27.35
C GLN E 15 33.18 41.72 28.04
N GLU E 16 34.02 42.40 27.27
CA GLU E 16 35.06 43.23 27.85
C GLU E 16 34.50 44.41 28.62
N HIS E 17 33.25 44.78 28.37
CA HIS E 17 32.60 45.90 29.02
C HIS E 17 31.62 45.50 30.11
N SER E 18 31.16 44.26 30.12
CA SER E 18 30.20 43.82 31.12
C SER E 18 30.89 43.46 32.42
N THR E 19 30.10 43.43 33.48
CA THR E 19 30.62 43.16 34.81
C THR E 19 30.94 41.68 34.95
N VAL E 20 31.28 41.27 36.16
CA VAL E 20 31.58 39.87 36.41
C VAL E 20 30.32 39.03 36.27
N ILE E 21 29.26 39.43 36.96
CA ILE E 21 28.04 38.65 36.97
C ILE E 21 27.38 38.67 35.61
N GLY E 22 27.49 39.78 34.88
CA GLY E 22 27.01 39.80 33.50
C GLY E 22 27.79 38.88 32.60
N LYS E 23 29.09 38.78 32.83
CA LYS E 23 29.90 37.83 32.07
C LYS E 23 29.49 36.40 32.37
N VAL E 24 29.19 36.12 33.64
CA VAL E 24 28.67 34.81 34.02
C VAL E 24 27.36 34.53 33.29
N TRP E 25 26.49 35.53 33.22
CA TRP E 25 25.23 35.37 32.52
C TRP E 25 25.46 35.08 31.04
N LEU E 26 26.44 35.74 30.44
CA LEU E 26 26.69 35.54 29.02
C LEU E 26 27.25 34.15 28.75
N THR E 27 28.12 33.67 29.63
CA THR E 27 28.63 32.31 29.47
C THR E 27 27.54 31.29 29.72
N VAL E 28 26.61 31.58 30.63
CA VAL E 28 25.44 30.73 30.80
C VAL E 28 24.63 30.70 29.51
N LEU E 29 24.52 31.85 28.85
CA LEU E 29 23.75 31.93 27.62
C LEU E 29 24.37 31.05 26.54
N PHE E 30 25.66 31.20 26.30
CA PHE E 30 26.29 30.45 25.23
C PHE E 30 26.40 28.97 25.55
N ILE E 31 26.87 28.65 26.76
CA ILE E 31 27.14 27.26 27.08
C ILE E 31 25.86 26.46 27.21
N PHE E 32 24.79 27.09 27.71
CA PHE E 32 23.56 26.38 28.04
C PHE E 32 22.43 26.73 27.07
N ARG E 33 22.11 28.01 26.92
CA ARG E 33 20.97 28.39 26.10
C ARG E 33 21.22 28.05 24.64
N ILE E 34 22.31 28.53 24.08
CA ILE E 34 22.52 28.42 22.65
C ILE E 34 23.04 27.06 22.27
N LEU E 35 23.98 26.54 23.04
CA LEU E 35 24.63 25.30 22.65
C LEU E 35 23.67 24.13 22.71
N VAL E 36 22.93 24.00 23.81
CA VAL E 36 21.97 22.92 23.94
C VAL E 36 20.86 23.06 22.93
N LEU E 37 20.57 24.28 22.53
CA LEU E 37 19.50 24.51 21.56
C LEU E 37 19.94 24.10 20.17
N GLY E 38 21.21 24.29 19.85
CA GLY E 38 21.71 24.01 18.52
C GLY E 38 22.21 22.61 18.32
N ALA E 39 22.70 21.99 19.39
CA ALA E 39 23.37 20.71 19.31
C ALA E 39 22.45 19.54 19.61
N ALA E 40 21.56 19.70 20.58
CA ALA E 40 20.66 18.65 21.01
C ALA E 40 19.23 18.85 20.55
N ALA E 41 18.67 20.02 20.79
CA ALA E 41 17.24 20.22 20.60
C ALA E 41 16.84 20.10 19.14
N GLU E 42 17.63 20.67 18.24
CA GLU E 42 17.29 20.59 16.82
C GLU E 42 17.24 19.16 16.33
N GLU E 43 18.00 18.27 16.95
CA GLU E 43 17.89 16.86 16.63
C GLU E 43 16.65 16.24 17.25
N VAL E 44 16.16 16.81 18.35
CA VAL E 44 14.99 16.30 19.02
C VAL E 44 13.72 16.72 18.27
N TRP E 45 13.55 18.00 18.09
CA TRP E 45 12.38 18.55 17.43
C TRP E 45 12.44 18.45 15.92
N GLY E 46 13.46 17.80 15.37
CA GLY E 46 13.54 17.64 13.93
C GLY E 46 12.52 16.69 13.37
N ASP E 47 11.99 15.80 14.21
CA ASP E 47 10.96 14.84 13.84
C ASP E 47 9.63 15.18 14.49
N GLU E 48 9.31 16.46 14.52
CA GLU E 48 8.09 16.91 15.19
C GLU E 48 6.86 16.77 14.31
N GLN E 49 6.99 17.12 13.04
CA GLN E 49 5.88 17.04 12.09
C GLN E 49 5.78 15.69 11.44
N SER E 50 6.90 15.01 11.29
CA SER E 50 6.92 13.74 10.58
C SER E 50 6.25 12.66 11.40
N ASP E 51 6.80 12.37 12.57
CA ASP E 51 6.35 11.27 13.40
C ASP E 51 5.20 11.62 14.32
N PHE E 52 4.46 12.68 14.02
CA PHE E 52 3.22 13.01 14.71
C PHE E 52 2.11 12.28 14.01
N THR E 53 1.84 11.07 14.46
CA THR E 53 0.92 10.18 13.80
C THR E 53 -0.42 10.24 14.50
N CYS E 54 -1.43 10.67 13.79
CA CYS E 54 -2.79 10.68 14.27
C CYS E 54 -3.45 9.34 13.99
N ASN E 55 -4.69 9.20 14.46
CA ASN E 55 -5.43 7.96 14.43
C ASN E 55 -6.64 8.06 13.53
N THR E 56 -6.46 8.64 12.33
CA THR E 56 -7.54 8.77 11.37
C THR E 56 -7.02 8.58 9.95
N GLN E 57 -7.97 8.39 9.04
CA GLN E 57 -7.71 8.35 7.61
C GLN E 57 -8.00 9.67 6.93
N GLN E 58 -8.52 10.64 7.65
CA GLN E 58 -8.65 11.98 7.13
C GLN E 58 -7.27 12.48 6.72
N PRO E 59 -7.11 12.99 5.49
CA PRO E 59 -5.77 13.37 5.07
C PRO E 59 -5.27 14.61 5.77
N GLY E 60 -6.12 15.58 6.00
CA GLY E 60 -5.72 16.84 6.55
C GLY E 60 -5.69 16.93 8.04
N CYS E 61 -6.13 15.91 8.75
CA CYS E 61 -6.25 16.02 10.19
C CYS E 61 -4.90 16.15 10.87
N GLU E 62 -3.87 15.56 10.29
CA GLU E 62 -2.56 15.56 10.92
C GLU E 62 -1.96 16.96 10.94
N ASN E 63 -1.97 17.64 9.79
CA ASN E 63 -1.42 18.99 9.72
C ASN E 63 -2.12 19.92 10.69
N VAL E 64 -3.44 19.89 10.67
CA VAL E 64 -4.20 20.81 11.47
C VAL E 64 -4.06 20.50 12.94
N CYS E 65 -4.12 19.24 13.31
CA CYS E 65 -4.02 18.91 14.72
C CYS E 65 -2.63 19.20 15.25
N TYR E 66 -1.59 19.06 14.43
CA TYR E 66 -0.28 19.51 14.86
C TYR E 66 -0.29 21.00 15.13
N ASP E 67 -0.79 21.79 14.18
CA ASP E 67 -0.81 23.23 14.37
C ASP E 67 -1.64 23.63 15.56
N ARG E 68 -2.65 22.85 15.90
CA ARG E 68 -3.44 23.14 17.08
C ARG E 68 -2.72 22.72 18.34
N ALA E 69 -1.82 21.76 18.25
CA ALA E 69 -1.05 21.34 19.41
C ALA E 69 0.11 22.27 19.66
N PHE E 70 0.94 22.45 18.64
CA PHE E 70 2.14 23.27 18.70
C PHE E 70 1.99 24.44 17.73
N PRO E 71 1.36 25.52 18.14
CA PRO E 71 1.27 26.68 17.26
C PRO E 71 2.61 27.23 16.91
N ILE E 72 3.55 27.14 17.82
CA ILE E 72 4.92 27.55 17.60
C ILE E 72 5.80 26.62 18.41
N SER E 73 6.71 25.94 17.74
CA SER E 73 7.50 24.93 18.39
C SER E 73 8.40 25.54 19.44
N HIS E 74 8.82 24.71 20.38
CA HIS E 74 9.63 25.21 21.47
C HIS E 74 10.98 25.71 20.99
N VAL E 75 11.49 25.17 19.90
CA VAL E 75 12.80 25.58 19.41
C VAL E 75 12.73 27.00 18.89
N ARG E 76 11.73 27.32 18.07
CA ARG E 76 11.58 28.67 17.57
C ARG E 76 11.34 29.64 18.71
N PHE E 77 10.58 29.20 19.71
CA PHE E 77 10.26 30.06 20.82
C PHE E 77 11.50 30.39 21.62
N TRP E 78 12.34 29.39 21.85
CA TRP E 78 13.58 29.62 22.57
C TRP E 78 14.54 30.48 21.76
N VAL E 79 14.55 30.32 20.45
CA VAL E 79 15.40 31.16 19.62
C VAL E 79 15.00 32.62 19.77
N LEU E 80 13.72 32.91 19.64
CA LEU E 80 13.25 34.27 19.81
C LEU E 80 13.50 34.76 21.22
N GLN E 81 13.42 33.87 22.20
CA GLN E 81 13.71 34.25 23.57
C GLN E 81 15.14 34.72 23.69
N ILE E 82 16.06 33.96 23.10
CA ILE E 82 17.47 34.28 23.15
C ILE E 82 17.73 35.63 22.49
N ILE E 83 17.15 35.83 21.32
CA ILE E 83 17.36 37.08 20.60
C ILE E 83 16.83 38.26 21.40
N PHE E 84 15.59 38.16 21.85
CA PHE E 84 14.97 39.28 22.54
C PHE E 84 15.63 39.56 23.88
N VAL E 85 16.26 38.56 24.47
CA VAL E 85 16.95 38.73 25.73
C VAL E 85 18.37 39.23 25.52
N SER E 86 18.97 38.97 24.37
CA SER E 86 20.34 39.33 24.11
C SER E 86 20.50 40.68 23.44
N THR E 87 19.45 41.17 22.78
CA THR E 87 19.54 42.48 22.13
C THR E 87 19.93 43.62 23.06
N PRO E 88 19.43 43.70 24.31
CA PRO E 88 19.85 44.80 25.18
C PRO E 88 21.34 44.87 25.42
N THR E 89 22.01 43.73 25.48
CA THR E 89 23.46 43.74 25.63
C THR E 89 24.11 44.47 24.47
N LEU E 90 23.63 44.23 23.25
CA LEU E 90 24.22 44.87 22.09
C LEU E 90 23.83 46.34 22.02
N ILE E 91 22.64 46.68 22.50
CA ILE E 91 22.28 48.09 22.64
C ILE E 91 23.27 48.80 23.55
N TYR E 92 23.55 48.20 24.71
CA TYR E 92 24.47 48.81 25.66
C TYR E 92 25.86 48.94 25.07
N LEU E 93 26.33 47.89 24.40
CA LEU E 93 27.64 47.97 23.74
C LEU E 93 27.67 49.10 22.74
N GLY E 94 26.64 49.22 21.92
CA GLY E 94 26.57 50.32 20.97
C GLY E 94 26.62 51.67 21.64
N HIS E 95 25.96 51.79 22.79
CA HIS E 95 26.03 53.03 23.56
C HIS E 95 27.44 53.30 24.04
N VAL E 96 28.18 52.24 24.37
CA VAL E 96 29.55 52.41 24.83
C VAL E 96 30.45 52.87 23.67
N LEU E 97 30.33 52.21 22.53
CA LEU E 97 31.17 52.53 21.38
C LEU E 97 30.75 53.87 20.79
N LEU E 142 27.33 55.63 31.74
CA LEU E 142 26.13 55.08 31.11
C LEU E 142 25.46 54.09 32.04
N LEU E 143 25.40 54.47 33.31
CA LEU E 143 24.85 53.58 34.33
C LEU E 143 23.36 53.32 34.09
N ARG E 144 22.59 54.39 33.90
CA ARG E 144 21.16 54.25 33.68
C ARG E 144 20.88 53.41 32.44
N THR E 145 21.75 53.51 31.43
CA THR E 145 21.62 52.66 30.24
C THR E 145 21.73 51.19 30.61
N TYR E 146 22.74 50.85 31.42
CA TYR E 146 22.92 49.48 31.89
C TYR E 146 21.71 49.01 32.69
N VAL E 147 21.16 49.87 33.54
CA VAL E 147 20.02 49.49 34.35
C VAL E 147 18.81 49.20 33.47
N PHE E 148 18.56 50.07 32.50
CA PHE E 148 17.44 49.83 31.59
C PHE E 148 17.68 48.56 30.79
N ASN E 149 18.94 48.28 30.45
CA ASN E 149 19.29 47.03 29.78
C ASN E 149 18.86 45.83 30.61
N ILE E 150 19.23 45.82 31.89
CA ILE E 150 18.93 44.63 32.68
C ILE E 150 17.45 44.51 32.95
N ILE E 151 16.73 45.61 33.11
CA ILE E 151 15.29 45.45 33.33
C ILE E 151 14.62 44.99 32.05
N PHE E 152 15.11 45.40 30.88
CA PHE E 152 14.60 44.86 29.63
C PHE E 152 14.77 43.35 29.60
N LYS E 153 15.98 42.87 29.91
CA LYS E 153 16.22 41.44 29.95
C LYS E 153 15.24 40.75 30.89
N THR E 154 15.15 41.26 32.11
CA THR E 154 14.31 40.64 33.14
C THR E 154 12.85 40.58 32.69
N LEU E 155 12.33 41.69 32.18
CA LEU E 155 10.92 41.74 31.84
C LEU E 155 10.62 40.85 30.65
N PHE E 156 11.48 40.88 29.62
CA PHE E 156 11.23 40.04 28.45
C PHE E 156 11.31 38.57 28.83
N GLU E 157 12.28 38.20 29.66
CA GLU E 157 12.44 36.79 30.00
C GLU E 157 11.30 36.32 30.88
N VAL E 158 10.82 37.16 31.79
CA VAL E 158 9.62 36.82 32.54
C VAL E 158 8.45 36.62 31.60
N GLY E 159 8.34 37.49 30.59
CA GLY E 159 7.29 37.33 29.62
C GLY E 159 7.39 36.02 28.86
N PHE E 160 8.61 35.60 28.58
CA PHE E 160 8.78 34.38 27.79
C PHE E 160 8.48 33.14 28.62
N ILE E 161 8.93 33.10 29.86
CA ILE E 161 8.57 31.94 30.68
C ILE E 161 7.07 31.91 30.94
N ALA E 162 6.45 33.08 31.09
CA ALA E 162 5.01 33.13 31.29
C ALA E 162 4.28 32.65 30.04
N GLY E 163 4.72 33.07 28.87
CA GLY E 163 4.10 32.63 27.64
C GLY E 163 4.29 31.14 27.42
N GLN E 164 5.47 30.63 27.73
CA GLN E 164 5.71 29.20 27.60
C GLN E 164 4.79 28.41 28.52
N TYR E 165 4.61 28.87 29.75
CA TYR E 165 3.66 28.21 30.64
C TYR E 165 2.24 28.31 30.10
N PHE E 166 1.90 29.44 29.50
CA PHE E 166 0.54 29.63 28.99
C PHE E 166 0.25 28.69 27.85
N LEU E 167 1.24 28.43 27.00
CA LEU E 167 1.03 27.53 25.87
C LEU E 167 1.17 26.08 26.30
N TYR E 168 2.33 25.70 26.83
CA TYR E 168 2.65 24.33 27.20
C TYR E 168 3.14 24.33 28.63
N GLY E 169 2.34 23.78 29.52
CA GLY E 169 2.62 23.89 30.94
C GLY E 169 3.77 23.02 31.41
N PHE E 170 4.96 23.34 30.91
CA PHE E 170 6.20 22.60 31.14
C PHE E 170 6.01 21.09 31.18
N GLN E 171 5.20 20.57 30.27
CA GLN E 171 5.06 19.13 30.12
C GLN E 171 4.35 18.79 28.82
N LEU E 172 5.00 18.02 27.95
CA LEU E 172 4.39 17.52 26.73
C LEU E 172 3.82 16.14 27.03
N LYS E 173 2.53 16.04 27.05
CA LYS E 173 1.89 14.74 27.13
C LYS E 173 1.85 14.12 25.74
N PRO E 174 1.95 12.80 25.64
CA PRO E 174 1.94 12.19 24.31
C PRO E 174 0.64 12.38 23.57
N LEU E 175 -0.47 12.25 24.27
CA LEU E 175 -1.78 12.30 23.64
C LEU E 175 -2.28 13.73 23.54
N TYR E 176 -2.83 14.07 22.38
CA TYR E 176 -3.56 15.30 22.19
C TYR E 176 -4.84 14.99 21.45
N ARG E 177 -5.97 15.41 22.00
CA ARG E 177 -7.28 15.19 21.41
C ARG E 177 -7.76 16.48 20.75
N CYS E 178 -7.86 16.46 19.43
CA CYS E 178 -8.18 17.63 18.63
C CYS E 178 -9.51 17.46 17.92
N ASP E 179 -10.17 18.58 17.71
CA ASP E 179 -11.52 18.63 17.14
C ASP E 179 -11.62 19.68 16.04
N ARG E 180 -10.52 19.97 15.37
CA ARG E 180 -10.57 20.86 14.23
C ARG E 180 -11.43 20.26 13.14
N TRP E 181 -11.78 21.09 12.16
CA TRP E 181 -12.82 20.71 11.21
C TRP E 181 -12.50 19.48 10.39
N PRO E 182 -11.33 19.37 9.78
CA PRO E 182 -11.05 18.16 9.01
C PRO E 182 -11.00 16.93 9.87
N CYS E 183 -10.59 17.08 11.12
CA CYS E 183 -10.58 15.97 12.05
C CYS E 183 -12.00 15.70 12.52
N PRO E 184 -12.57 14.54 12.27
CA PRO E 184 -13.92 14.29 12.75
C PRO E 184 -13.98 13.71 14.15
N ASN E 185 -14.67 14.39 15.05
CA ASN E 185 -15.07 13.84 16.32
C ASN E 185 -13.87 13.41 17.17
N THR E 186 -13.08 14.41 17.55
CA THR E 186 -12.13 14.30 18.66
C THR E 186 -11.11 13.20 18.43
N VAL E 187 -10.29 13.43 17.41
CA VAL E 187 -9.25 12.50 17.03
C VAL E 187 -8.17 12.45 18.09
N ASP E 188 -7.62 11.26 18.32
CA ASP E 188 -6.45 11.09 19.15
C ASP E 188 -5.20 11.20 18.29
N CYS E 189 -4.26 12.05 18.71
CA CYS E 189 -3.04 12.25 17.98
C CYS E 189 -1.86 12.19 18.93
N PHE E 190 -0.85 11.42 18.57
CA PHE E 190 0.27 11.13 19.43
C PHE E 190 1.51 11.88 18.98
N ILE E 191 2.32 12.26 19.94
CA ILE E 191 3.46 13.14 19.75
C ILE E 191 4.74 12.34 19.87
N SER E 192 5.78 12.79 19.17
CA SER E 192 7.08 12.16 19.16
C SER E 192 7.99 12.78 20.20
N ARG E 193 8.71 11.93 20.92
CA ARG E 193 9.64 12.35 21.95
C ARG E 193 9.01 13.28 22.99
N PRO E 194 7.94 12.86 23.63
CA PRO E 194 7.35 13.72 24.64
C PRO E 194 8.19 13.85 25.88
N THR E 195 8.76 12.77 26.36
CA THR E 195 9.54 12.82 27.58
C THR E 195 10.81 13.63 27.41
N GLU E 196 11.51 13.38 26.31
CA GLU E 196 12.73 14.12 26.01
C GLU E 196 12.45 15.60 25.84
N LYS E 197 11.37 15.93 25.13
CA LYS E 197 11.02 17.31 24.94
C LYS E 197 10.66 17.96 26.25
N THR E 198 9.99 17.23 27.12
CA THR E 198 9.66 17.74 28.44
C THR E 198 10.92 18.03 29.23
N ILE E 199 11.88 17.13 29.17
CA ILE E 199 13.13 17.30 29.88
C ILE E 199 13.85 18.54 29.40
N PHE E 200 13.90 18.74 28.10
CA PHE E 200 14.60 19.91 27.60
C PHE E 200 13.84 21.19 27.90
N ILE E 201 12.52 21.13 27.96
CA ILE E 201 11.74 22.28 28.39
C ILE E 201 12.10 22.64 29.81
N LEU E 202 12.16 21.64 30.69
CA LEU E 202 12.49 21.89 32.08
C LEU E 202 13.89 22.45 32.21
N PHE E 203 14.84 21.89 31.47
CA PHE E 203 16.22 22.33 31.54
C PHE E 203 16.35 23.78 31.09
N MET E 204 15.72 24.13 29.98
CA MET E 204 15.83 25.49 29.48
C MET E 204 15.06 26.47 30.33
N LEU E 205 13.95 26.03 30.91
CA LEU E 205 13.21 26.87 31.84
C LEU E 205 14.02 27.13 33.10
N ALA E 206 14.77 26.14 33.55
CA ALA E 206 15.63 26.32 34.69
C ALA E 206 16.77 27.26 34.36
N VAL E 207 17.31 27.15 33.15
CA VAL E 207 18.34 28.07 32.71
C VAL E 207 17.82 29.50 32.71
N ALA E 208 16.59 29.69 32.23
CA ALA E 208 16.02 31.02 32.21
C ALA E 208 15.77 31.55 33.60
N CYS E 209 15.28 30.69 34.50
CA CYS E 209 15.13 31.10 35.89
C CYS E 209 16.47 31.49 36.50
N VAL E 210 17.52 30.78 36.13
CA VAL E 210 18.84 31.12 36.62
C VAL E 210 19.29 32.46 36.08
N SER E 211 18.96 32.75 34.83
CA SER E 211 19.29 34.06 34.28
C SER E 211 18.55 35.16 35.02
N LEU E 212 17.30 34.90 35.38
CA LEU E 212 16.55 35.87 36.17
C LEU E 212 17.19 36.05 37.54
N LEU E 213 17.64 34.97 38.16
CA LEU E 213 18.32 35.08 39.45
C LEU E 213 19.59 35.88 39.30
N LEU E 214 20.34 35.66 38.23
CA LEU E 214 21.57 36.40 38.01
C LEU E 214 21.30 37.88 37.87
N ASN E 215 20.28 38.24 37.08
CA ASN E 215 19.98 39.65 36.90
C ASN E 215 19.46 40.29 38.18
N VAL E 216 18.70 39.53 38.98
CA VAL E 216 18.16 40.05 40.22
C VAL E 216 19.24 40.16 41.28
N LEU E 217 20.29 39.35 41.17
CA LEU E 217 21.45 39.53 42.03
C LEU E 217 22.27 40.72 41.57
N GLU E 218 22.38 40.90 40.26
CA GLU E 218 23.17 41.98 39.71
C GLU E 218 22.59 43.33 40.07
N ILE E 219 21.27 43.46 39.98
CA ILE E 219 20.64 44.76 40.21
C ILE E 219 20.84 45.20 41.65
N TYR E 220 20.88 44.26 42.60
CA TYR E 220 21.19 44.61 43.98
C TYR E 220 22.68 44.84 44.17
N HIS E 221 23.52 44.10 43.44
CA HIS E 221 24.96 44.33 43.48
C HIS E 221 25.32 45.72 43.02
N LEU E 222 24.48 46.33 42.18
CA LEU E 222 24.68 47.71 41.77
C LEU E 222 24.15 48.65 42.84
N GLY F 2 23.28 30.02 6.20
CA GLY F 2 23.62 29.94 4.80
C GLY F 2 24.99 30.51 4.48
N ASP F 3 25.18 30.93 3.24
CA ASP F 3 26.43 31.50 2.78
C ASP F 3 26.43 33.01 2.97
N TRP F 4 26.19 33.41 4.21
CA TRP F 4 26.02 34.81 4.55
C TRP F 4 27.30 35.50 4.97
N SER F 5 28.43 34.79 5.02
CA SER F 5 29.62 35.33 5.67
C SER F 5 30.18 36.55 4.95
N PHE F 6 30.16 36.54 3.62
CA PHE F 6 30.78 37.63 2.87
C PHE F 6 30.00 38.92 3.01
N LEU F 7 28.67 38.83 2.93
CA LEU F 7 27.84 40.00 3.17
C LEU F 7 28.10 40.56 4.56
N GLY F 8 28.22 39.69 5.56
CA GLY F 8 28.48 40.15 6.91
C GLY F 8 29.82 40.86 7.02
N ARG F 9 30.84 40.33 6.36
CA ARG F 9 32.15 40.98 6.37
C ARG F 9 32.09 42.36 5.73
N LEU F 10 31.45 42.45 4.56
CA LEU F 10 31.38 43.74 3.87
C LEU F 10 30.59 44.75 4.68
N LEU F 11 29.57 44.28 5.38
CA LEU F 11 28.76 45.20 6.16
C LEU F 11 29.43 45.56 7.48
N GLU F 12 30.28 44.69 8.02
CA GLU F 12 31.15 45.09 9.12
C GLU F 12 32.10 46.19 8.68
N ASN F 13 32.62 46.07 7.45
CA ASN F 13 33.42 47.17 6.91
C ASN F 13 32.59 48.45 6.81
N ALA F 14 31.35 48.32 6.37
CA ALA F 14 30.49 49.50 6.22
C ALA F 14 30.05 50.08 7.55
N GLN F 15 30.05 49.29 8.62
CA GLN F 15 29.56 49.79 9.90
C GLN F 15 30.43 50.91 10.44
N GLU F 16 31.73 50.88 10.15
CA GLU F 16 32.62 51.93 10.61
C GLU F 16 32.32 53.27 9.96
N HIS F 17 31.59 53.27 8.83
CA HIS F 17 31.26 54.48 8.12
C HIS F 17 29.82 54.94 8.33
N SER F 18 28.94 54.05 8.77
CA SER F 18 27.55 54.42 8.96
C SER F 18 27.34 55.14 10.27
N THR F 19 26.21 55.84 10.37
CA THR F 19 25.90 56.64 11.54
C THR F 19 25.48 55.73 12.67
N VAL F 20 25.02 56.33 13.77
CA VAL F 20 24.55 55.57 14.91
C VAL F 20 23.29 54.81 14.56
N ILE F 21 22.30 55.53 14.03
CA ILE F 21 21.01 54.92 13.74
C ILE F 21 21.14 53.91 12.60
N GLY F 22 22.02 54.17 11.64
CA GLY F 22 22.27 53.17 10.61
C GLY F 22 22.92 51.93 11.17
N LYS F 23 23.80 52.09 12.15
CA LYS F 23 24.39 50.94 12.82
C LYS F 23 23.33 50.13 13.56
N VAL F 24 22.41 50.83 14.20
CA VAL F 24 21.28 50.17 14.86
C VAL F 24 20.48 49.38 13.84
N TRP F 25 20.24 49.97 12.68
CA TRP F 25 19.50 49.29 11.62
C TRP F 25 20.24 48.04 11.17
N LEU F 26 21.55 48.12 11.06
CA LEU F 26 22.32 46.98 10.60
C LEU F 26 22.31 45.85 11.63
N THR F 27 22.40 46.19 12.89
CA THR F 27 22.31 45.17 13.92
C THR F 27 20.91 44.58 13.99
N VAL F 28 19.89 45.38 13.73
CA VAL F 28 18.54 44.85 13.59
C VAL F 28 18.49 43.86 12.44
N LEU F 29 19.17 44.17 11.36
CA LEU F 29 19.17 43.29 10.19
C LEU F 29 19.78 41.95 10.52
N PHE F 30 20.97 41.96 11.10
CA PHE F 30 21.65 40.70 11.38
C PHE F 30 20.97 39.92 12.49
N ILE F 31 20.65 40.58 13.59
CA ILE F 31 20.14 39.87 14.76
C ILE F 31 18.75 39.35 14.50
N PHE F 32 17.94 40.06 13.73
CA PHE F 32 16.53 39.75 13.55
C PHE F 32 16.22 39.23 12.16
N ARG F 33 16.58 39.99 11.13
CA ARG F 33 16.22 39.59 9.78
C ARG F 33 16.94 38.33 9.36
N ILE F 34 18.26 38.31 9.46
CA ILE F 34 19.04 37.23 8.91
C ILE F 34 19.06 36.03 9.83
N LEU F 35 19.23 36.28 11.12
CA LEU F 35 19.40 35.18 12.06
C LEU F 35 18.14 34.36 12.19
N VAL F 36 16.99 35.02 12.38
CA VAL F 36 15.73 34.31 12.50
C VAL F 36 15.38 33.62 11.20
N LEU F 37 15.84 34.16 10.09
CA LEU F 37 15.55 33.56 8.80
C LEU F 37 16.36 32.31 8.58
N GLY F 38 17.58 32.29 9.08
CA GLY F 38 18.47 31.17 8.86
C GLY F 38 18.38 30.07 9.90
N ALA F 39 18.01 30.44 11.11
CA ALA F 39 18.05 29.54 12.25
C ALA F 39 16.70 28.88 12.52
N ALA F 40 15.62 29.64 12.37
CA ALA F 40 14.28 29.18 12.68
C ALA F 40 13.46 28.90 11.43
N ALA F 41 13.39 29.86 10.52
CA ALA F 41 12.44 29.77 9.42
C ALA F 41 12.74 28.61 8.50
N GLU F 42 14.02 28.41 8.17
CA GLU F 42 14.36 27.32 7.27
C GLU F 42 13.96 25.97 7.82
N GLU F 43 13.90 25.84 9.14
CA GLU F 43 13.38 24.63 9.75
C GLU F 43 11.86 24.58 9.67
N VAL F 44 11.22 25.73 9.61
CA VAL F 44 9.76 25.79 9.52
C VAL F 44 9.30 25.47 8.12
N TRP F 45 9.77 26.23 7.15
CA TRP F 45 9.38 26.07 5.77
C TRP F 45 10.08 24.92 5.08
N GLY F 46 10.88 24.13 5.80
CA GLY F 46 11.53 22.99 5.19
C GLY F 46 10.58 21.87 4.84
N ASP F 47 9.43 21.82 5.47
CA ASP F 47 8.38 20.84 5.21
C ASP F 47 7.19 21.47 4.52
N GLU F 48 7.45 22.36 3.59
CA GLU F 48 6.37 23.08 2.93
C GLU F 48 5.75 22.28 1.80
N GLN F 49 6.57 21.61 1.00
CA GLN F 49 6.11 20.83 -0.13
C GLN F 49 5.77 19.42 0.27
N SER F 50 6.44 18.90 1.27
CA SER F 50 6.25 17.51 1.67
C SER F 50 4.90 17.30 2.32
N ASP F 51 4.67 17.98 3.44
CA ASP F 51 3.49 17.80 4.25
C ASP F 51 2.30 18.63 3.81
N PHE F 52 2.30 19.10 2.57
CA PHE F 52 1.15 19.77 1.97
C PHE F 52 0.30 18.70 1.36
N THR F 53 -0.63 18.17 2.13
CA THR F 53 -1.42 17.02 1.76
C THR F 53 -2.77 17.49 1.27
N CYS F 54 -3.05 17.23 0.01
CA CYS F 54 -4.34 17.50 -0.58
C CYS F 54 -5.28 16.33 -0.35
N ASN F 55 -6.53 16.51 -0.78
CA ASN F 55 -7.61 15.58 -0.52
C ASN F 55 -8.10 14.94 -1.81
N THR F 56 -7.18 14.50 -2.66
CA THR F 56 -7.52 13.83 -3.90
C THR F 56 -6.54 12.71 -4.20
N GLN F 57 -6.95 11.86 -5.15
CA GLN F 57 -6.11 10.82 -5.71
C GLN F 57 -5.47 11.23 -7.02
N GLN F 58 -5.81 12.40 -7.54
CA GLN F 58 -5.12 12.95 -8.69
C GLN F 58 -3.64 13.07 -8.35
N PRO F 59 -2.74 12.55 -9.18
CA PRO F 59 -1.34 12.59 -8.80
C PRO F 59 -0.74 13.97 -8.85
N GLY F 60 -1.13 14.76 -9.85
CA GLY F 60 -0.54 16.05 -10.05
C GLY F 60 -1.16 17.20 -9.31
N CYS F 61 -2.26 16.97 -8.61
CA CYS F 61 -2.97 18.08 -8.00
C CYS F 61 -2.17 18.73 -6.88
N GLU F 62 -1.33 17.96 -6.20
CA GLU F 62 -0.60 18.48 -5.07
C GLU F 62 0.44 19.50 -5.52
N ASN F 63 1.24 19.15 -6.53
CA ASN F 63 2.27 20.06 -7.02
C ASN F 63 1.66 21.35 -7.49
N VAL F 64 0.63 21.25 -8.30
CA VAL F 64 0.03 22.43 -8.90
C VAL F 64 -0.67 23.28 -7.86
N CYS F 65 -1.41 22.66 -6.95
CA CYS F 65 -2.10 23.45 -5.96
C CYS F 65 -1.14 24.12 -5.00
N TYR F 66 0.00 23.49 -4.71
CA TYR F 66 1.03 24.18 -3.95
C TYR F 66 1.50 25.41 -4.68
N ASP F 67 1.87 25.23 -5.95
CA ASP F 67 2.37 26.37 -6.72
C ASP F 67 1.33 27.46 -6.85
N ARG F 68 0.06 27.12 -6.83
CA ARG F 68 -0.98 28.12 -6.87
C ARG F 68 -1.17 28.78 -5.53
N ALA F 69 -0.82 28.09 -4.45
CA ALA F 69 -0.92 28.67 -3.13
C ALA F 69 0.26 29.56 -2.82
N PHE F 70 1.45 29.01 -2.95
CA PHE F 70 2.72 29.68 -2.67
C PHE F 70 3.53 29.78 -3.95
N PRO F 71 3.29 30.80 -4.78
CA PRO F 71 4.10 30.96 -5.96
C PRO F 71 5.54 31.16 -5.65
N ILE F 72 5.82 31.82 -4.54
CA ILE F 72 7.17 32.01 -4.05
C ILE F 72 7.10 32.00 -2.54
N SER F 73 7.85 31.10 -1.93
CA SER F 73 7.75 30.90 -0.50
C SER F 73 8.22 32.14 0.23
N HIS F 74 7.78 32.27 1.47
CA HIS F 74 8.12 33.43 2.25
C HIS F 74 9.61 33.51 2.53
N VAL F 75 10.29 32.38 2.59
CA VAL F 75 11.71 32.39 2.90
C VAL F 75 12.49 33.00 1.75
N ARG F 76 12.21 32.57 0.53
CA ARG F 76 12.88 33.14 -0.62
C ARG F 76 12.57 34.61 -0.75
N PHE F 77 11.33 34.99 -0.45
CA PHE F 77 10.92 36.37 -0.57
C PHE F 77 11.66 37.23 0.42
N TRP F 78 11.80 36.76 1.64
CA TRP F 78 12.55 37.50 2.65
C TRP F 78 14.02 37.58 2.31
N VAL F 79 14.57 36.52 1.73
CA VAL F 79 15.97 36.55 1.32
C VAL F 79 16.19 37.65 0.30
N LEU F 80 15.36 37.67 -0.73
CA LEU F 80 15.49 38.72 -1.74
C LEU F 80 15.22 40.09 -1.14
N GLN F 81 14.34 40.18 -0.16
CA GLN F 81 14.10 41.44 0.51
C GLN F 81 15.36 41.93 1.19
N ILE F 82 16.04 41.03 1.89
CA ILE F 82 17.27 41.37 2.59
C ILE F 82 18.32 41.84 1.62
N ILE F 83 18.49 41.11 0.53
CA ILE F 83 19.51 41.46 -0.45
C ILE F 83 19.22 42.82 -1.06
N PHE F 84 17.99 43.02 -1.52
CA PHE F 84 17.64 44.25 -2.21
C PHE F 84 17.66 45.45 -1.27
N VAL F 85 17.47 45.22 0.02
CA VAL F 85 17.51 46.28 1.00
C VAL F 85 18.93 46.55 1.47
N SER F 86 19.81 45.58 1.39
CA SER F 86 21.17 45.72 1.89
C SER F 86 22.15 46.18 0.83
N THR F 87 21.84 45.99 -0.45
CA THR F 87 22.75 46.43 -1.50
C THR F 87 23.10 47.91 -1.43
N PRO F 88 22.17 48.83 -1.15
CA PRO F 88 22.56 50.25 -1.09
C PRO F 88 23.64 50.56 -0.09
N THR F 89 23.67 49.85 1.03
CA THR F 89 24.74 50.04 2.00
C THR F 89 26.09 49.75 1.36
N LEU F 90 26.17 48.68 0.57
CA LEU F 90 27.43 48.32 -0.05
C LEU F 90 27.77 49.27 -1.19
N ILE F 91 26.75 49.78 -1.88
CA ILE F 91 26.99 50.84 -2.86
C ILE F 91 27.64 52.04 -2.19
N TYR F 92 27.08 52.48 -1.07
CA TYR F 92 27.62 53.63 -0.37
C TYR F 92 29.04 53.37 0.11
N LEU F 93 29.28 52.20 0.68
CA LEU F 93 30.65 51.85 1.09
C LEU F 93 31.60 51.91 -0.08
N GLY F 94 31.22 51.34 -1.22
CA GLY F 94 32.06 51.42 -2.40
C GLY F 94 32.33 52.85 -2.82
N HIS F 95 31.33 53.72 -2.69
CA HIS F 95 31.56 55.13 -2.99
C HIS F 95 32.56 55.74 -2.02
N VAL F 96 32.55 55.28 -0.77
CA VAL F 96 33.49 55.81 0.21
C VAL F 96 34.91 55.35 -0.11
N LEU F 97 35.07 54.05 -0.38
CA LEU F 97 36.39 53.51 -0.65
C LEU F 97 36.88 53.98 -2.01
N LEU F 142 29.89 62.90 0.54
CA LEU F 142 29.01 61.99 -0.19
C LEU F 142 27.65 61.93 0.46
N LEU F 143 27.17 63.10 0.87
CA LEU F 143 25.89 63.20 1.58
C LEU F 143 24.74 62.76 0.69
N ARG F 144 24.66 63.32 -0.51
CA ARG F 144 23.58 62.97 -1.42
C ARG F 144 23.58 61.48 -1.75
N THR F 145 24.77 60.88 -1.80
CA THR F 145 24.86 59.43 -2.00
C THR F 145 24.17 58.69 -0.87
N TYR F 146 24.45 59.10 0.37
CA TYR F 146 23.81 58.49 1.53
C TYR F 146 22.30 58.67 1.48
N VAL F 147 21.84 59.85 1.08
CA VAL F 147 20.41 60.10 1.03
C VAL F 147 19.74 59.19 0.01
N PHE F 148 20.35 59.09 -1.18
CA PHE F 148 19.79 58.21 -2.19
C PHE F 148 19.82 56.77 -1.72
N ASN F 149 20.85 56.40 -0.96
CA ASN F 149 20.92 55.07 -0.36
C ASN F 149 19.70 54.81 0.53
N ILE F 150 19.40 55.74 1.43
CA ILE F 150 18.31 55.47 2.36
C ILE F 150 16.97 55.50 1.66
N ILE F 151 16.78 56.34 0.64
CA ILE F 151 15.49 56.30 -0.03
C ILE F 151 15.36 55.03 -0.84
N PHE F 152 16.45 54.50 -1.39
CA PHE F 152 16.40 53.20 -2.04
C PHE F 152 15.93 52.14 -1.06
N LYS F 153 16.54 52.09 0.12
CA LYS F 153 16.11 51.15 1.15
C LYS F 153 14.63 51.29 1.44
N THR F 154 14.20 52.52 1.72
CA THR F 154 12.82 52.78 2.11
C THR F 154 11.85 52.33 1.01
N LEU F 155 12.13 52.71 -0.23
CA LEU F 155 11.20 52.42 -1.32
C LEU F 155 11.16 50.92 -1.59
N PHE F 156 12.31 50.26 -1.62
CA PHE F 156 12.29 48.83 -1.88
C PHE F 156 11.59 48.08 -0.77
N GLU F 157 11.82 48.47 0.48
CA GLU F 157 11.20 47.75 1.59
C GLU F 157 9.70 47.99 1.63
N VAL F 158 9.26 49.20 1.31
CA VAL F 158 7.82 49.45 1.16
C VAL F 158 7.26 48.56 0.07
N GLY F 159 7.99 48.43 -1.04
CA GLY F 159 7.55 47.56 -2.11
C GLY F 159 7.44 46.12 -1.66
N PHE F 160 8.35 45.69 -0.81
CA PHE F 160 8.34 44.29 -0.39
C PHE F 160 7.21 44.00 0.58
N ILE F 161 6.96 44.89 1.54
CA ILE F 161 5.83 44.67 2.43
C ILE F 161 4.53 44.74 1.64
N ALA F 162 4.45 45.63 0.66
CA ALA F 162 3.25 45.72 -0.16
C ALA F 162 3.05 44.45 -0.98
N GLY F 163 4.12 43.92 -1.56
CA GLY F 163 4.01 42.70 -2.31
C GLY F 163 3.64 41.53 -1.44
N GLN F 164 4.21 41.46 -0.25
CA GLN F 164 3.87 40.40 0.67
C GLN F 164 2.40 40.45 1.05
N TYR F 165 1.87 41.65 1.31
CA TYR F 165 0.45 41.78 1.58
C TYR F 165 -0.37 41.37 0.36
N PHE F 166 0.11 41.71 -0.84
CA PHE F 166 -0.65 41.41 -2.04
C PHE F 166 -0.74 39.90 -2.26
N LEU F 167 0.32 39.18 -1.95
CA LEU F 167 0.30 37.73 -2.13
C LEU F 167 -0.39 37.04 -0.96
N TYR F 168 0.12 37.22 0.25
CA TYR F 168 -0.36 36.56 1.45
C TYR F 168 -0.64 37.61 2.50
N GLY F 169 -1.90 37.83 2.80
CA GLY F 169 -2.29 38.93 3.64
C GLY F 169 -1.96 38.74 5.11
N PHE F 170 -0.66 38.66 5.40
CA PHE F 170 -0.10 38.38 6.71
C PHE F 170 -0.88 37.35 7.51
N GLN F 171 -1.33 36.30 6.84
CA GLN F 171 -1.96 35.19 7.52
C GLN F 171 -2.06 33.97 6.61
N LEU F 172 -1.47 32.85 7.02
CA LEU F 172 -1.60 31.60 6.30
C LEU F 172 -2.75 30.82 6.92
N LYS F 173 -3.82 30.70 6.20
CA LYS F 173 -4.89 29.82 6.61
C LYS F 173 -4.55 28.39 6.23
N PRO F 174 -4.97 27.40 7.02
CA PRO F 174 -4.61 26.03 6.67
C PRO F 174 -5.22 25.55 5.38
N LEU F 175 -6.46 25.89 5.13
CA LEU F 175 -7.18 25.41 3.97
C LEU F 175 -6.93 26.30 2.77
N TYR F 176 -6.70 25.67 1.62
CA TYR F 176 -6.67 26.36 0.35
C TYR F 176 -7.47 25.53 -0.65
N ARG F 177 -8.43 26.16 -1.30
CA ARG F 177 -9.27 25.50 -2.29
C ARG F 177 -8.83 25.90 -3.68
N CYS F 178 -8.30 24.93 -4.43
CA CYS F 178 -7.70 25.15 -5.73
C CYS F 178 -8.49 24.45 -6.82
N ASP F 179 -8.45 25.03 -8.00
CA ASP F 179 -9.22 24.58 -9.15
C ASP F 179 -8.37 24.52 -10.41
N ARG F 180 -7.07 24.29 -10.26
CA ARG F 180 -6.22 24.09 -11.40
C ARG F 180 -6.64 22.84 -12.15
N TRP F 181 -6.12 22.70 -13.37
CA TRP F 181 -6.66 21.70 -14.29
C TRP F 181 -6.54 20.27 -13.78
N PRO F 182 -5.39 19.82 -13.31
CA PRO F 182 -5.32 18.44 -12.83
C PRO F 182 -6.17 18.20 -11.62
N CYS F 183 -6.37 19.23 -10.81
CA CYS F 183 -7.24 19.13 -9.67
C CYS F 183 -8.69 19.21 -10.13
N PRO F 184 -9.50 18.19 -9.93
CA PRO F 184 -10.88 18.28 -10.36
C PRO F 184 -11.82 18.88 -9.33
N ASN F 185 -12.49 19.97 -9.70
CA ASN F 185 -13.62 20.48 -8.94
C ASN F 185 -13.25 20.86 -7.51
N THR F 186 -12.38 21.86 -7.41
CA THR F 186 -12.19 22.64 -6.19
C THR F 186 -11.74 21.77 -5.03
N VAL F 187 -10.54 21.24 -5.20
CA VAL F 187 -9.93 20.38 -4.20
C VAL F 187 -9.59 21.18 -2.96
N ASP F 188 -9.75 20.55 -1.80
CA ASP F 188 -9.29 21.09 -0.54
C ASP F 188 -7.87 20.62 -0.28
N CYS F 189 -6.97 21.55 0.02
CA CYS F 189 -5.58 21.24 0.27
C CYS F 189 -5.13 21.95 1.53
N PHE F 190 -4.48 21.22 2.41
CA PHE F 190 -4.12 21.69 3.73
C PHE F 190 -2.63 21.95 3.82
N ILE F 191 -2.28 22.96 4.59
CA ILE F 191 -0.93 23.49 4.67
C ILE F 191 -0.31 23.09 5.99
N SER F 192 1.01 22.96 6.00
CA SER F 192 1.78 22.59 7.18
C SER F 192 2.28 23.82 7.91
N ARG F 193 2.16 23.78 9.23
CA ARG F 193 2.58 24.87 10.10
C ARG F 193 2.00 26.23 9.70
N PRO F 194 0.69 26.34 9.62
CA PRO F 194 0.12 27.63 9.28
C PRO F 194 0.26 28.66 10.36
N THR F 195 0.04 28.28 11.60
CA THR F 195 0.11 29.25 12.69
C THR F 195 1.52 29.74 12.90
N GLU F 196 2.48 28.82 12.92
CA GLU F 196 3.87 29.19 13.07
C GLU F 196 4.34 30.07 11.93
N LYS F 197 3.97 29.73 10.71
CA LYS F 197 4.35 30.54 9.57
C LYS F 197 3.72 31.91 9.66
N THR F 198 2.50 31.99 10.12
CA THR F 198 1.85 33.28 10.31
C THR F 198 2.59 34.11 11.33
N ILE F 199 3.00 33.49 12.42
CA ILE F 199 3.73 34.19 13.45
C ILE F 199 5.02 34.75 12.91
N PHE F 200 5.75 33.96 12.15
CA PHE F 200 7.01 34.45 11.64
C PHE F 200 6.81 35.50 10.57
N ILE F 201 5.72 35.42 9.82
CA ILE F 201 5.39 36.49 8.90
C ILE F 201 5.16 37.78 9.65
N LEU F 202 4.38 37.73 10.72
CA LEU F 202 4.12 38.93 11.49
C LEU F 202 5.39 39.47 12.11
N PHE F 203 6.24 38.61 12.63
CA PHE F 203 7.48 39.04 13.25
C PHE F 203 8.38 39.74 12.24
N MET F 204 8.55 39.14 11.07
CA MET F 204 9.43 39.73 10.08
C MET F 204 8.83 40.98 9.47
N LEU F 205 7.51 41.03 9.35
CA LEU F 205 6.86 42.24 8.88
C LEU F 205 7.02 43.37 9.88
N ALA F 206 6.98 43.04 11.16
CA ALA F 206 7.21 44.04 12.19
C ALA F 206 8.65 44.52 12.16
N VAL F 207 9.59 43.60 11.93
CA VAL F 207 10.98 43.99 11.78
C VAL F 207 11.16 44.95 10.62
N ALA F 208 10.49 44.67 9.51
CA ALA F 208 10.61 45.53 8.34
C ALA F 208 9.98 46.90 8.62
N CYS F 209 8.83 46.91 9.28
CA CYS F 209 8.25 48.19 9.68
C CYS F 209 9.17 48.96 10.58
N VAL F 210 9.89 48.27 11.46
CA VAL F 210 10.84 48.93 12.34
C VAL F 210 11.99 49.50 11.53
N SER F 211 12.43 48.79 10.50
CA SER F 211 13.48 49.32 9.65
C SER F 211 13.02 50.57 8.93
N LEU F 212 11.76 50.58 8.50
CA LEU F 212 11.21 51.78 7.88
C LEU F 212 11.16 52.93 8.88
N LEU F 213 10.77 52.64 10.12
CA LEU F 213 10.77 53.68 11.15
C LEU F 213 12.16 54.20 11.39
N LEU F 214 13.15 53.32 11.41
CA LEU F 214 14.53 53.74 11.62
C LEU F 214 15.00 54.65 10.51
N ASN F 215 14.70 54.28 9.26
CA ASN F 215 15.13 55.11 8.15
C ASN F 215 14.40 56.45 8.12
N VAL F 216 13.12 56.44 8.50
CA VAL F 216 12.34 57.68 8.51
C VAL F 216 12.74 58.58 9.67
N LEU F 217 13.28 58.00 10.74
CA LEU F 217 13.87 58.79 11.79
C LEU F 217 15.22 59.34 11.36
N GLU F 218 15.98 58.53 10.64
CA GLU F 218 17.31 58.93 10.20
C GLU F 218 17.24 60.09 9.23
N ILE F 219 16.30 60.04 8.29
CA ILE F 219 16.23 61.07 7.26
C ILE F 219 15.91 62.43 7.87
N TYR F 220 15.12 62.46 8.94
CA TYR F 220 14.88 63.70 9.65
C TYR F 220 16.06 64.08 10.53
N HIS F 221 16.75 63.09 11.11
CA HIS F 221 17.95 63.36 11.89
C HIS F 221 19.03 64.01 11.04
N LEU F 222 19.00 63.78 9.73
CA LEU F 222 19.91 64.46 8.82
C LEU F 222 19.40 65.85 8.49
N GLY G 2 -33.24 -19.34 -1.95
CA GLY G 2 -32.70 -20.20 -0.93
C GLY G 2 -33.29 -21.59 -0.95
N ASP G 3 -33.25 -22.25 0.21
CA ASP G 3 -33.79 -23.60 0.36
C ASP G 3 -35.26 -23.55 0.78
N TRP G 4 -36.04 -22.83 -0.01
CA TRP G 4 -37.43 -22.56 0.31
C TRP G 4 -38.41 -23.59 -0.24
N SER G 5 -37.94 -24.60 -0.97
CA SER G 5 -38.83 -25.44 -1.74
C SER G 5 -39.77 -26.25 -0.85
N PHE G 6 -39.27 -26.75 0.27
CA PHE G 6 -40.08 -27.64 1.10
C PHE G 6 -41.22 -26.88 1.77
N LEU G 7 -40.92 -25.69 2.28
CA LEU G 7 -41.95 -24.84 2.84
C LEU G 7 -43.03 -24.54 1.80
N GLY G 8 -42.60 -24.25 0.58
CA GLY G 8 -43.56 -23.98 -0.48
C GLY G 8 -44.44 -25.16 -0.79
N ARG G 9 -43.86 -26.35 -0.80
CA ARG G 9 -44.64 -27.56 -1.04
C ARG G 9 -45.67 -27.77 0.07
N LEU G 10 -45.24 -27.65 1.32
CA LEU G 10 -46.16 -27.86 2.44
C LEU G 10 -47.27 -26.83 2.44
N LEU G 11 -46.95 -25.61 2.04
CA LEU G 11 -47.97 -24.57 2.03
C LEU G 11 -48.88 -24.68 0.82
N GLU G 12 -48.39 -25.24 -0.28
CA GLU G 12 -49.29 -25.61 -1.38
C GLU G 12 -50.28 -26.67 -0.92
N ASN G 13 -49.80 -27.63 -0.13
CA ASN G 13 -50.71 -28.59 0.47
C ASN G 13 -51.73 -27.89 1.36
N ALA G 14 -51.28 -26.91 2.14
CA ALA G 14 -52.18 -26.19 3.04
C ALA G 14 -53.15 -25.27 2.31
N GLN G 15 -52.81 -24.84 1.10
CA GLN G 15 -53.66 -23.89 0.38
C GLN G 15 -55.02 -24.50 0.06
N GLU G 16 -55.08 -25.80 -0.19
CA GLU G 16 -56.34 -26.45 -0.49
C GLU G 16 -57.28 -26.45 0.70
N HIS G 17 -56.78 -26.23 1.91
CA HIS G 17 -57.58 -26.21 3.12
C HIS G 17 -57.86 -24.81 3.65
N SER G 18 -57.09 -23.82 3.24
CA SER G 18 -57.28 -22.47 3.74
C SER G 18 -58.41 -21.77 2.99
N THR G 19 -58.92 -20.71 3.60
CA THR G 19 -60.04 -19.98 3.03
C THR G 19 -59.55 -19.12 1.87
N VAL G 20 -60.45 -18.29 1.36
CA VAL G 20 -60.09 -17.39 0.26
C VAL G 20 -59.08 -16.36 0.72
N ILE G 21 -59.40 -15.67 1.81
CA ILE G 21 -58.55 -14.59 2.29
C ILE G 21 -57.23 -15.13 2.81
N GLY G 22 -57.24 -16.33 3.40
CA GLY G 22 -55.99 -16.96 3.78
C GLY G 22 -55.14 -17.31 2.59
N LYS G 23 -55.77 -17.74 1.49
CA LYS G 23 -55.04 -18.01 0.27
C LYS G 23 -54.42 -16.75 -0.29
N VAL G 24 -55.17 -15.64 -0.21
CA VAL G 24 -54.63 -14.34 -0.61
C VAL G 24 -53.42 -14.00 0.23
N TRP G 25 -53.50 -14.23 1.53
CA TRP G 25 -52.39 -13.97 2.42
C TRP G 25 -51.18 -14.80 2.04
N LEU G 26 -51.41 -16.06 1.68
CA LEU G 26 -50.29 -16.94 1.34
C LEU G 26 -49.63 -16.51 0.04
N THR G 27 -50.42 -16.09 -0.93
CA THR G 27 -49.84 -15.59 -2.17
C THR G 27 -49.12 -14.27 -1.95
N VAL G 28 -49.61 -13.44 -1.04
CA VAL G 28 -48.88 -12.25 -0.64
C VAL G 28 -47.55 -12.64 -0.04
N LEU G 29 -47.53 -13.71 0.75
CA LEU G 29 -46.31 -14.14 1.40
C LEU G 29 -45.27 -14.57 0.36
N PHE G 30 -45.68 -15.43 -0.56
CA PHE G 30 -44.71 -15.93 -1.53
C PHE G 30 -44.30 -14.86 -2.53
N ILE G 31 -45.26 -14.15 -3.08
CA ILE G 31 -44.97 -13.21 -4.16
C ILE G 31 -44.18 -12.02 -3.64
N PHE G 32 -44.45 -11.59 -2.42
CA PHE G 32 -43.89 -10.36 -1.88
C PHE G 32 -42.86 -10.62 -0.79
N ARG G 33 -43.23 -11.36 0.25
CA ARG G 33 -42.33 -11.55 1.37
C ARG G 33 -41.11 -12.37 0.96
N ILE G 34 -41.32 -13.54 0.38
CA ILE G 34 -40.24 -14.46 0.15
C ILE G 34 -39.48 -14.10 -1.11
N LEU G 35 -40.20 -13.75 -2.17
CA LEU G 35 -39.55 -13.53 -3.46
C LEU G 35 -38.66 -12.31 -3.42
N VAL G 36 -39.18 -11.20 -2.91
CA VAL G 36 -38.39 -9.98 -2.83
C VAL G 36 -37.23 -10.16 -1.87
N LEU G 37 -37.39 -11.02 -0.89
CA LEU G 37 -36.32 -11.25 0.07
C LEU G 37 -35.20 -12.07 -0.53
N GLY G 38 -35.55 -13.00 -1.41
CA GLY G 38 -34.56 -13.88 -1.99
C GLY G 38 -33.92 -13.38 -3.26
N ALA G 39 -34.65 -12.57 -4.01
CA ALA G 39 -34.24 -12.15 -5.33
C ALA G 39 -33.55 -10.80 -5.33
N ALA G 40 -34.03 -9.87 -4.52
CA ALA G 40 -33.52 -8.51 -4.46
C ALA G 40 -32.69 -8.24 -3.22
N ALA G 41 -33.23 -8.54 -2.05
CA ALA G 41 -32.62 -8.10 -0.81
C ALA G 41 -31.27 -8.73 -0.59
N GLU G 42 -31.13 -10.03 -0.86
CA GLU G 42 -29.85 -10.69 -0.65
C GLU G 42 -28.76 -10.09 -1.51
N GLU G 43 -29.11 -9.51 -2.64
CA GLU G 43 -28.14 -8.78 -3.45
C GLU G 43 -27.85 -7.42 -2.85
N VAL G 44 -28.79 -6.86 -2.10
CA VAL G 44 -28.61 -5.56 -1.48
C VAL G 44 -27.74 -5.67 -0.24
N TRP G 45 -28.14 -6.50 0.69
CA TRP G 45 -27.43 -6.68 1.94
C TRP G 45 -26.23 -7.58 1.81
N GLY G 46 -25.88 -8.02 0.60
CA GLY G 46 -24.70 -8.84 0.43
C GLY G 46 -23.41 -8.10 0.63
N ASP G 47 -23.43 -6.78 0.51
CA ASP G 47 -22.28 -5.91 0.72
C ASP G 47 -22.43 -5.09 1.98
N GLU G 48 -22.95 -5.71 3.03
CA GLU G 48 -23.22 -4.99 4.27
C GLU G 48 -21.98 -4.85 5.13
N GLN G 49 -21.20 -5.92 5.24
CA GLN G 49 -19.99 -5.92 6.05
C GLN G 49 -18.79 -5.44 5.29
N SER G 50 -18.77 -5.65 3.98
CA SER G 50 -17.62 -5.30 3.18
C SER G 50 -17.48 -3.81 3.04
N ASP G 51 -18.48 -3.17 2.45
CA ASP G 51 -18.42 -1.76 2.12
C ASP G 51 -18.86 -0.86 3.25
N PHE G 52 -18.84 -1.34 4.48
CA PHE G 52 -19.07 -0.53 5.67
C PHE G 52 -17.74 0.03 6.08
N THR G 53 -17.40 1.19 5.55
CA THR G 53 -16.09 1.78 5.72
C THR G 53 -16.15 2.83 6.80
N CYS G 54 -15.41 2.60 7.87
CA CYS G 54 -15.26 3.55 8.94
C CYS G 54 -14.13 4.52 8.64
N ASN G 55 -13.96 5.50 9.52
CA ASN G 55 -13.04 6.60 9.34
C ASN G 55 -11.91 6.56 10.35
N THR G 56 -11.33 5.38 10.55
CA THR G 56 -10.21 5.22 11.46
C THR G 56 -9.21 4.21 10.92
N GLN G 57 -8.03 4.22 11.54
CA GLN G 57 -6.99 3.24 11.30
C GLN G 57 -6.98 2.14 12.34
N GLN G 58 -7.81 2.24 13.35
CA GLN G 58 -7.99 1.13 14.28
C GLN G 58 -8.44 -0.09 13.50
N PRO G 59 -7.79 -1.24 13.66
CA PRO G 59 -8.17 -2.39 12.85
C PRO G 59 -9.51 -2.96 13.23
N GLY G 60 -9.81 -3.01 14.51
CA GLY G 60 -11.02 -3.64 14.97
C GLY G 60 -12.25 -2.80 15.02
N CYS G 61 -12.14 -1.51 14.74
CA CYS G 61 -13.27 -0.62 14.92
C CYS G 61 -14.39 -0.93 13.95
N GLU G 62 -14.06 -1.43 12.78
CA GLU G 62 -15.07 -1.67 11.75
C GLU G 62 -15.98 -2.81 12.14
N ASN G 63 -15.41 -3.94 12.57
CA ASN G 63 -16.22 -5.09 12.97
C ASN G 63 -17.14 -4.73 14.10
N VAL G 64 -16.60 -4.09 15.12
CA VAL G 64 -17.38 -3.80 16.29
C VAL G 64 -18.44 -2.76 16.01
N CYS G 65 -18.11 -1.72 15.28
CA CYS G 65 -19.09 -0.69 15.00
C CYS G 65 -20.19 -1.21 14.10
N TYR G 66 -19.88 -2.13 13.20
CA TYR G 66 -20.94 -2.79 12.45
C TYR G 66 -21.87 -3.53 13.38
N ASP G 67 -21.31 -4.37 14.24
CA ASP G 67 -22.14 -5.14 15.16
C ASP G 67 -22.95 -4.24 16.07
N ARG G 68 -22.45 -3.07 16.39
CA ARG G 68 -23.21 -2.14 17.20
C ARG G 68 -24.28 -1.44 16.39
N ALA G 69 -24.09 -1.33 15.09
CA ALA G 69 -25.09 -0.73 14.23
C ALA G 69 -26.19 -1.71 13.89
N PHE G 70 -25.81 -2.84 13.34
CA PHE G 70 -26.71 -3.90 12.91
C PHE G 70 -26.45 -5.15 13.73
N PRO G 71 -27.05 -5.27 14.92
CA PRO G 71 -26.88 -6.49 15.69
C PRO G 71 -27.40 -7.70 14.98
N ILE G 72 -28.44 -7.52 14.19
CA ILE G 72 -28.99 -8.58 13.37
C ILE G 72 -29.52 -7.92 12.11
N SER G 73 -29.02 -8.35 10.97
CA SER G 73 -29.36 -7.71 9.72
C SER G 73 -30.83 -7.86 9.42
N HIS G 74 -31.33 -6.97 8.58
CA HIS G 74 -32.73 -6.99 8.27
C HIS G 74 -33.13 -8.25 7.51
N VAL G 75 -32.21 -8.84 6.77
CA VAL G 75 -32.53 -10.02 5.98
C VAL G 75 -32.79 -11.19 6.92
N ARG G 76 -31.91 -11.41 7.89
CA ARG G 76 -32.11 -12.49 8.82
C ARG G 76 -33.37 -12.27 9.63
N PHE G 77 -33.64 -11.02 9.97
CA PHE G 77 -34.81 -10.71 10.77
C PHE G 77 -36.08 -11.01 10.00
N TRP G 78 -36.11 -10.65 8.72
CA TRP G 78 -37.27 -10.95 7.91
C TRP G 78 -37.42 -12.44 7.68
N VAL G 79 -36.32 -13.16 7.55
CA VAL G 79 -36.40 -14.61 7.40
C VAL G 79 -37.07 -15.23 8.62
N LEU G 80 -36.60 -14.87 9.80
CA LEU G 80 -37.20 -15.39 11.01
C LEU G 80 -38.65 -14.94 11.14
N GLN G 81 -38.96 -13.73 10.66
CA GLN G 81 -40.34 -13.27 10.68
C GLN G 81 -41.21 -14.16 9.84
N ILE G 82 -40.74 -14.50 8.65
CA ILE G 82 -41.48 -15.36 7.74
C ILE G 82 -41.71 -16.72 8.36
N ILE G 83 -40.66 -17.30 8.93
CA ILE G 83 -40.78 -18.61 9.53
C ILE G 83 -41.77 -18.61 10.69
N PHE G 84 -41.61 -17.67 11.60
CA PHE G 84 -42.43 -17.63 12.80
C PHE G 84 -43.87 -17.29 12.46
N VAL G 85 -44.11 -16.60 11.35
CA VAL G 85 -45.46 -16.27 10.93
C VAL G 85 -46.08 -17.39 10.12
N SER G 86 -45.28 -18.22 9.48
CA SER G 86 -45.79 -19.28 8.61
C SER G 86 -45.97 -20.60 9.33
N THR G 87 -45.28 -20.82 10.45
CA THR G 87 -45.44 -22.07 11.18
C THR G 87 -46.87 -22.38 11.58
N PRO G 88 -47.68 -21.43 12.04
CA PRO G 88 -49.06 -21.77 12.41
C PRO G 88 -49.87 -22.38 11.29
N THR G 89 -49.64 -21.96 10.05
CA THR G 89 -50.31 -22.57 8.92
C THR G 89 -50.00 -24.06 8.85
N LEU G 90 -48.75 -24.42 9.06
CA LEU G 90 -48.37 -25.83 8.99
C LEU G 90 -48.87 -26.59 10.20
N ILE G 91 -48.95 -25.94 11.36
CA ILE G 91 -49.60 -26.55 12.51
C ILE G 91 -51.04 -26.91 12.18
N TYR G 92 -51.77 -25.96 11.61
CA TYR G 92 -53.17 -26.18 11.28
C TYR G 92 -53.31 -27.30 10.25
N LEU G 93 -52.46 -27.29 9.22
CA LEU G 93 -52.50 -28.37 8.24
C LEU G 93 -52.26 -29.72 8.90
N GLY G 94 -51.27 -29.80 9.79
CA GLY G 94 -51.04 -31.04 10.49
C GLY G 94 -52.23 -31.48 11.32
N HIS G 95 -52.94 -30.52 11.91
CA HIS G 95 -54.16 -30.86 12.63
C HIS G 95 -55.21 -31.40 11.70
N VAL G 96 -55.25 -30.90 10.46
CA VAL G 96 -56.23 -31.39 9.49
C VAL G 96 -55.89 -32.81 9.06
N LEU G 97 -54.62 -33.05 8.73
CA LEU G 97 -54.21 -34.36 8.27
C LEU G 97 -54.23 -35.36 9.42
N LEU G 142 -62.34 -28.03 13.31
CA LEU G 142 -61.12 -27.50 13.90
C LEU G 142 -61.12 -25.99 13.82
N LEU G 143 -62.27 -25.40 14.12
CA LEU G 143 -62.43 -23.96 14.01
C LEU G 143 -61.53 -23.23 15.02
N ARG G 144 -61.60 -23.63 16.29
CA ARG G 144 -60.78 -23.00 17.31
C ARG G 144 -59.31 -23.12 17.00
N THR G 145 -58.89 -24.22 16.37
CA THR G 145 -57.52 -24.36 15.93
C THR G 145 -57.14 -23.28 14.93
N TYR G 146 -58.00 -23.05 13.95
CA TYR G 146 -57.77 -22.00 12.97
C TYR G 146 -57.71 -20.63 13.63
N VAL G 147 -58.58 -20.39 14.60
CA VAL G 147 -58.59 -19.09 15.27
C VAL G 147 -57.29 -18.86 16.02
N PHE G 148 -56.85 -19.88 16.75
CA PHE G 148 -55.59 -19.77 17.47
C PHE G 148 -54.44 -19.59 16.50
N ASN G 149 -54.52 -20.23 15.34
CA ASN G 149 -53.53 -20.04 14.28
C ASN G 149 -53.44 -18.57 13.87
N ILE G 150 -54.58 -17.95 13.59
CA ILE G 150 -54.52 -16.58 13.09
C ILE G 150 -54.09 -15.61 14.18
N ILE G 151 -54.47 -15.87 15.44
CA ILE G 151 -54.00 -14.93 16.47
C ILE G 151 -52.51 -15.11 16.70
N PHE G 152 -51.99 -16.33 16.55
CA PHE G 152 -50.54 -16.53 16.61
C PHE G 152 -49.86 -15.70 15.54
N LYS G 153 -50.34 -15.79 14.30
CA LYS G 153 -49.79 -14.98 13.23
C LYS G 153 -49.81 -13.50 13.58
N THR G 154 -50.97 -13.01 13.97
CA THR G 154 -51.15 -11.60 14.27
C THR G 154 -50.20 -11.14 15.37
N LEU G 155 -50.13 -11.89 16.46
CA LEU G 155 -49.34 -11.45 17.59
C LEU G 155 -47.86 -11.50 17.27
N PHE G 156 -47.40 -12.57 16.60
CA PHE G 156 -45.99 -12.63 16.26
C PHE G 156 -45.61 -11.53 15.29
N GLU G 157 -46.45 -11.26 14.31
CA GLU G 157 -46.11 -10.25 13.32
C GLU G 157 -46.13 -8.85 13.92
N VAL G 158 -47.06 -8.59 14.83
CA VAL G 158 -47.02 -7.33 15.57
C VAL G 158 -45.73 -7.23 16.36
N GLY G 159 -45.32 -8.34 16.97
CA GLY G 159 -44.06 -8.34 17.69
C GLY G 159 -42.88 -8.05 16.79
N PHE G 160 -42.93 -8.54 15.56
CA PHE G 160 -41.80 -8.36 14.67
C PHE G 160 -41.72 -6.93 14.16
N ILE G 161 -42.86 -6.35 13.79
CA ILE G 161 -42.80 -4.95 13.36
C ILE G 161 -42.39 -4.06 14.52
N ALA G 162 -42.85 -4.39 15.73
CA ALA G 162 -42.46 -3.60 16.90
C ALA G 162 -40.97 -3.73 17.15
N GLY G 163 -40.42 -4.94 17.06
CA GLY G 163 -39.00 -5.11 17.26
C GLY G 163 -38.19 -4.41 16.18
N GLN G 164 -38.65 -4.47 14.95
CA GLN G 164 -37.95 -3.78 13.87
C GLN G 164 -37.93 -2.28 14.12
N TYR G 165 -39.05 -1.72 14.55
CA TYR G 165 -39.06 -0.30 14.91
C TYR G 165 -38.12 -0.02 16.07
N PHE G 166 -38.08 -0.93 17.04
CA PHE G 166 -37.24 -0.71 18.22
C PHE G 166 -35.77 -0.69 17.84
N LEU G 167 -35.36 -1.53 16.90
CA LEU G 167 -33.97 -1.57 16.49
C LEU G 167 -33.66 -0.47 15.49
N TYR G 168 -34.34 -0.46 14.36
CA TYR G 168 -34.10 0.46 13.26
C TYR G 168 -35.42 1.11 12.90
N GLY G 169 -35.54 2.39 13.19
CA GLY G 169 -36.81 3.07 13.04
C GLY G 169 -37.20 3.33 11.61
N PHE G 170 -37.44 2.26 10.87
CA PHE G 170 -37.75 2.26 9.44
C PHE G 170 -36.98 3.31 8.65
N GLN G 171 -35.70 3.48 8.96
CA GLN G 171 -34.82 4.34 8.18
C GLN G 171 -33.36 4.09 8.51
N LEU G 172 -32.57 3.71 7.52
CA LEU G 172 -31.13 3.57 7.68
C LEU G 172 -30.48 4.87 7.27
N LYS G 173 -29.94 5.58 8.22
CA LYS G 173 -29.13 6.73 7.92
C LYS G 173 -27.73 6.28 7.55
N PRO G 174 -27.06 6.99 6.65
CA PRO G 174 -25.71 6.54 6.26
C PRO G 174 -24.71 6.60 7.40
N LEU G 175 -24.77 7.64 8.20
CA LEU G 175 -23.78 7.85 9.24
C LEU G 175 -24.20 7.14 10.53
N TYR G 176 -23.24 6.49 11.16
CA TYR G 176 -23.41 5.96 12.49
C TYR G 176 -22.17 6.31 13.30
N ARG G 177 -22.37 6.93 14.45
CA ARG G 177 -21.28 7.32 15.34
C ARG G 177 -21.20 6.35 16.50
N CYS G 178 -20.11 5.59 16.55
CA CYS G 178 -19.93 4.53 17.52
C CYS G 178 -18.76 4.83 18.45
N ASP G 179 -18.88 4.33 19.67
CA ASP G 179 -17.94 4.58 20.75
C ASP G 179 -17.54 3.31 21.47
N ARG G 180 -17.58 2.18 20.78
CA ARG G 180 -17.10 0.95 21.36
C ARG G 180 -15.61 1.06 21.65
N TRP G 181 -15.11 0.11 22.44
CA TRP G 181 -13.77 0.25 23.01
C TRP G 181 -12.67 0.35 21.98
N PRO G 182 -12.58 -0.51 20.98
CA PRO G 182 -11.51 -0.38 20.01
C PRO G 182 -11.62 0.89 19.21
N CYS G 183 -12.81 1.37 19.00
CA CYS G 183 -13.01 2.63 18.32
C CYS G 183 -12.71 3.78 19.27
N PRO G 184 -11.73 4.62 18.99
CA PRO G 184 -11.46 5.72 19.90
C PRO G 184 -12.26 6.98 19.61
N ASN G 185 -13.02 7.44 20.58
CA ASN G 185 -13.60 8.76 20.56
C ASN G 185 -14.54 8.98 19.37
N THR G 186 -15.61 8.21 19.37
CA THR G 186 -16.81 8.52 18.57
C THR G 186 -16.49 8.56 17.07
N VAL G 187 -16.12 7.40 16.57
CA VAL G 187 -15.78 7.23 15.17
C VAL G 187 -17.01 7.40 14.31
N ASP G 188 -16.84 8.01 13.15
CA ASP G 188 -17.86 8.06 12.12
C ASP G 188 -17.73 6.87 11.20
N CYS G 189 -18.82 6.15 10.99
CA CYS G 189 -18.83 4.98 10.14
C CYS G 189 -20.00 5.05 9.20
N PHE G 190 -19.75 4.82 7.93
CA PHE G 190 -20.72 4.99 6.87
C PHE G 190 -21.21 3.65 6.36
N ILE G 191 -22.47 3.61 5.97
CA ILE G 191 -23.18 2.40 5.61
C ILE G 191 -23.38 2.36 4.11
N SER G 192 -23.46 1.15 3.58
CA SER G 192 -23.65 0.91 2.16
C SER G 192 -25.12 0.72 1.84
N ARG G 193 -25.55 1.35 0.75
CA ARG G 193 -26.93 1.28 0.30
C ARG G 193 -27.95 1.65 1.37
N PRO G 194 -27.83 2.82 1.97
CA PRO G 194 -28.82 3.20 2.97
C PRO G 194 -30.19 3.48 2.41
N THR G 195 -30.26 4.18 1.29
CA THR G 195 -31.55 4.53 0.74
C THR G 195 -32.29 3.30 0.23
N GLU G 196 -31.59 2.44 -0.49
CA GLU G 196 -32.18 1.21 -0.99
C GLU G 196 -32.65 0.32 0.14
N LYS G 197 -31.82 0.20 1.18
CA LYS G 197 -32.21 -0.61 2.32
C LYS G 197 -33.42 -0.02 3.02
N THR G 198 -33.48 1.30 3.10
CA THR G 198 -34.63 1.94 3.69
C THR G 198 -35.88 1.65 2.89
N ILE G 199 -35.77 1.71 1.57
CA ILE G 199 -36.90 1.44 0.71
C ILE G 199 -37.41 0.03 0.92
N PHE G 200 -36.50 -0.93 0.98
CA PHE G 200 -36.95 -2.29 1.13
C PHE G 200 -37.50 -2.54 2.53
N ILE G 201 -36.99 -1.83 3.53
CA ILE G 201 -37.59 -1.90 4.86
C ILE G 201 -39.02 -1.41 4.81
N LEU G 202 -39.25 -0.28 4.17
CA LEU G 202 -40.59 0.26 4.07
C LEU G 202 -41.51 -0.69 3.32
N PHE G 203 -41.03 -1.25 2.22
CA PHE G 203 -41.83 -2.15 1.41
C PHE G 203 -42.22 -3.38 2.21
N MET G 204 -41.27 -3.99 2.91
CA MET G 204 -41.58 -5.19 3.65
C MET G 204 -42.42 -4.89 4.87
N LEU G 205 -42.23 -3.73 5.47
CA LEU G 205 -43.08 -3.34 6.58
C LEU G 205 -44.51 -3.10 6.12
N ALA G 206 -44.67 -2.56 4.92
CA ALA G 206 -46.00 -2.39 4.38
C ALA G 206 -46.63 -3.72 4.06
N VAL G 207 -45.84 -4.66 3.55
CA VAL G 207 -46.34 -6.01 3.31
C VAL G 207 -46.82 -6.63 4.61
N ALA G 208 -46.06 -6.45 5.68
CA ALA G 208 -46.45 -7.02 6.95
C ALA G 208 -47.71 -6.36 7.49
N CYS G 209 -47.82 -5.04 7.36
CA CYS G 209 -49.04 -4.36 7.74
C CYS G 209 -50.23 -4.87 6.94
N VAL G 210 -50.00 -5.17 5.66
CA VAL G 210 -51.08 -5.71 4.84
C VAL G 210 -51.46 -7.10 5.32
N SER G 211 -50.49 -7.89 5.75
CA SER G 211 -50.82 -9.20 6.29
C SER G 211 -51.64 -9.07 7.56
N LEU G 212 -51.31 -8.09 8.39
CA LEU G 212 -52.12 -7.84 9.58
C LEU G 212 -53.53 -7.42 9.20
N LEU G 213 -53.67 -6.56 8.19
CA LEU G 213 -54.99 -6.17 7.73
C LEU G 213 -55.77 -7.37 7.23
N LEU G 214 -55.10 -8.26 6.50
CA LEU G 214 -55.77 -9.44 5.98
C LEU G 214 -56.26 -10.32 7.11
N ASN G 215 -55.42 -10.53 8.13
CA ASN G 215 -55.85 -11.38 9.24
C ASN G 215 -56.95 -10.73 10.05
N VAL G 216 -56.90 -9.41 10.20
CA VAL G 216 -57.93 -8.70 10.95
C VAL G 216 -59.23 -8.62 10.17
N LEU G 217 -59.17 -8.69 8.85
CA LEU G 217 -60.38 -8.84 8.06
C LEU G 217 -60.92 -10.26 8.14
N GLU G 218 -60.01 -11.22 8.16
CA GLU G 218 -60.41 -12.63 8.20
C GLU G 218 -61.11 -12.95 9.50
N ILE G 219 -60.60 -12.46 10.62
CA ILE G 219 -61.16 -12.82 11.91
C ILE G 219 -62.58 -12.29 12.05
N TYR G 220 -62.88 -11.14 11.45
CA TYR G 220 -64.26 -10.67 11.43
C TYR G 220 -65.10 -11.41 10.40
N HIS G 221 -64.50 -11.79 9.28
CA HIS G 221 -65.20 -12.60 8.28
C HIS G 221 -65.65 -13.94 8.86
N LEU G 222 -64.96 -14.43 9.89
CA LEU G 222 -65.37 -15.62 10.59
C LEU G 222 -66.45 -15.30 11.60
N GLY H 2 -28.40 -25.99 0.37
CA GLY H 2 -27.39 -26.98 0.03
C GLY H 2 -27.95 -28.18 -0.70
N ASP H 3 -27.24 -29.30 -0.59
CA ASP H 3 -27.64 -30.54 -1.24
C ASP H 3 -28.52 -31.37 -0.31
N TRP H 4 -29.59 -30.73 0.16
CA TRP H 4 -30.47 -31.29 1.16
C TRP H 4 -31.63 -32.09 0.58
N SER H 5 -31.77 -32.17 -0.74
CA SER H 5 -33.00 -32.67 -1.34
C SER H 5 -33.24 -34.14 -1.02
N PHE H 6 -32.18 -34.95 -1.03
CA PHE H 6 -32.35 -36.38 -0.85
C PHE H 6 -32.79 -36.72 0.56
N LEU H 7 -32.17 -36.07 1.54
CA LEU H 7 -32.60 -36.25 2.92
C LEU H 7 -34.05 -35.87 3.09
N GLY H 8 -34.46 -34.78 2.46
CA GLY H 8 -35.85 -34.35 2.55
C GLY H 8 -36.80 -35.35 1.94
N ARG H 9 -36.42 -35.94 0.81
CA ARG H 9 -37.25 -36.96 0.18
C ARG H 9 -37.39 -38.18 1.08
N LEU H 10 -36.27 -38.65 1.63
CA LEU H 10 -36.32 -39.85 2.47
C LEU H 10 -37.14 -39.59 3.72
N LEU H 11 -37.06 -38.38 4.25
CA LEU H 11 -37.80 -38.07 5.46
C LEU H 11 -39.27 -37.81 5.17
N GLU H 12 -39.61 -37.34 3.96
CA GLU H 12 -41.00 -37.32 3.54
C GLU H 12 -41.55 -38.74 3.47
N ASN H 13 -40.74 -39.67 2.97
CA ASN H 13 -41.15 -41.07 3.02
C ASN H 13 -41.36 -41.53 4.45
N ALA H 14 -40.47 -41.13 5.36
CA ALA H 14 -40.58 -41.54 6.76
C ALA H 14 -41.75 -40.86 7.48
N GLN H 15 -42.20 -39.72 7.01
CA GLN H 15 -43.26 -38.99 7.70
C GLN H 15 -44.56 -39.77 7.73
N GLU H 16 -44.82 -40.56 6.68
CA GLU H 16 -46.03 -41.35 6.63
C GLU H 16 -46.05 -42.44 7.70
N HIS H 17 -44.89 -42.79 8.25
CA HIS H 17 -44.77 -43.82 9.26
C HIS H 17 -44.60 -43.28 10.67
N SER H 18 -44.18 -42.04 10.82
CA SER H 18 -43.96 -41.47 12.14
C SER H 18 -45.26 -41.02 12.77
N THR H 19 -45.23 -40.85 14.08
CA THR H 19 -46.41 -40.47 14.83
C THR H 19 -46.70 -38.99 14.62
N VAL H 20 -47.67 -38.48 15.36
CA VAL H 20 -48.01 -37.07 15.26
C VAL H 20 -46.88 -36.20 15.78
N ILE H 21 -46.42 -36.51 17.00
CA ILE H 21 -45.41 -35.68 17.63
C ILE H 21 -44.08 -35.82 16.91
N GLY H 22 -43.79 -37.00 16.36
CA GLY H 22 -42.61 -37.15 15.52
C GLY H 22 -42.69 -36.34 14.26
N LYS H 23 -43.88 -36.25 13.68
CA LYS H 23 -44.08 -35.41 12.50
C LYS H 23 -43.87 -33.95 12.85
N VAL H 24 -44.35 -33.53 14.02
CA VAL H 24 -44.10 -32.17 14.50
C VAL H 24 -42.61 -31.94 14.63
N TRP H 25 -41.89 -32.90 15.18
CA TRP H 25 -40.45 -32.78 15.31
C TRP H 25 -39.77 -32.64 13.95
N LEU H 26 -40.25 -33.39 12.97
CA LEU H 26 -39.63 -33.34 11.65
C LEU H 26 -39.89 -31.99 10.98
N THR H 27 -41.09 -31.46 11.14
CA THR H 27 -41.37 -30.14 10.58
C THR H 27 -40.59 -29.06 11.31
N VAL H 28 -40.37 -29.23 12.61
CA VAL H 28 -39.48 -28.33 13.34
C VAL H 28 -38.08 -28.41 12.76
N LEU H 29 -37.65 -29.61 12.41
CA LEU H 29 -36.31 -29.78 11.85
C LEU H 29 -36.16 -29.04 10.53
N PHE H 30 -37.09 -29.25 9.62
CA PHE H 30 -36.95 -28.64 8.31
C PHE H 30 -37.19 -27.13 8.37
N ILE H 31 -38.25 -26.70 9.04
CA ILE H 31 -38.63 -25.30 9.01
C ILE H 31 -37.63 -24.45 9.78
N PHE H 32 -37.06 -24.99 10.85
CA PHE H 32 -36.22 -24.22 11.76
C PHE H 32 -34.75 -24.63 11.67
N ARG H 33 -34.44 -25.90 11.85
CA ARG H 33 -33.06 -26.32 11.87
C ARG H 33 -32.40 -26.14 10.51
N ILE H 34 -32.99 -26.71 9.47
CA ILE H 34 -32.33 -26.75 8.18
C ILE H 34 -32.49 -25.44 7.44
N LEU H 35 -33.69 -24.88 7.47
CA LEU H 35 -33.96 -23.70 6.66
C LEU H 35 -33.17 -22.50 7.15
N VAL H 36 -33.20 -22.25 8.45
CA VAL H 36 -32.46 -21.13 9.01
C VAL H 36 -30.97 -21.34 8.85
N LEU H 37 -30.53 -22.58 8.81
CA LEU H 37 -29.12 -22.87 8.66
C LEU H 37 -28.66 -22.61 7.23
N GLY H 38 -29.52 -22.87 6.27
CA GLY H 38 -29.16 -22.74 4.88
C GLY H 38 -29.41 -21.38 4.28
N ALA H 39 -30.40 -20.68 4.81
CA ALA H 39 -30.86 -19.44 4.24
C ALA H 39 -30.24 -18.21 4.89
N ALA H 40 -30.07 -18.25 6.20
CA ALA H 40 -29.57 -17.13 6.97
C ALA H 40 -28.13 -17.34 7.43
N ALA H 41 -27.85 -18.46 8.08
CA ALA H 41 -26.58 -18.63 8.76
C ALA H 41 -25.42 -18.63 7.79
N GLU H 42 -25.55 -19.31 6.67
CA GLU H 42 -24.45 -19.37 5.70
C GLU H 42 -24.08 -17.99 5.18
N GLU H 43 -25.03 -17.07 5.17
CA GLU H 43 -24.72 -15.69 4.83
C GLU H 43 -24.04 -14.97 5.99
N VAL H 44 -24.31 -15.41 7.22
CA VAL H 44 -23.70 -14.80 8.39
C VAL H 44 -22.26 -15.26 8.55
N TRP H 45 -22.05 -16.55 8.64
CA TRP H 45 -20.74 -17.12 8.82
C TRP H 45 -19.91 -17.17 7.55
N GLY H 46 -20.40 -16.61 6.45
CA GLY H 46 -19.64 -16.60 5.22
C GLY H 46 -18.45 -15.67 5.27
N ASP H 47 -18.47 -14.69 6.15
CA ASP H 47 -17.39 -13.74 6.36
C ASP H 47 -16.69 -13.98 7.69
N GLU H 48 -16.48 -15.24 8.03
CA GLU H 48 -15.89 -15.58 9.31
C GLU H 48 -14.38 -15.48 9.29
N GLN H 49 -13.75 -15.95 8.22
CA GLN H 49 -12.31 -15.94 8.09
C GLN H 49 -11.80 -14.66 7.49
N SER H 50 -12.61 -14.03 6.65
CA SER H 50 -12.17 -12.84 5.95
C SER H 50 -12.06 -11.66 6.88
N ASP H 51 -13.18 -11.28 7.50
CA ASP H 51 -13.26 -10.09 8.31
C ASP H 51 -12.85 -10.31 9.75
N PHE H 52 -12.12 -11.36 10.03
CA PHE H 52 -11.52 -11.60 11.35
C PHE H 52 -10.18 -10.90 11.35
N THR H 53 -10.18 -9.64 11.75
CA THR H 53 -9.01 -8.79 11.66
C THR H 53 -8.34 -8.74 13.00
N CYS H 54 -7.11 -9.22 13.05
CA CYS H 54 -6.27 -9.13 14.23
C CYS H 54 -5.53 -7.81 14.25
N ASN H 55 -4.79 -7.58 15.33
CA ASN H 55 -4.13 -6.33 15.61
C ASN H 55 -2.61 -6.49 15.59
N THR H 56 -2.10 -7.18 14.58
CA THR H 56 -0.67 -7.37 14.42
C THR H 56 -0.27 -7.33 12.96
N GLN H 57 1.04 -7.20 12.74
CA GLN H 57 1.66 -7.31 11.43
C GLN H 57 2.24 -8.69 11.17
N GLN H 58 2.22 -9.57 12.16
CA GLN H 58 2.59 -10.94 11.93
C GLN H 58 1.68 -11.52 10.85
N PRO H 59 2.23 -12.14 9.81
CA PRO H 59 1.37 -12.62 8.74
C PRO H 59 0.52 -13.80 9.14
N GLY H 60 1.06 -14.71 9.92
CA GLY H 60 0.36 -15.92 10.25
C GLY H 60 -0.52 -15.87 11.45
N CYS H 61 -0.53 -14.77 12.19
CA CYS H 61 -1.27 -14.74 13.43
C CYS H 61 -2.76 -14.82 13.22
N GLU H 62 -3.26 -14.34 12.10
CA GLU H 62 -4.68 -14.32 11.85
C GLU H 62 -5.23 -15.73 11.66
N ASN H 63 -4.59 -16.52 10.80
CA ASN H 63 -5.03 -17.88 10.56
C ASN H 63 -5.05 -18.69 11.84
N VAL H 64 -3.96 -18.62 12.58
CA VAL H 64 -3.83 -19.44 13.76
C VAL H 64 -4.77 -18.99 14.84
N CYS H 65 -4.90 -17.69 15.05
CA CYS H 65 -5.79 -17.23 16.10
C CYS H 65 -7.24 -17.51 15.76
N TYR H 66 -7.61 -17.49 14.49
CA TYR H 66 -8.94 -17.94 14.12
C TYR H 66 -9.13 -19.39 14.49
N ASP H 67 -8.20 -20.25 14.09
CA ASP H 67 -8.35 -21.66 14.38
C ASP H 67 -8.36 -21.92 15.88
N ARG H 68 -7.71 -21.08 16.66
CA ARG H 68 -7.76 -21.23 18.10
C ARG H 68 -9.05 -20.72 18.67
N ALA H 69 -9.71 -19.79 17.98
CA ALA H 69 -10.99 -19.29 18.44
C ALA H 69 -12.11 -20.22 18.06
N PHE H 70 -12.21 -20.53 16.77
CA PHE H 70 -13.25 -21.37 16.21
C PHE H 70 -12.61 -22.62 15.62
N PRO H 71 -12.36 -23.64 16.43
CA PRO H 71 -11.82 -24.88 15.88
C PRO H 71 -12.72 -25.50 14.87
N ILE H 72 -14.02 -25.35 15.07
CA ILE H 72 -15.02 -25.82 14.14
C ILE H 72 -16.17 -24.84 14.20
N SER H 73 -16.51 -24.27 13.07
CA SER H 73 -17.49 -23.22 13.03
C SER H 73 -18.86 -23.76 13.44
N HIS H 74 -19.72 -22.85 13.87
CA HIS H 74 -21.02 -23.26 14.33
C HIS H 74 -21.87 -23.86 13.22
N VAL H 75 -21.63 -23.44 11.98
CA VAL H 75 -22.43 -23.93 10.87
C VAL H 75 -22.13 -25.40 10.64
N ARG H 76 -20.85 -25.76 10.58
CA ARG H 76 -20.49 -27.15 10.38
C ARG H 76 -20.97 -28.00 11.55
N PHE H 77 -20.90 -27.43 12.75
CA PHE H 77 -21.31 -28.18 13.93
C PHE H 77 -22.80 -28.46 13.89
N TRP H 78 -23.59 -27.47 13.50
CA TRP H 78 -25.02 -27.67 13.39
C TRP H 78 -25.36 -28.64 12.27
N VAL H 79 -24.62 -28.60 11.18
CA VAL H 79 -24.85 -29.55 10.09
C VAL H 79 -24.67 -30.97 10.59
N LEU H 80 -23.54 -31.22 11.25
CA LEU H 80 -23.30 -32.56 11.79
C LEU H 80 -24.33 -32.91 12.84
N GLN H 81 -24.80 -31.94 13.61
CA GLN H 81 -25.84 -32.18 14.58
C GLN H 81 -27.10 -32.68 13.89
N ILE H 82 -27.49 -32.01 12.81
CA ILE H 82 -28.68 -32.37 12.07
C ILE H 82 -28.55 -33.78 11.53
N ILE H 83 -27.41 -34.07 10.93
CA ILE H 83 -27.20 -35.40 10.34
C ILE H 83 -27.27 -36.48 11.41
N PHE H 84 -26.52 -36.30 12.49
CA PHE H 84 -26.44 -37.32 13.52
C PHE H 84 -27.75 -37.49 14.24
N VAL H 85 -28.59 -36.45 14.27
CA VAL H 85 -29.88 -36.54 14.91
C VAL H 85 -30.94 -37.09 13.96
N SER H 86 -30.75 -36.95 12.66
CA SER H 86 -31.73 -37.38 11.69
C SER H 86 -31.51 -38.80 11.20
N THR H 87 -30.30 -39.32 11.30
CA THR H 87 -30.03 -40.69 10.85
C THR H 87 -30.93 -41.74 11.51
N PRO H 88 -31.24 -41.68 12.80
CA PRO H 88 -32.11 -42.71 13.38
C PRO H 88 -33.47 -42.80 12.72
N THR H 89 -34.02 -41.69 12.28
CA THR H 89 -35.29 -41.72 11.56
C THR H 89 -35.18 -42.58 10.32
N LEU H 90 -34.07 -42.45 9.58
CA LEU H 90 -33.90 -43.21 8.36
C LEU H 90 -33.60 -44.67 8.68
N ILE H 91 -32.91 -44.93 9.78
CA ILE H 91 -32.74 -46.30 10.25
C ILE H 91 -34.10 -46.95 10.48
N TYR H 92 -34.97 -46.25 11.21
CA TYR H 92 -36.29 -46.80 11.51
C TYR H 92 -37.09 -47.03 10.24
N LEU H 93 -37.06 -46.06 9.32
CA LEU H 93 -37.76 -46.24 8.04
C LEU H 93 -37.23 -47.47 7.31
N GLY H 94 -35.92 -47.64 7.26
CA GLY H 94 -35.36 -48.82 6.63
C GLY H 94 -35.82 -50.10 7.29
N HIS H 95 -35.96 -50.09 8.61
CA HIS H 95 -36.49 -51.25 9.31
C HIS H 95 -37.93 -51.51 8.92
N VAL H 96 -38.68 -50.45 8.65
CA VAL H 96 -40.08 -50.62 8.24
C VAL H 96 -40.15 -51.21 6.84
N LEU H 97 -39.38 -50.66 5.92
CA LEU H 97 -39.41 -51.12 4.54
C LEU H 97 -38.77 -52.50 4.43
N LEU H 142 -42.34 -53.07 15.46
CA LEU H 142 -40.98 -52.55 15.58
C LEU H 142 -40.94 -51.45 16.63
N LEU H 143 -41.64 -51.70 17.73
CA LEU H 143 -41.74 -50.70 18.79
C LEU H 143 -40.39 -50.42 19.43
N ARG H 144 -39.68 -51.48 19.83
CA ARG H 144 -38.37 -51.31 20.45
C ARG H 144 -37.40 -50.59 19.52
N THR H 145 -37.53 -50.81 18.21
CA THR H 145 -36.72 -50.08 17.24
C THR H 145 -36.98 -48.59 17.33
N TYR H 146 -38.25 -48.21 17.38
CA TYR H 146 -38.63 -46.80 17.52
C TYR H 146 -38.09 -46.22 18.82
N VAL H 147 -38.16 -46.98 19.91
CA VAL H 147 -37.69 -46.48 21.19
C VAL H 147 -36.18 -46.23 21.15
N PHE H 148 -35.44 -47.19 20.58
CA PHE H 148 -34.00 -47.01 20.46
C PHE H 148 -33.69 -45.83 19.55
N ASN H 149 -34.51 -45.63 18.52
CA ASN H 149 -34.37 -44.46 17.65
C ASN H 149 -34.47 -43.17 18.46
N ILE H 150 -35.51 -43.04 19.28
CA ILE H 150 -35.70 -41.77 19.98
C ILE H 150 -34.63 -41.58 21.04
N ILE H 151 -34.16 -42.64 21.70
CA ILE H 151 -33.10 -42.41 22.68
C ILE H 151 -31.80 -42.06 21.99
N PHE H 152 -31.56 -42.61 20.79
CA PHE H 152 -30.39 -42.17 20.02
C PHE H 152 -30.46 -40.68 19.75
N LYS H 153 -31.61 -40.21 19.26
CA LYS H 153 -31.79 -38.78 19.02
C LYS H 153 -31.52 -37.98 20.28
N THR H 154 -32.16 -38.36 21.38
CA THR H 154 -32.05 -37.61 22.62
C THR H 154 -30.60 -37.55 23.09
N LEU H 155 -29.91 -38.69 23.10
CA LEU H 155 -28.56 -38.73 23.62
C LEU H 155 -27.60 -37.95 22.74
N PHE H 156 -27.71 -38.11 21.42
CA PHE H 156 -26.82 -37.38 20.54
C PHE H 156 -27.05 -35.89 20.65
N GLU H 157 -28.30 -35.47 20.72
CA GLU H 157 -28.59 -34.04 20.79
C GLU H 157 -28.15 -33.44 22.10
N VAL H 158 -28.31 -34.17 23.20
CA VAL H 158 -27.76 -33.73 24.47
C VAL H 158 -26.25 -33.59 24.35
N GLY H 159 -25.61 -34.55 23.69
CA GLY H 159 -24.18 -34.45 23.48
C GLY H 159 -23.79 -33.23 22.69
N PHE H 160 -24.61 -32.87 21.72
CA PHE H 160 -24.27 -31.75 20.86
C PHE H 160 -24.44 -30.42 21.57
N ILE H 161 -25.53 -30.26 22.33
CA ILE H 161 -25.67 -29.02 23.09
C ILE H 161 -24.58 -28.93 24.15
N ALA H 162 -24.22 -30.06 24.76
CA ALA H 162 -23.14 -30.04 25.74
C ALA H 162 -21.82 -29.66 25.11
N GLY H 163 -21.53 -30.21 23.94
CA GLY H 163 -20.29 -29.86 23.26
C GLY H 163 -20.27 -28.41 22.83
N GLN H 164 -21.40 -27.91 22.35
CA GLN H 164 -21.48 -26.51 21.97
C GLN H 164 -21.22 -25.61 23.16
N TYR H 165 -21.80 -25.93 24.31
CA TYR H 165 -21.52 -25.17 25.52
C TYR H 165 -20.05 -25.27 25.90
N PHE H 166 -19.47 -26.45 25.71
CA PHE H 166 -18.08 -26.65 26.11
C PHE H 166 -17.15 -25.81 25.26
N LEU H 167 -17.45 -25.67 23.97
CA LEU H 167 -16.61 -24.88 23.09
C LEU H 167 -16.92 -23.40 23.22
N TYR H 168 -18.16 -23.00 22.95
CA TYR H 168 -18.59 -21.62 22.92
C TYR H 168 -19.82 -21.50 23.81
N GLY H 169 -19.66 -20.83 24.94
CA GLY H 169 -20.71 -20.80 25.94
C GLY H 169 -21.89 -19.93 25.56
N PHE H 170 -22.59 -20.34 24.51
CA PHE H 170 -23.71 -19.62 23.90
C PHE H 170 -23.53 -18.11 23.89
N GLN H 171 -22.33 -17.65 23.58
CA GLN H 171 -22.08 -16.23 23.39
C GLN H 171 -20.74 -15.99 22.72
N LEU H 172 -20.75 -15.34 21.55
CA LEU H 172 -19.53 -14.94 20.88
C LEU H 172 -19.20 -13.52 21.31
N LYS H 173 -18.15 -13.37 22.06
CA LYS H 173 -17.63 -12.06 22.37
C LYS H 173 -16.78 -11.58 21.20
N PRO H 174 -16.77 -10.28 20.92
CA PRO H 174 -15.97 -9.79 19.80
C PRO H 174 -14.49 -10.01 19.96
N LEU H 175 -13.98 -9.79 21.15
CA LEU H 175 -12.55 -9.86 21.40
C LEU H 175 -12.13 -11.27 21.75
N TYR H 176 -11.02 -11.70 21.17
CA TYR H 176 -10.36 -12.93 21.56
C TYR H 176 -8.87 -12.65 21.65
N ARG H 177 -8.28 -12.98 22.79
CA ARG H 177 -6.86 -12.78 23.04
C ARG H 177 -6.13 -14.11 22.92
N CYS H 178 -5.29 -14.22 21.90
CA CYS H 178 -4.61 -15.45 21.55
C CYS H 178 -3.10 -15.31 21.73
N ASP H 179 -2.47 -16.42 22.04
CA ASP H 179 -1.06 -16.48 22.36
C ASP H 179 -0.37 -17.64 21.63
N ARG H 180 -0.89 -18.02 20.48
CA ARG H 180 -0.21 -19.02 19.67
C ARG H 180 1.13 -18.50 19.22
N TRP H 181 1.96 -19.42 18.72
CA TRP H 181 3.37 -19.10 18.50
C TRP H 181 3.62 -17.97 17.53
N PRO H 182 3.02 -17.94 16.36
CA PRO H 182 3.28 -16.83 15.45
C PRO H 182 2.77 -15.52 16.00
N CYS H 183 1.72 -15.55 16.79
CA CYS H 183 1.20 -14.37 17.42
C CYS H 183 2.09 -14.00 18.61
N PRO H 184 2.75 -12.86 18.61
CA PRO H 184 3.57 -12.52 19.76
C PRO H 184 2.84 -11.81 20.86
N ASN H 185 2.86 -12.38 22.06
CA ASN H 185 2.47 -11.69 23.27
C ASN H 185 1.02 -11.22 23.23
N THR H 186 0.12 -12.20 23.17
CA THR H 186 -1.29 -12.01 23.52
C THR H 186 -1.96 -10.97 22.63
N VAL H 187 -2.04 -11.32 21.36
CA VAL H 187 -2.65 -10.47 20.36
C VAL H 187 -4.14 -10.35 20.59
N ASP H 188 -4.68 -9.16 20.35
CA ASP H 188 -6.11 -8.95 20.33
C ASP H 188 -6.64 -9.19 18.93
N CYS H 189 -7.67 -10.00 18.81
CA CYS H 189 -8.27 -10.32 17.53
C CYS H 189 -9.76 -10.20 17.62
N PHE H 190 -10.37 -9.51 16.67
CA PHE H 190 -11.76 -9.17 16.70
C PHE H 190 -12.54 -10.00 15.69
N ILE H 191 -13.77 -10.31 16.04
CA ILE H 191 -14.62 -11.24 15.31
C ILE H 191 -15.70 -10.47 14.59
N SER H 192 -16.16 -11.02 13.47
CA SER H 192 -17.20 -10.43 12.65
C SER H 192 -18.56 -10.98 13.04
N ARG H 193 -19.53 -10.08 13.12
CA ARG H 193 -20.91 -10.42 13.46
C ARG H 193 -21.02 -11.23 14.76
N PRO H 194 -20.50 -10.72 15.85
CA PRO H 194 -20.63 -11.45 17.10
C PRO H 194 -22.04 -11.50 17.64
N THR H 195 -22.74 -10.38 17.59
CA THR H 195 -24.08 -10.34 18.14
C THR H 195 -25.04 -11.21 17.34
N GLU H 196 -24.98 -11.08 16.03
CA GLU H 196 -25.83 -11.89 15.15
C GLU H 196 -25.54 -13.36 15.32
N LYS H 197 -24.26 -13.73 15.39
CA LYS H 197 -23.91 -15.11 15.57
C LYS H 197 -24.40 -15.62 16.92
N THR H 198 -24.32 -14.78 17.94
CA THR H 198 -24.83 -15.15 19.25
C THR H 198 -26.32 -15.40 19.20
N ILE H 199 -27.04 -14.54 18.50
CA ILE H 199 -28.47 -14.68 18.38
C ILE H 199 -28.83 -15.99 17.70
N PHE H 200 -28.13 -16.32 16.62
CA PHE H 200 -28.45 -17.55 15.93
C PHE H 200 -28.04 -18.77 16.73
N ILE H 201 -26.99 -18.66 17.53
CA ILE H 201 -26.64 -19.73 18.45
C ILE H 201 -27.77 -19.96 19.43
N LEU H 202 -28.28 -18.89 20.01
CA LEU H 202 -29.37 -19.02 20.98
C LEU H 202 -30.61 -19.60 20.33
N PHE H 203 -30.93 -19.15 19.12
CA PHE H 203 -32.11 -19.62 18.42
C PHE H 203 -32.00 -21.11 18.13
N MET H 204 -30.85 -21.55 17.63
CA MET H 204 -30.71 -22.95 17.29
C MET H 204 -30.60 -23.81 18.53
N LEU H 205 -30.01 -23.29 19.59
CA LEU H 205 -29.97 -24.02 20.85
C LEU H 205 -31.37 -24.17 21.43
N ALA H 206 -32.20 -23.16 21.27
CA ALA H 206 -33.58 -23.26 21.72
C ALA H 206 -34.34 -24.26 20.89
N VAL H 207 -34.08 -24.29 19.59
CA VAL H 207 -34.71 -25.29 18.72
C VAL H 207 -34.32 -26.68 19.17
N ALA H 208 -33.04 -26.88 19.51
CA ALA H 208 -32.60 -28.19 19.94
C ALA H 208 -33.22 -28.57 21.28
N CYS H 209 -33.32 -27.62 22.19
CA CYS H 209 -34.00 -27.88 23.45
C CYS H 209 -35.46 -28.25 23.21
N VAL H 210 -36.08 -27.62 22.23
CA VAL H 210 -37.47 -27.95 21.90
C VAL H 210 -37.55 -29.35 21.34
N SER H 211 -36.57 -29.75 20.54
CA SER H 211 -36.56 -31.12 20.04
C SER H 211 -36.42 -32.12 21.18
N LEU H 212 -35.59 -31.79 22.16
CA LEU H 212 -35.48 -32.65 23.32
C LEU H 212 -36.80 -32.72 24.08
N LEU H 213 -37.48 -31.58 24.23
CA LEU H 213 -38.78 -31.59 24.89
C LEU H 213 -39.77 -32.45 24.12
N LEU H 214 -39.75 -32.35 22.79
CA LEU H 214 -40.65 -33.14 21.98
C LEU H 214 -40.40 -34.63 22.16
N ASN H 215 -39.13 -35.02 22.16
CA ASN H 215 -38.82 -36.44 22.32
C ASN H 215 -39.15 -36.93 23.72
N VAL H 216 -38.95 -36.07 24.73
CA VAL H 216 -39.25 -36.46 26.10
C VAL H 216 -40.75 -36.49 26.34
N LEU H 217 -41.52 -35.73 25.58
CA LEU H 217 -42.97 -35.87 25.62
C LEU H 217 -43.42 -37.12 24.89
N GLU H 218 -42.75 -37.42 23.78
CA GLU H 218 -43.11 -38.58 22.98
C GLU H 218 -42.88 -39.87 23.75
N ILE H 219 -41.76 -39.97 24.44
CA ILE H 219 -41.41 -41.21 25.13
C ILE H 219 -42.42 -41.53 26.22
N TYR H 220 -42.97 -40.49 26.87
CA TYR H 220 -44.04 -40.72 27.85
C TYR H 220 -45.38 -40.98 27.16
N HIS H 221 -45.61 -40.33 26.02
CA HIS H 221 -46.82 -40.60 25.25
C HIS H 221 -46.89 -42.05 24.80
N LEU H 222 -45.75 -42.71 24.66
CA LEU H 222 -45.70 -44.12 24.35
C LEU H 222 -45.91 -44.95 25.62
N GLY I 2 -23.54 -29.99 -5.43
CA GLY I 2 -23.02 -30.05 -6.77
C GLY I 2 -23.97 -30.69 -7.76
N ASP I 3 -23.40 -31.23 -8.84
CA ASP I 3 -24.19 -31.88 -9.88
C ASP I 3 -24.35 -33.37 -9.58
N TRP I 4 -24.87 -33.64 -8.39
CA TRP I 4 -24.98 -34.99 -7.87
C TRP I 4 -26.29 -35.68 -8.21
N SER I 5 -27.21 -35.00 -8.90
CA SER I 5 -28.58 -35.51 -9.00
C SER I 5 -28.65 -36.81 -9.78
N PHE I 6 -27.87 -36.93 -10.85
CA PHE I 6 -27.99 -38.10 -11.72
C PHE I 6 -27.47 -39.35 -11.01
N LEU I 7 -26.34 -39.23 -10.33
CA LEU I 7 -25.83 -40.34 -9.54
C LEU I 7 -26.86 -40.78 -8.51
N GLY I 8 -27.50 -39.81 -7.85
CA GLY I 8 -28.51 -40.15 -6.87
C GLY I 8 -29.69 -40.88 -7.47
N ARG I 9 -30.13 -40.46 -8.66
CA ARG I 9 -31.22 -41.14 -9.33
C ARG I 9 -30.85 -42.57 -9.68
N LEU I 10 -29.65 -42.76 -10.25
CA LEU I 10 -29.24 -44.11 -10.65
C LEU I 10 -29.09 -45.01 -9.44
N LEU I 11 -28.63 -44.45 -8.32
CA LEU I 11 -28.47 -45.26 -7.12
C LEU I 11 -29.79 -45.50 -6.41
N GLU I 12 -30.75 -44.61 -6.55
CA GLU I 12 -32.11 -44.93 -6.11
C GLU I 12 -32.67 -46.09 -6.91
N ASN I 13 -32.40 -46.11 -8.22
CA ASN I 13 -32.77 -47.28 -9.02
C ASN I 13 -32.07 -48.54 -8.50
N ALA I 14 -30.80 -48.42 -8.15
CA ALA I 14 -30.04 -49.57 -7.66
C ALA I 14 -30.48 -50.02 -6.27
N GLN I 15 -31.07 -49.13 -5.48
CA GLN I 15 -31.42 -49.48 -4.10
C GLN I 15 -32.47 -50.56 -4.06
N GLU I 16 -33.36 -50.60 -5.04
CA GLU I 16 -34.39 -51.63 -5.08
C GLU I 16 -33.82 -53.02 -5.30
N HIS I 17 -32.57 -53.11 -5.80
CA HIS I 17 -31.92 -54.37 -6.08
C HIS I 17 -30.89 -54.76 -5.04
N SER I 18 -30.40 -53.81 -4.25
CA SER I 18 -29.38 -54.11 -3.27
C SER I 18 -29.99 -54.70 -2.00
N THR I 19 -29.14 -55.35 -1.21
CA THR I 19 -29.59 -56.02 0.00
C THR I 19 -29.87 -54.99 1.08
N VAL I 20 -30.13 -55.47 2.28
CA VAL I 20 -30.39 -54.58 3.40
C VAL I 20 -29.13 -53.82 3.77
N ILE I 21 -28.05 -54.55 3.98
CA ILE I 21 -26.81 -53.93 4.43
C ILE I 21 -26.22 -53.05 3.34
N GLY I 22 -26.40 -53.43 2.08
CA GLY I 22 -25.98 -52.55 1.00
C GLY I 22 -26.79 -51.27 0.95
N LYS I 23 -28.08 -51.35 1.26
CA LYS I 23 -28.91 -50.17 1.34
C LYS I 23 -28.44 -49.27 2.47
N VAL I 24 -28.09 -49.87 3.61
CA VAL I 24 -27.52 -49.11 4.71
C VAL I 24 -26.25 -48.40 4.28
N TRP I 25 -25.41 -49.10 3.53
CA TRP I 25 -24.17 -48.50 3.02
C TRP I 25 -24.48 -47.32 2.11
N LEU I 26 -25.50 -47.45 1.28
CA LEU I 26 -25.83 -46.38 0.34
C LEU I 26 -26.37 -45.16 1.07
N THR I 27 -27.18 -45.38 2.10
CA THR I 27 -27.67 -44.26 2.88
C THR I 27 -26.55 -43.62 3.68
N VAL I 28 -25.58 -44.41 4.13
CA VAL I 28 -24.39 -43.85 4.75
C VAL I 28 -23.65 -42.98 3.75
N LEU I 29 -23.60 -43.42 2.50
CA LEU I 29 -22.89 -42.67 1.48
C LEU I 29 -23.55 -41.32 1.26
N PHE I 30 -24.85 -41.30 1.05
CA PHE I 30 -25.52 -40.04 0.75
C PHE I 30 -25.58 -39.14 1.97
N ILE I 31 -25.98 -39.68 3.11
CA ILE I 31 -26.21 -38.84 4.28
C ILE I 31 -24.91 -38.30 4.83
N PHE I 32 -23.82 -39.06 4.74
CA PHE I 32 -22.57 -38.73 5.38
C PHE I 32 -21.50 -38.34 4.37
N ARG I 33 -21.21 -39.20 3.40
CA ARG I 33 -20.12 -38.93 2.48
C ARG I 33 -20.44 -37.73 1.60
N ILE I 34 -21.57 -37.76 0.92
CA ILE I 34 -21.86 -36.76 -0.09
C ILE I 34 -22.36 -35.48 0.54
N LEU I 35 -23.26 -35.60 1.51
CA LEU I 35 -23.91 -34.42 2.06
C LEU I 35 -22.92 -33.55 2.81
N VAL I 36 -22.12 -34.15 3.69
CA VAL I 36 -21.14 -33.40 4.44
C VAL I 36 -20.08 -32.83 3.53
N LEU I 37 -19.83 -33.49 2.41
CA LEU I 37 -18.83 -33.01 1.48
C LEU I 37 -19.34 -31.80 0.70
N GLY I 38 -20.61 -31.77 0.41
CA GLY I 38 -21.17 -30.70 -0.39
C GLY I 38 -21.67 -29.52 0.39
N ALA I 39 -22.07 -29.76 1.62
CA ALA I 39 -22.73 -28.74 2.44
C ALA I 39 -21.77 -28.02 3.37
N ALA I 40 -20.83 -28.76 3.95
CA ALA I 40 -19.89 -28.23 4.92
C ALA I 40 -18.50 -28.05 4.36
N ALA I 41 -17.94 -29.09 3.75
CA ALA I 41 -16.54 -29.08 3.40
C ALA I 41 -16.20 -28.03 2.37
N GLU I 42 -17.05 -27.89 1.34
CA GLU I 42 -16.79 -26.92 0.30
C GLU I 42 -16.73 -25.50 0.85
N GLU I 43 -17.45 -25.24 1.95
CA GLU I 43 -17.33 -23.96 2.62
C GLU I 43 -16.04 -23.87 3.42
N VAL I 44 -15.52 -25.01 3.86
CA VAL I 44 -14.28 -25.03 4.63
C VAL I 44 -13.08 -24.84 3.73
N TRP I 45 -12.93 -25.70 2.74
CA TRP I 45 -11.82 -25.66 1.83
C TRP I 45 -11.96 -24.60 0.76
N GLY I 46 -12.99 -23.77 0.81
CA GLY I 46 -13.14 -22.72 -0.16
C GLY I 46 -12.13 -21.61 -0.03
N ASP I 47 -11.54 -21.47 1.15
CA ASP I 47 -10.52 -20.48 1.44
C ASP I 47 -9.16 -21.13 1.64
N GLU I 48 -8.86 -22.12 0.82
CA GLU I 48 -7.63 -22.87 0.97
C GLU I 48 -6.44 -22.17 0.33
N GLN I 49 -6.64 -21.61 -0.86
CA GLN I 49 -5.58 -20.92 -1.58
C GLN I 49 -5.48 -19.47 -1.20
N SER I 50 -6.60 -18.87 -0.83
CA SER I 50 -6.62 -17.45 -0.53
C SER I 50 -5.89 -17.14 0.77
N ASP I 51 -6.37 -17.70 1.86
CA ASP I 51 -5.87 -17.40 3.18
C ASP I 51 -4.67 -18.23 3.59
N PHE I 52 -3.98 -18.82 2.63
CA PHE I 52 -2.71 -19.51 2.87
C PHE I 52 -1.63 -18.47 2.76
N THR I 53 -1.30 -17.84 3.88
CA THR I 53 -0.40 -16.71 3.91
C THR I 53 0.97 -17.19 4.34
N CYS I 54 1.93 -17.04 3.45
CA CYS I 54 3.32 -17.33 3.74
C CYS I 54 4.00 -16.11 4.36
N ASN I 55 5.25 -16.30 4.75
CA ASN I 55 6.02 -15.31 5.49
C ASN I 55 7.18 -14.78 4.67
N THR I 56 6.92 -14.46 3.40
CA THR I 56 7.95 -13.90 2.53
C THR I 56 7.36 -12.85 1.61
N GLN I 57 8.25 -12.09 0.99
CA GLN I 57 7.93 -11.13 -0.05
C GLN I 57 8.16 -11.69 -1.45
N GLN I 58 8.69 -12.90 -1.55
CA GLN I 58 8.77 -13.57 -2.83
C GLN I 58 7.36 -13.70 -3.40
N PRO I 59 7.12 -13.29 -4.64
CA PRO I 59 5.75 -13.34 -5.14
C PRO I 59 5.25 -14.75 -5.39
N GLY I 60 6.11 -15.61 -5.89
CA GLY I 60 5.70 -16.94 -6.26
C GLY I 60 5.76 -17.99 -5.19
N CYS I 61 6.26 -17.65 -4.02
CA CYS I 61 6.45 -18.67 -3.00
C CYS I 61 5.14 -19.23 -2.49
N GLU I 62 4.09 -18.43 -2.51
CA GLU I 62 2.81 -18.86 -1.95
C GLU I 62 2.20 -19.95 -2.81
N ASN I 63 2.13 -19.73 -4.13
CA ASN I 63 1.55 -20.71 -5.04
C ASN I 63 2.28 -22.03 -4.95
N VAL I 64 3.59 -21.97 -5.00
CA VAL I 64 4.38 -23.18 -5.03
C VAL I 64 4.33 -23.91 -3.72
N CYS I 65 4.43 -23.18 -2.61
CA CYS I 65 4.41 -23.85 -1.33
C CYS I 65 3.05 -24.44 -1.04
N TYR I 66 1.97 -23.82 -1.52
CA TYR I 66 0.67 -24.47 -1.43
C TYR I 66 0.66 -25.78 -2.18
N ASP I 67 1.10 -25.74 -3.44
CA ASP I 67 1.10 -26.97 -4.23
C ASP I 67 1.98 -28.03 -3.63
N ARG I 68 3.03 -27.64 -2.92
CA ARG I 68 3.86 -28.62 -2.26
C ARG I 68 3.23 -29.13 -0.99
N ALA I 69 2.34 -28.35 -0.39
CA ALA I 69 1.64 -28.80 0.80
C ALA I 69 0.47 -29.69 0.45
N PHE I 70 -0.41 -29.19 -0.39
CA PHE I 70 -1.61 -29.87 -0.82
C PHE I 70 -1.54 -30.12 -2.32
N PRO I 71 -0.91 -31.20 -2.74
CA PRO I 71 -0.90 -31.51 -4.17
C PRO I 71 -2.26 -31.73 -4.73
N ILE I 72 -3.15 -32.27 -3.91
CA ILE I 72 -4.54 -32.47 -4.28
C ILE I 72 -5.35 -32.30 -3.01
N SER I 73 -6.28 -31.37 -3.04
CA SER I 73 -7.02 -31.03 -1.84
C SER I 73 -7.87 -32.21 -1.40
N HIS I 74 -8.23 -32.19 -0.13
CA HIS I 74 -8.99 -33.29 0.43
C HIS I 74 -10.36 -33.39 -0.19
N VAL I 75 -10.92 -32.27 -0.65
CA VAL I 75 -12.26 -32.29 -1.21
C VAL I 75 -12.25 -33.05 -2.54
N ARG I 76 -11.31 -32.73 -3.41
CA ARG I 76 -11.21 -33.43 -4.67
C ARG I 76 -10.92 -34.90 -4.45
N PHE I 77 -10.10 -35.19 -3.46
CA PHE I 77 -9.74 -36.57 -3.19
C PHE I 77 -10.94 -37.36 -2.73
N TRP I 78 -11.75 -36.78 -1.86
CA TRP I 78 -12.96 -37.44 -1.40
C TRP I 78 -13.97 -37.59 -2.51
N VAL I 79 -14.05 -36.62 -3.41
CA VAL I 79 -14.96 -36.73 -4.54
C VAL I 79 -14.59 -37.93 -5.39
N LEU I 80 -13.31 -38.03 -5.75
CA LEU I 80 -12.87 -39.16 -6.53
C LEU I 80 -13.04 -40.46 -5.77
N GLN I 81 -12.89 -40.43 -4.45
CA GLN I 81 -13.13 -41.61 -3.64
C GLN I 81 -14.56 -42.08 -3.77
N ILE I 82 -15.49 -41.12 -3.68
CA ILE I 82 -16.91 -41.44 -3.78
C ILE I 82 -17.21 -42.04 -5.14
N ILE I 83 -16.71 -41.42 -6.19
CA ILE I 83 -16.99 -41.90 -7.53
C ILE I 83 -16.44 -43.30 -7.73
N PHE I 84 -15.17 -43.51 -7.37
CA PHE I 84 -14.54 -44.79 -7.62
C PHE I 84 -15.12 -45.88 -6.76
N VAL I 85 -15.70 -45.52 -5.62
CA VAL I 85 -16.33 -46.49 -4.74
C VAL I 85 -17.77 -46.75 -5.15
N SER I 86 -18.42 -45.81 -5.81
CA SER I 86 -19.82 -45.95 -6.18
C SER I 86 -20.03 -46.54 -7.56
N THR I 87 -19.03 -46.47 -8.43
CA THR I 87 -19.18 -47.04 -9.77
C THR I 87 -19.55 -48.52 -9.78
N PRO I 88 -18.99 -49.38 -8.91
CA PRO I 88 -19.38 -50.79 -8.95
C PRO I 88 -20.85 -51.04 -8.74
N THR I 89 -21.50 -50.22 -7.91
CA THR I 89 -22.93 -50.35 -7.73
C THR I 89 -23.67 -50.17 -9.05
N LEU I 90 -23.24 -49.18 -9.83
CA LEU I 90 -23.90 -48.93 -11.11
C LEU I 90 -23.55 -49.99 -12.13
N ILE I 91 -22.34 -50.54 -12.06
CA ILE I 91 -22.00 -51.69 -12.88
C ILE I 91 -22.95 -52.84 -12.60
N TYR I 92 -23.16 -53.14 -11.31
CA TYR I 92 -24.04 -54.24 -10.94
C TYR I 92 -25.47 -53.99 -11.40
N LEU I 93 -25.95 -52.77 -11.20
CA LEU I 93 -27.29 -52.42 -11.68
C LEU I 93 -27.40 -52.63 -13.18
N GLY I 94 -26.42 -52.17 -13.94
CA GLY I 94 -26.43 -52.39 -15.37
C GLY I 94 -26.45 -53.86 -15.74
N HIS I 95 -25.74 -54.68 -14.97
CA HIS I 95 -25.79 -56.11 -15.19
C HIS I 95 -27.19 -56.66 -14.93
N VAL I 96 -27.89 -56.08 -13.96
CA VAL I 96 -29.23 -56.54 -13.65
C VAL I 96 -30.19 -56.15 -14.76
N LEU I 97 -30.13 -54.90 -15.21
CA LEU I 97 -31.02 -54.42 -16.25
C LEU I 97 -30.67 -55.05 -17.59
N LEU I 142 -26.70 -63.44 -10.60
CA LEU I 142 -25.54 -62.59 -10.79
C LEU I 142 -24.80 -62.42 -9.47
N LEU I 143 -24.67 -63.53 -8.76
CA LEU I 143 -24.05 -63.51 -7.44
C LEU I 143 -22.58 -63.13 -7.53
N ARG I 144 -21.83 -63.80 -8.41
CA ARG I 144 -20.41 -63.51 -8.57
C ARG I 144 -20.19 -62.07 -8.98
N THR I 145 -21.11 -61.51 -9.76
CA THR I 145 -21.03 -60.09 -10.11
C THR I 145 -21.09 -59.22 -8.88
N TYR I 146 -22.04 -59.51 -7.99
CA TYR I 146 -22.17 -58.77 -6.74
C TYR I 146 -20.91 -58.90 -5.88
N VAL I 147 -20.34 -60.11 -5.84
CA VAL I 147 -19.15 -60.33 -5.03
C VAL I 147 -17.99 -59.50 -5.56
N PHE I 148 -17.80 -59.53 -6.88
CA PHE I 148 -16.74 -58.73 -7.48
C PHE I 148 -16.99 -57.25 -7.25
N ASN I 149 -18.26 -56.84 -7.26
CA ASN I 149 -18.61 -55.47 -6.94
C ASN I 149 -18.12 -55.08 -5.55
N ILE I 150 -18.42 -55.91 -4.55
CA ILE I 150 -18.07 -55.51 -3.19
C ILE I 150 -16.56 -55.57 -2.98
N ILE I 151 -15.86 -56.50 -3.62
CA ILE I 151 -14.41 -56.49 -3.43
C ILE I 151 -13.79 -55.29 -4.13
N PHE I 152 -14.36 -54.86 -5.26
CA PHE I 152 -13.90 -53.63 -5.89
C PHE I 152 -14.04 -52.46 -4.92
N LYS I 153 -15.22 -52.33 -4.32
CA LYS I 153 -15.43 -51.27 -3.34
C LYS I 153 -14.39 -51.34 -2.23
N THR I 154 -14.24 -52.51 -1.63
CA THR I 154 -13.34 -52.69 -0.51
C THR I 154 -11.91 -52.33 -0.88
N LEU I 155 -11.43 -52.84 -2.01
CA LEU I 155 -10.05 -52.62 -2.38
C LEU I 155 -9.80 -51.16 -2.72
N PHE I 156 -10.71 -50.53 -3.47
CA PHE I 156 -10.50 -49.14 -3.83
C PHE I 156 -10.54 -48.26 -2.59
N GLU I 157 -11.46 -48.53 -1.67
CA GLU I 157 -11.57 -47.70 -0.49
C GLU I 157 -10.37 -47.88 0.44
N VAL I 158 -9.86 -49.10 0.55
CA VAL I 158 -8.62 -49.31 1.29
C VAL I 158 -7.49 -48.52 0.63
N GLY I 159 -7.45 -48.53 -0.70
CA GLY I 159 -6.45 -47.74 -1.40
C GLY I 159 -6.57 -46.27 -1.12
N PHE I 160 -7.79 -45.78 -0.99
CA PHE I 160 -7.99 -44.36 -0.78
C PHE I 160 -7.62 -43.94 0.63
N ILE I 161 -7.99 -44.72 1.64
CA ILE I 161 -7.57 -44.37 2.99
C ILE I 161 -6.06 -44.48 3.11
N ALA I 162 -5.46 -45.47 2.45
CA ALA I 162 -4.01 -45.60 2.48
C ALA I 162 -3.33 -44.41 1.81
N GLY I 163 -3.85 -43.97 0.66
CA GLY I 163 -3.28 -42.82 0.00
C GLY I 163 -3.44 -41.56 0.81
N GLN I 164 -4.61 -41.40 1.44
CA GLN I 164 -4.82 -40.23 2.28
C GLN I 164 -3.84 -40.21 3.43
N TYR I 165 -3.60 -41.36 4.07
CA TYR I 165 -2.60 -41.42 5.12
C TYR I 165 -1.22 -41.10 4.56
N PHE I 166 -0.92 -41.57 3.34
CA PHE I 166 0.40 -41.37 2.78
C PHE I 166 0.65 -39.89 2.51
N LEU I 167 -0.38 -39.17 2.07
CA LEU I 167 -0.22 -37.75 1.80
C LEU I 167 -0.29 -36.92 3.07
N TYR I 168 -1.42 -37.01 3.78
CA TYR I 168 -1.69 -36.21 4.97
C TYR I 168 -2.10 -37.15 6.08
N GLY I 169 -1.25 -37.30 7.08
CA GLY I 169 -1.46 -38.30 8.09
C GLY I 169 -2.57 -37.97 9.07
N PHE I 170 -3.79 -37.90 8.55
CA PHE I 170 -5.00 -37.52 9.27
C PHE I 170 -4.78 -36.39 10.26
N GLN I 171 -4.00 -35.40 9.88
CA GLN I 171 -3.84 -34.20 10.69
C GLN I 171 -3.20 -33.08 9.89
N LEU I 172 -3.88 -31.94 9.76
CA LEU I 172 -3.32 -30.76 9.13
C LEU I 172 -2.72 -29.90 10.22
N LYS I 173 -1.42 -29.81 10.24
CA LYS I 173 -0.75 -28.87 11.11
C LYS I 173 -0.78 -27.49 10.46
N PRO I 174 -0.86 -26.41 11.24
CA PRO I 174 -0.90 -25.09 10.62
C PRO I 174 0.35 -24.72 9.88
N LEU I 175 1.50 -25.05 10.43
CA LEU I 175 2.77 -24.66 9.85
C LEU I 175 3.24 -25.68 8.82
N TYR I 176 3.73 -25.16 7.69
CA TYR I 176 4.41 -25.98 6.71
C TYR I 176 5.66 -25.23 6.27
N ARG I 177 6.81 -25.88 6.36
CA ARG I 177 8.09 -25.31 5.98
C ARG I 177 8.51 -25.85 4.63
N CYS I 178 8.55 -24.98 3.64
CA CYS I 178 8.79 -25.34 2.25
C CYS I 178 10.08 -24.72 1.76
N ASP I 179 10.72 -25.43 0.82
CA ASP I 179 12.02 -25.07 0.29
C ASP I 179 12.06 -25.15 -1.23
N ARG I 180 10.91 -24.96 -1.87
CA ARG I 180 10.88 -24.89 -3.32
C ARG I 180 11.70 -23.71 -3.80
N TRP I 181 11.98 -23.69 -5.10
CA TRP I 181 12.98 -22.77 -5.62
C TRP I 181 12.63 -21.31 -5.43
N PRO I 182 11.44 -20.85 -5.76
CA PRO I 182 11.14 -19.43 -5.55
C PRO I 182 11.16 -19.06 -4.09
N CYS I 183 10.82 -19.99 -3.22
CA CYS I 183 10.87 -19.75 -1.80
C CYS I 183 12.32 -19.83 -1.33
N PRO I 184 12.90 -18.77 -0.81
CA PRO I 184 14.27 -18.87 -0.35
C PRO I 184 14.43 -19.33 1.09
N ASN I 185 15.15 -20.42 1.29
CA ASN I 185 15.62 -20.81 2.59
C ASN I 185 14.48 -21.07 3.58
N THR I 186 13.68 -22.09 3.26
CA THR I 186 12.81 -22.75 4.22
C THR I 186 11.79 -21.77 4.82
N VAL I 187 10.92 -21.31 3.94
CA VAL I 187 9.88 -20.38 4.30
C VAL I 187 8.85 -21.06 5.20
N ASP I 188 8.35 -20.31 6.17
CA ASP I 188 7.22 -20.74 6.98
C ASP I 188 5.93 -20.29 6.32
N CYS I 189 5.00 -21.22 6.14
CA CYS I 189 3.72 -20.93 5.52
C CYS I 189 2.61 -21.52 6.34
N PHE I 190 1.59 -20.73 6.63
CA PHE I 190 0.52 -21.08 7.53
C PHE I 190 -0.75 -21.38 6.76
N ILE I 191 -1.52 -22.32 7.29
CA ILE I 191 -2.68 -22.88 6.63
C ILE I 191 -3.94 -22.37 7.31
N SER I 192 -5.02 -22.29 6.54
CA SER I 192 -6.31 -21.83 7.01
C SER I 192 -7.17 -22.99 7.44
N ARG I 193 -7.84 -22.82 8.58
CA ARG I 193 -8.72 -23.83 9.14
C ARG I 193 -8.05 -25.20 9.29
N PRO I 194 -6.94 -25.28 10.00
CA PRO I 194 -6.32 -26.57 10.17
C PRO I 194 -7.09 -27.50 11.07
N THR I 195 -7.61 -26.99 12.17
CA THR I 195 -8.32 -27.85 13.11
C THR I 195 -9.61 -28.37 12.51
N GLU I 196 -10.38 -27.48 11.88
CA GLU I 196 -11.62 -27.87 11.23
C GLU I 196 -11.37 -28.88 10.13
N LYS I 197 -10.36 -28.64 9.32
CA LYS I 197 -10.04 -29.57 8.25
C LYS I 197 -9.61 -30.91 8.82
N THR I 198 -8.88 -30.91 9.91
CA THR I 198 -8.50 -32.15 10.56
C THR I 198 -9.72 -32.90 11.05
N ILE I 199 -10.66 -32.19 11.63
CA ILE I 199 -11.87 -32.82 12.12
C ILE I 199 -12.64 -33.46 10.99
N PHE I 200 -12.77 -32.77 9.88
CA PHE I 200 -13.52 -33.35 8.78
C PHE I 200 -12.78 -34.49 8.13
N ILE I 201 -11.45 -34.45 8.14
CA ILE I 201 -10.68 -35.59 7.69
C ILE I 201 -10.97 -36.80 8.56
N LEU I 202 -10.95 -36.62 9.87
CA LEU I 202 -11.21 -37.72 10.77
C LEU I 202 -12.62 -38.25 10.59
N PHE I 203 -13.59 -37.36 10.44
CA PHE I 203 -14.98 -37.77 10.27
C PHE I 203 -15.15 -38.59 9.00
N MET I 204 -14.59 -38.11 7.89
CA MET I 204 -14.76 -38.83 6.64
C MET I 204 -13.96 -40.11 6.62
N LEU I 205 -12.82 -40.13 7.28
CA LEU I 205 -12.05 -41.36 7.39
C LEU I 205 -12.78 -42.39 8.23
N ALA I 206 -13.49 -41.93 9.26
CA ALA I 206 -14.29 -42.84 10.05
C ALA I 206 -15.48 -43.36 9.25
N VAL I 207 -16.07 -42.51 8.43
CA VAL I 207 -17.14 -42.94 7.55
C VAL I 207 -16.64 -44.01 6.60
N ALA I 208 -15.45 -43.82 6.06
CA ALA I 208 -14.91 -44.80 5.13
C ALA I 208 -14.59 -46.11 5.83
N CYS I 209 -14.04 -46.03 7.04
CA CYS I 209 -13.83 -47.24 7.83
C CYS I 209 -15.13 -47.95 8.10
N VAL I 210 -16.20 -47.20 8.33
CA VAL I 210 -17.49 -47.81 8.56
C VAL I 210 -18.00 -48.48 7.31
N SER I 211 -17.74 -47.89 6.15
CA SER I 211 -18.12 -48.53 4.91
C SER I 211 -17.37 -49.83 4.71
N LEU I 212 -16.09 -49.84 5.08
CA LEU I 212 -15.33 -51.08 5.02
C LEU I 212 -15.90 -52.12 5.96
N LEU I 213 -16.29 -51.71 7.17
CA LEU I 213 -16.91 -52.64 8.11
C LEU I 213 -18.20 -53.18 7.55
N LEU I 214 -18.99 -52.33 6.91
CA LEU I 214 -20.25 -52.77 6.34
C LEU I 214 -20.02 -53.79 5.25
N ASN I 215 -19.05 -53.55 4.38
CA ASN I 215 -18.79 -54.49 3.30
C ASN I 215 -18.21 -55.80 3.83
N VAL I 216 -17.39 -55.72 4.88
CA VAL I 216 -16.79 -56.93 5.46
C VAL I 216 -17.82 -57.71 6.25
N LEU I 217 -18.86 -57.05 6.75
CA LEU I 217 -19.98 -57.76 7.35
C LEU I 217 -20.85 -58.38 6.27
N GLU I 218 -21.02 -57.67 5.16
CA GLU I 218 -21.87 -58.15 4.08
C GLU I 218 -21.29 -59.40 3.44
N ILE I 219 -19.98 -59.41 3.22
CA ILE I 219 -19.36 -60.54 2.52
C ILE I 219 -19.49 -61.82 3.34
N TYR I 220 -19.46 -61.72 4.67
CA TYR I 220 -19.72 -62.88 5.50
C TYR I 220 -21.20 -63.21 5.58
N HIS I 221 -22.06 -62.19 5.55
CA HIS I 221 -23.50 -62.42 5.51
C HIS I 221 -23.91 -63.18 4.28
N LEU I 222 -23.13 -63.08 3.21
CA LEU I 222 -23.37 -63.88 2.01
C LEU I 222 -22.81 -65.28 2.17
N GLY J 2 -23.50 -27.32 -13.56
CA GLY J 2 -23.92 -26.35 -14.55
C GLY J 2 -25.31 -26.60 -15.09
N ASP J 3 -25.57 -26.12 -16.30
CA ASP J 3 -26.86 -26.27 -16.94
C ASP J 3 -26.89 -27.54 -17.78
N TRP J 4 -26.59 -28.65 -17.11
CA TRP J 4 -26.42 -29.94 -17.77
C TRP J 4 -27.69 -30.76 -17.85
N SER J 5 -28.80 -30.27 -17.29
CA SER J 5 -29.97 -31.12 -17.07
C SER J 5 -30.58 -31.60 -18.38
N PHE J 6 -30.63 -30.72 -19.38
CA PHE J 6 -31.32 -31.07 -20.63
C PHE J 6 -30.55 -32.13 -21.39
N LEU J 7 -29.24 -31.98 -21.47
CA LEU J 7 -28.41 -33.02 -22.09
C LEU J 7 -28.61 -34.35 -21.40
N GLY J 8 -28.66 -34.34 -20.07
CA GLY J 8 -28.86 -35.57 -19.33
C GLY J 8 -30.20 -36.21 -19.63
N ARG J 9 -31.25 -35.39 -19.74
CA ARG J 9 -32.56 -35.92 -20.07
C ARG J 9 -32.57 -36.55 -21.46
N LEU J 10 -31.98 -35.85 -22.44
CA LEU J 10 -31.99 -36.38 -23.80
C LEU J 10 -31.16 -37.66 -23.89
N LEU J 11 -30.09 -37.74 -23.12
CA LEU J 11 -29.28 -38.93 -23.15
C LEU J 11 -29.87 -40.08 -22.35
N GLU J 12 -30.68 -39.78 -21.33
CA GLU J 12 -31.49 -40.81 -20.71
C GLU J 12 -32.49 -41.37 -21.71
N ASN J 13 -33.08 -40.51 -22.54
CA ASN J 13 -33.93 -41.00 -23.62
C ASN J 13 -33.13 -41.89 -24.57
N ALA J 14 -31.91 -41.49 -24.89
CA ALA J 14 -31.08 -42.26 -25.81
C ALA J 14 -30.59 -43.57 -25.20
N GLN J 15 -30.51 -43.67 -23.88
CA GLN J 15 -29.97 -44.86 -23.26
C GLN J 15 -30.82 -46.08 -23.53
N GLU J 16 -32.13 -45.89 -23.66
CA GLU J 16 -33.03 -47.01 -23.94
C GLU J 16 -32.78 -47.60 -25.33
N HIS J 17 -32.12 -46.86 -26.22
CA HIS J 17 -31.84 -47.30 -27.58
C HIS J 17 -30.41 -47.76 -27.78
N SER J 18 -29.49 -47.36 -26.91
CA SER J 18 -28.10 -47.73 -27.09
C SER J 18 -27.84 -49.13 -26.57
N THR J 19 -26.73 -49.70 -27.01
CA THR J 19 -26.36 -51.06 -26.66
C THR J 19 -25.86 -51.10 -25.23
N VAL J 20 -25.35 -52.26 -24.82
CA VAL J 20 -24.82 -52.40 -23.47
C VAL J 20 -23.55 -51.58 -23.32
N ILE J 21 -22.61 -51.76 -24.24
CA ILE J 21 -21.32 -51.08 -24.13
C ILE J 21 -21.49 -49.58 -24.33
N GLY J 22 -22.43 -49.17 -25.18
CA GLY J 22 -22.72 -47.76 -25.30
C GLY J 22 -23.31 -47.18 -24.03
N LYS J 23 -24.13 -47.96 -23.35
CA LYS J 23 -24.67 -47.53 -22.06
C LYS J 23 -23.56 -47.37 -21.04
N VAL J 24 -22.61 -48.31 -21.05
CA VAL J 24 -21.44 -48.20 -20.19
C VAL J 24 -20.68 -46.93 -20.49
N TRP J 25 -20.51 -46.63 -21.77
CA TRP J 25 -19.82 -45.40 -22.17
C TRP J 25 -20.56 -44.17 -21.65
N LEU J 26 -21.88 -44.19 -21.72
CA LEU J 26 -22.65 -43.04 -21.28
C LEU J 26 -22.56 -42.84 -19.78
N THR J 27 -22.59 -43.93 -19.03
CA THR J 27 -22.43 -43.82 -17.59
C THR J 27 -21.01 -43.39 -17.22
N VAL J 28 -20.02 -43.80 -18.01
CA VAL J 28 -18.67 -43.28 -17.84
C VAL J 28 -18.66 -41.79 -18.06
N LEU J 29 -19.40 -41.34 -19.06
CA LEU J 29 -19.45 -39.91 -19.37
C LEU J 29 -20.02 -39.12 -18.22
N PHE J 30 -21.17 -39.53 -17.71
CA PHE J 30 -21.81 -38.76 -16.66
C PHE J 30 -21.06 -38.87 -15.34
N ILE J 31 -20.68 -40.08 -14.95
CA ILE J 31 -20.11 -40.29 -13.64
C ILE J 31 -18.72 -39.70 -13.55
N PHE J 32 -17.97 -39.73 -14.64
CA PHE J 32 -16.56 -39.35 -14.65
C PHE J 32 -16.32 -38.05 -15.39
N ARG J 33 -16.74 -37.96 -16.64
CA ARG J 33 -16.45 -36.76 -17.43
C ARG J 33 -17.16 -35.55 -16.89
N ILE J 34 -18.48 -35.64 -16.73
CA ILE J 34 -19.27 -34.47 -16.42
C ILE J 34 -19.21 -34.16 -14.93
N LEU J 35 -19.32 -35.19 -14.10
CA LEU J 35 -19.42 -34.96 -12.66
C LEU J 35 -18.13 -34.40 -12.11
N VAL J 36 -17.00 -35.00 -12.45
CA VAL J 36 -15.72 -34.51 -11.97
C VAL J 36 -15.43 -33.14 -12.53
N LEU J 37 -15.96 -32.83 -13.70
CA LEU J 37 -15.72 -31.54 -14.30
C LEU J 37 -16.52 -30.46 -13.60
N GLY J 38 -17.71 -30.79 -13.15
CA GLY J 38 -18.58 -29.81 -12.54
C GLY J 38 -18.42 -29.66 -11.05
N ALA J 39 -17.99 -30.72 -10.39
CA ALA J 39 -17.95 -30.77 -8.94
C ALA J 39 -16.57 -30.42 -8.38
N ALA J 40 -15.52 -30.89 -9.03
CA ALA J 40 -14.16 -30.70 -8.58
C ALA J 40 -13.40 -29.67 -9.38
N ALA J 41 -13.39 -29.80 -10.70
CA ALA J 41 -12.51 -29.00 -11.53
C ALA J 41 -12.84 -27.53 -11.47
N GLU J 42 -14.11 -27.18 -11.50
CA GLU J 42 -14.49 -25.78 -11.47
C GLU J 42 -14.04 -25.09 -10.19
N GLU J 43 -13.90 -25.86 -9.11
CA GLU J 43 -13.33 -25.32 -7.89
C GLU J 43 -11.82 -25.20 -7.99
N VAL J 44 -11.19 -26.03 -8.83
CA VAL J 44 -9.75 -25.99 -9.01
C VAL J 44 -9.35 -24.83 -9.90
N TRP J 45 -9.89 -24.78 -11.09
CA TRP J 45 -9.58 -23.75 -12.06
C TRP J 45 -10.29 -22.44 -11.80
N GLY J 46 -11.02 -22.32 -10.69
CA GLY J 46 -11.69 -21.09 -10.37
C GLY J 46 -10.74 -19.97 -9.97
N ASP J 47 -9.55 -20.33 -9.52
CA ASP J 47 -8.50 -19.40 -9.13
C ASP J 47 -7.35 -19.41 -10.12
N GLU J 48 -7.68 -19.48 -11.40
CA GLU J 48 -6.66 -19.58 -12.43
C GLU J 48 -6.09 -18.22 -12.80
N GLN J 49 -6.94 -17.21 -12.93
CA GLN J 49 -6.51 -15.87 -13.30
C GLN J 49 -6.12 -15.05 -12.10
N SER J 50 -6.74 -15.33 -10.96
CA SER J 50 -6.49 -14.52 -9.78
C SER J 50 -5.11 -14.76 -9.21
N ASP J 51 -4.84 -16.00 -8.83
CA ASP J 51 -3.61 -16.36 -8.14
C ASP J 51 -2.46 -16.69 -9.08
N PHE J 52 -2.54 -16.25 -10.33
CA PHE J 52 -1.43 -16.34 -11.28
C PHE J 52 -0.60 -15.10 -11.09
N THR J 53 0.38 -15.19 -10.20
CA THR J 53 1.17 -14.05 -9.79
C THR J 53 2.49 -14.07 -10.54
N CYS J 54 2.70 -13.05 -11.34
CA CYS J 54 3.95 -12.84 -12.03
C CYS J 54 4.93 -12.09 -11.14
N ASN J 55 6.15 -11.92 -11.65
CA ASN J 55 7.27 -11.36 -10.91
C ASN J 55 7.70 -10.03 -11.50
N THR J 56 6.74 -9.16 -11.81
CA THR J 56 7.04 -7.84 -12.32
C THR J 56 6.06 -6.80 -11.78
N GLN J 57 6.43 -5.54 -11.97
CA GLN J 57 5.58 -4.40 -11.68
C GLN J 57 4.87 -3.88 -12.91
N GLN J 58 5.15 -4.42 -14.07
CA GLN J 58 4.39 -4.10 -15.26
C GLN J 58 2.93 -4.45 -15.01
N PRO J 59 2.00 -3.52 -15.25
CA PRO J 59 0.61 -3.83 -14.92
C PRO J 59 -0.01 -4.86 -15.84
N GLY J 60 0.31 -4.81 -17.11
CA GLY J 60 -0.31 -5.68 -18.08
C GLY J 60 0.33 -7.01 -18.28
N CYS J 61 1.47 -7.27 -17.67
CA CYS J 61 2.18 -8.50 -17.96
C CYS J 61 1.44 -9.72 -17.49
N GLU J 62 0.65 -9.60 -16.43
CA GLU J 62 -0.04 -10.75 -15.87
C GLU J 62 -1.11 -11.25 -16.82
N ASN J 63 -1.97 -10.35 -17.32
CA ASN J 63 -3.03 -10.73 -18.23
C ASN J 63 -2.47 -11.41 -19.46
N VAL J 64 -1.48 -10.78 -20.05
CA VAL J 64 -0.94 -11.28 -21.30
C VAL J 64 -0.21 -12.58 -21.11
N CYS J 65 0.58 -12.69 -20.06
CA CYS J 65 1.31 -13.92 -19.87
C CYS J 65 0.40 -15.07 -19.51
N TYR J 66 -0.71 -14.80 -18.83
CA TYR J 66 -1.70 -15.84 -18.64
C TYR J 66 -2.25 -16.30 -19.98
N ASP J 67 -2.68 -15.36 -20.80
CA ASP J 67 -3.24 -15.73 -22.10
C ASP J 67 -2.23 -16.46 -22.96
N ARG J 68 -0.95 -16.18 -22.78
CA ARG J 68 0.06 -16.90 -23.53
C ARG J 68 0.31 -18.27 -22.94
N ALA J 69 0.03 -18.45 -21.66
CA ALA J 69 0.19 -19.75 -21.04
C ALA J 69 -0.99 -20.66 -21.33
N PHE J 70 -2.18 -20.17 -21.00
CA PHE J 70 -3.43 -20.88 -21.15
C PHE J 70 -4.31 -20.14 -22.15
N PRO J 71 -4.13 -20.38 -23.44
CA PRO J 71 -5.02 -19.75 -24.41
C PRO J 71 -6.45 -20.13 -24.23
N ILE J 72 -6.67 -21.36 -23.79
CA ILE J 72 -8.00 -21.84 -23.48
C ILE J 72 -7.85 -22.82 -22.33
N SER J 73 -8.55 -22.55 -21.24
CA SER J 73 -8.37 -23.32 -20.04
C SER J 73 -8.83 -24.75 -20.26
N HIS J 74 -8.33 -25.64 -19.43
CA HIS J 74 -8.65 -27.04 -19.58
C HIS J 74 -10.12 -27.31 -19.34
N VAL J 75 -10.77 -26.50 -18.52
CA VAL J 75 -12.17 -26.73 -18.20
C VAL J 75 -13.02 -26.47 -19.44
N ARG J 76 -12.80 -25.35 -20.10
CA ARG J 76 -13.55 -25.04 -21.31
C ARG J 76 -13.26 -26.07 -22.38
N PHE J 77 -12.02 -26.53 -22.45
CA PHE J 77 -11.65 -27.49 -23.47
C PHE J 77 -12.35 -28.81 -23.24
N TRP J 78 -12.42 -29.25 -21.99
CA TRP J 78 -13.12 -30.49 -21.69
C TRP J 78 -14.62 -30.34 -21.91
N VAL J 79 -15.18 -29.17 -21.63
CA VAL J 79 -16.59 -28.96 -21.90
C VAL J 79 -16.89 -29.14 -23.37
N LEU J 80 -16.11 -28.47 -24.21
CA LEU J 80 -16.30 -28.61 -25.64
C LEU J 80 -16.04 -30.03 -26.10
N GLN J 81 -15.11 -30.72 -25.45
CA GLN J 81 -14.87 -32.11 -25.78
C GLN J 81 -16.10 -32.95 -25.52
N ILE J 82 -16.72 -32.73 -24.36
CA ILE J 82 -17.91 -33.48 -23.98
C ILE J 82 -19.02 -33.22 -24.98
N ILE J 83 -19.24 -31.96 -25.30
CA ILE J 83 -20.32 -31.61 -26.23
C ILE J 83 -20.08 -32.25 -27.59
N PHE J 84 -18.89 -32.08 -28.14
CA PHE J 84 -18.60 -32.56 -29.48
C PHE J 84 -18.59 -34.06 -29.54
N VAL J 85 -18.33 -34.72 -28.42
CA VAL J 85 -18.33 -36.17 -28.38
C VAL J 85 -19.73 -36.72 -28.11
N SER J 86 -20.60 -35.95 -27.49
CA SER J 86 -21.93 -36.40 -27.13
C SER J 86 -22.98 -36.08 -28.18
N THR J 87 -22.73 -35.10 -29.04
CA THR J 87 -23.71 -34.77 -30.08
C THR J 87 -24.07 -35.95 -30.99
N PRO J 88 -23.16 -36.82 -31.40
CA PRO J 88 -23.57 -37.94 -32.26
C PRO J 88 -24.61 -38.84 -31.65
N THR J 89 -24.55 -39.03 -30.34
CA THR J 89 -25.58 -39.81 -29.67
C THR J 89 -26.96 -39.22 -29.90
N LEU J 90 -27.06 -37.89 -29.79
CA LEU J 90 -28.34 -37.24 -29.96
C LEU J 90 -28.76 -37.23 -31.43
N ILE J 91 -27.79 -37.15 -32.33
CA ILE J 91 -28.10 -37.32 -33.76
C ILE J 91 -28.73 -38.68 -33.99
N TYR J 92 -28.12 -39.73 -33.44
CA TYR J 92 -28.64 -41.07 -33.64
C TYR J 92 -30.03 -41.22 -33.05
N LEU J 93 -30.22 -40.70 -31.83
CA LEU J 93 -31.55 -40.72 -31.22
C LEU J 93 -32.58 -40.03 -32.10
N GLY J 94 -32.24 -38.85 -32.62
CA GLY J 94 -33.14 -38.16 -33.52
C GLY J 94 -33.47 -38.97 -34.74
N HIS J 95 -32.49 -39.70 -35.26
CA HIS J 95 -32.74 -40.59 -36.39
C HIS J 95 -33.71 -41.71 -36.01
N VAL J 96 -33.62 -42.17 -34.77
CA VAL J 96 -34.52 -43.23 -34.31
C VAL J 96 -35.94 -42.68 -34.17
N LEU J 97 -36.09 -41.54 -33.54
CA LEU J 97 -37.40 -40.96 -33.32
C LEU J 97 -38.00 -40.45 -34.63
N LEU J 142 -31.04 -48.75 -38.84
CA LEU J 142 -30.20 -47.57 -38.87
C LEU J 142 -28.80 -47.93 -38.41
N LEU J 143 -28.31 -49.06 -38.88
CA LEU J 143 -27.01 -49.58 -38.47
C LEU J 143 -25.90 -48.65 -38.92
N ARG J 144 -25.88 -48.28 -40.20
CA ARG J 144 -24.84 -47.41 -40.73
C ARG J 144 -24.84 -46.07 -40.01
N THR J 145 -26.01 -45.59 -39.59
CA THR J 145 -26.09 -44.37 -38.80
C THR J 145 -25.33 -44.53 -37.49
N TYR J 146 -25.55 -45.64 -36.81
CA TYR J 146 -24.83 -45.92 -35.56
C TYR J 146 -23.33 -46.00 -35.79
N VAL J 147 -22.92 -46.63 -36.89
CA VAL J 147 -21.49 -46.76 -37.17
C VAL J 147 -20.87 -45.40 -37.40
N PHE J 148 -21.53 -44.55 -38.19
CA PHE J 148 -21.02 -43.22 -38.42
C PHE J 148 -21.00 -42.43 -37.12
N ASN J 149 -21.98 -42.66 -36.25
CA ASN J 149 -21.98 -42.05 -34.93
C ASN J 149 -20.72 -42.40 -34.15
N ILE J 150 -20.38 -43.68 -34.09
CA ILE J 150 -19.25 -44.06 -33.26
C ILE J 150 -17.94 -43.60 -33.88
N ILE J 151 -17.83 -43.58 -35.21
CA ILE J 151 -16.57 -43.08 -35.77
C ILE J 151 -16.45 -41.58 -35.56
N PHE J 152 -17.57 -40.86 -35.58
CA PHE J 152 -17.53 -39.44 -35.22
C PHE J 152 -16.99 -39.26 -33.82
N LYS J 153 -17.53 -40.01 -32.86
CA LYS J 153 -17.02 -39.95 -31.49
C LYS J 153 -15.54 -40.22 -31.45
N THR J 154 -15.11 -41.33 -32.05
CA THR J 154 -13.71 -41.74 -32.00
C THR J 154 -12.81 -40.67 -32.59
N LEU J 155 -13.16 -40.16 -33.76
CA LEU J 155 -12.29 -39.21 -34.44
C LEU J 155 -12.22 -37.91 -33.69
N PHE J 156 -13.36 -37.40 -33.22
CA PHE J 156 -13.34 -36.14 -32.48
C PHE J 156 -12.55 -36.27 -31.19
N GLU J 157 -12.73 -37.39 -30.48
CA GLU J 157 -12.04 -37.56 -29.22
C GLU J 157 -10.53 -37.73 -29.41
N VAL J 158 -10.13 -38.44 -30.47
CA VAL J 158 -8.72 -38.50 -30.81
C VAL J 158 -8.20 -37.09 -31.10
N GLY J 159 -8.98 -36.30 -31.82
CA GLY J 159 -8.58 -34.93 -32.09
C GLY J 159 -8.42 -34.12 -30.82
N PHE J 160 -9.27 -34.37 -29.84
CA PHE J 160 -9.22 -33.58 -28.62
C PHE J 160 -8.04 -33.97 -27.76
N ILE J 161 -7.75 -35.27 -27.62
CA ILE J 161 -6.58 -35.65 -26.86
C ILE J 161 -5.31 -35.17 -27.57
N ALA J 162 -5.31 -35.21 -28.90
CA ALA J 162 -4.16 -34.72 -29.64
C ALA J 162 -3.97 -33.22 -29.44
N GLY J 163 -5.06 -32.46 -29.49
CA GLY J 163 -4.96 -31.04 -29.27
C GLY J 163 -4.52 -30.70 -27.86
N GLN J 164 -5.03 -31.45 -26.89
CA GLN J 164 -4.62 -31.22 -25.52
C GLN J 164 -3.13 -31.47 -25.35
N TYR J 165 -2.62 -32.55 -25.95
CA TYR J 165 -1.19 -32.79 -25.91
C TYR J 165 -0.43 -31.68 -26.61
N PHE J 166 -0.97 -31.17 -27.72
CA PHE J 166 -0.27 -30.14 -28.47
C PHE J 166 -0.16 -28.86 -27.67
N LEU J 167 -1.19 -28.52 -26.90
CA LEU J 167 -1.16 -27.32 -26.09
C LEU J 167 -0.39 -27.52 -24.80
N TYR J 168 -0.84 -28.47 -23.98
CA TYR J 168 -0.28 -28.72 -22.66
C TYR J 168 0.03 -30.21 -22.57
N GLY J 169 1.30 -30.54 -22.55
CA GLY J 169 1.72 -31.92 -22.64
C GLY J 169 1.46 -32.73 -21.38
N PHE J 170 0.19 -32.89 -21.04
CA PHE J 170 -0.30 -33.54 -19.84
C PHE J 170 0.54 -33.26 -18.61
N GLN J 171 0.98 -32.02 -18.46
CA GLN J 171 1.67 -31.60 -17.24
C GLN J 171 1.75 -30.09 -17.15
N LEU J 172 1.19 -29.51 -16.09
CA LEU J 172 1.31 -28.08 -15.83
C LEU J 172 2.50 -27.88 -14.91
N LYS J 173 3.55 -27.28 -15.44
CA LYS J 173 4.65 -26.87 -14.61
C LYS J 173 4.31 -25.54 -13.95
N PRO J 174 4.79 -25.30 -12.73
CA PRO J 174 4.45 -24.04 -12.08
C PRO J 174 5.00 -22.83 -12.79
N LEU J 175 6.21 -22.89 -13.26
CA LEU J 175 6.87 -21.76 -13.87
C LEU J 175 6.55 -21.66 -15.34
N TYR J 176 6.27 -20.43 -15.79
CA TYR J 176 6.16 -20.13 -17.21
C TYR J 176 6.92 -18.84 -17.47
N ARG J 177 7.84 -18.87 -18.43
CA ARG J 177 8.63 -17.72 -18.79
C ARG J 177 8.10 -17.13 -20.09
N CYS J 178 7.57 -15.92 -19.99
CA CYS J 178 6.89 -15.24 -21.08
C CYS J 178 7.63 -13.99 -21.50
N ASP J 179 7.52 -13.67 -22.78
CA ASP J 179 8.24 -12.57 -23.39
C ASP J 179 7.32 -11.71 -24.25
N ARG J 180 6.04 -11.68 -23.93
CA ARG J 180 5.13 -10.79 -24.63
C ARG J 180 5.53 -9.35 -24.40
N TRP J 181 4.96 -8.45 -25.20
CA TRP J 181 5.47 -7.09 -25.27
C TRP J 181 5.39 -6.33 -23.96
N PRO J 182 4.28 -6.31 -23.25
CA PRO J 182 4.27 -5.59 -21.98
C PRO J 182 5.19 -6.18 -20.96
N CYS J 183 5.41 -7.47 -21.02
CA CYS J 183 6.34 -8.13 -20.14
C CYS J 183 7.76 -7.86 -20.61
N PRO J 184 8.60 -7.19 -19.85
CA PRO J 184 9.96 -6.96 -20.31
C PRO J 184 10.94 -8.06 -19.96
N ASN J 185 11.56 -8.65 -20.98
CA ASN J 185 12.73 -9.50 -20.80
C ASN J 185 12.42 -10.72 -19.95
N THR J 186 11.54 -11.57 -20.47
CA THR J 186 11.41 -12.95 -20.04
C THR J 186 11.04 -13.06 -18.57
N VAL J 187 9.83 -12.57 -18.28
CA VAL J 187 9.28 -12.57 -16.94
C VAL J 187 8.99 -14.00 -16.49
N ASP J 188 9.23 -14.26 -15.22
CA ASP J 188 8.83 -15.50 -14.60
C ASP J 188 7.43 -15.34 -14.02
N CYS J 189 6.54 -16.26 -14.35
CA CYS J 189 5.17 -16.21 -13.88
C CYS J 189 4.77 -17.58 -13.36
N PHE J 190 4.18 -17.61 -12.18
CA PHE J 190 3.89 -18.84 -11.47
C PHE J 190 2.40 -19.13 -11.50
N ILE J 191 2.06 -20.40 -11.54
CA ILE J 191 0.71 -20.88 -11.76
C ILE J 191 0.17 -21.45 -10.46
N SER J 192 -1.14 -21.38 -10.30
CA SER J 192 -1.84 -21.88 -9.13
C SER J 192 -2.31 -23.29 -9.34
N ARG J 193 -2.14 -24.12 -8.33
CA ARG J 193 -2.53 -25.52 -8.36
C ARG J 193 -2.00 -26.28 -9.56
N PRO J 194 -0.69 -26.29 -9.77
CA PRO J 194 -0.17 -27.03 -10.90
C PRO J 194 -0.27 -28.52 -10.74
N THR J 195 0.02 -29.04 -9.56
CA THR J 195 0.00 -30.48 -9.36
C THR J 195 -1.42 -31.02 -9.45
N GLU J 196 -2.35 -30.36 -8.79
CA GLU J 196 -3.76 -30.76 -8.84
C GLU J 196 -4.30 -30.70 -10.24
N LYS J 197 -3.98 -29.64 -10.97
CA LYS J 197 -4.44 -29.52 -12.34
C LYS J 197 -3.83 -30.60 -13.20
N THR J 198 -2.58 -30.95 -12.96
CA THR J 198 -1.95 -32.03 -13.69
C THR J 198 -2.65 -33.35 -13.42
N ILE J 199 -3.00 -33.58 -12.17
CA ILE J 199 -3.68 -34.81 -11.80
C ILE J 199 -5.01 -34.91 -12.51
N PHE J 200 -5.76 -33.82 -12.54
CA PHE J 200 -7.06 -33.89 -13.18
C PHE J 200 -6.94 -33.99 -14.68
N ILE J 201 -5.88 -33.43 -15.25
CA ILE J 201 -5.62 -33.63 -16.67
C ILE J 201 -5.39 -35.09 -16.95
N LEU J 202 -4.55 -35.73 -16.15
CA LEU J 202 -4.27 -37.14 -16.34
C LEU J 202 -5.51 -37.98 -16.17
N PHE J 203 -6.32 -37.67 -15.16
CA PHE J 203 -7.53 -38.44 -14.91
C PHE J 203 -8.50 -38.32 -16.07
N MET J 204 -8.71 -37.11 -16.57
CA MET J 204 -9.66 -36.93 -17.66
C MET J 204 -9.11 -37.49 -18.96
N LEU J 205 -7.82 -37.41 -19.15
CA LEU J 205 -7.21 -38.02 -20.33
C LEU J 205 -7.33 -39.52 -20.30
N ALA J 206 -7.22 -40.11 -19.11
CA ALA J 206 -7.42 -41.53 -18.98
C ALA J 206 -8.87 -41.91 -19.23
N VAL J 207 -9.80 -41.08 -18.76
CA VAL J 207 -11.20 -41.30 -19.05
C VAL J 207 -11.45 -41.28 -20.54
N ALA J 208 -10.85 -40.33 -21.24
CA ALA J 208 -11.04 -40.24 -22.68
C ALA J 208 -10.42 -41.44 -23.40
N CYS J 209 -9.25 -41.87 -22.96
CA CYS J 209 -8.66 -43.08 -23.52
C CYS J 209 -9.56 -44.28 -23.28
N VAL J 210 -10.21 -44.34 -22.13
CA VAL J 210 -11.13 -45.42 -21.85
C VAL J 210 -12.33 -45.36 -22.76
N SER J 211 -12.81 -44.16 -23.05
CA SER J 211 -13.92 -44.02 -23.99
C SER J 211 -13.51 -44.49 -25.38
N LEU J 212 -12.28 -44.20 -25.78
CA LEU J 212 -11.79 -44.70 -27.05
C LEU J 212 -11.71 -46.23 -27.05
N LEU J 213 -11.26 -46.81 -25.93
CA LEU J 213 -11.22 -48.26 -25.83
C LEU J 213 -12.61 -48.84 -25.92
N LEU J 214 -13.57 -48.20 -25.27
CA LEU J 214 -14.94 -48.70 -25.31
C LEU J 214 -15.48 -48.66 -26.73
N ASN J 215 -15.25 -47.58 -27.45
CA ASN J 215 -15.75 -47.49 -28.81
C ASN J 215 -15.05 -48.46 -29.74
N VAL J 216 -13.75 -48.69 -29.52
CA VAL J 216 -13.00 -49.61 -30.35
C VAL J 216 -13.36 -51.07 -30.03
N LEU J 217 -13.83 -51.32 -28.81
CA LEU J 217 -14.38 -52.63 -28.51
C LEU J 217 -15.76 -52.79 -29.10
N GLU J 218 -16.54 -51.72 -29.09
CA GLU J 218 -17.90 -51.76 -29.61
C GLU J 218 -17.91 -52.01 -31.11
N ILE J 219 -17.01 -51.35 -31.84
CA ILE J 219 -17.02 -51.46 -33.29
C ILE J 219 -16.70 -52.88 -33.72
N TYR J 220 -15.85 -53.58 -32.98
CA TYR J 220 -15.60 -54.99 -33.27
C TYR J 220 -16.74 -55.87 -32.78
N HIS J 221 -17.37 -55.51 -31.66
CA HIS J 221 -18.53 -56.24 -31.18
C HIS J 221 -19.67 -56.20 -32.20
N LEU J 222 -19.71 -55.18 -33.03
CA LEU J 222 -20.68 -55.12 -34.12
C LEU J 222 -20.21 -55.96 -35.30
N GLY K 2 -28.34 -20.66 -15.89
CA GLY K 2 -29.23 -19.57 -15.52
C GLY K 2 -30.67 -20.01 -15.34
N ASP K 3 -31.58 -19.06 -15.50
CA ASP K 3 -33.01 -19.32 -15.35
C ASP K 3 -33.62 -19.73 -16.70
N TRP K 4 -33.03 -20.75 -17.29
CA TRP K 4 -33.37 -21.19 -18.63
C TRP K 4 -34.47 -22.25 -18.67
N SER K 5 -34.97 -22.70 -17.52
CA SER K 5 -35.80 -23.89 -17.48
C SER K 5 -37.12 -23.71 -18.23
N PHE K 6 -37.72 -22.53 -18.09
CA PHE K 6 -39.05 -22.32 -18.68
C PHE K 6 -38.98 -22.30 -20.19
N LEU K 7 -37.99 -21.60 -20.74
CA LEU K 7 -37.78 -21.61 -22.18
C LEU K 7 -37.58 -23.03 -22.69
N GLY K 8 -36.80 -23.82 -21.95
CA GLY K 8 -36.57 -25.19 -22.37
C GLY K 8 -37.85 -26.01 -22.36
N ARG K 9 -38.68 -25.81 -21.35
CA ARG K 9 -39.95 -26.53 -21.31
C ARG K 9 -40.84 -26.15 -22.48
N LEU K 10 -40.96 -24.84 -22.75
CA LEU K 10 -41.82 -24.40 -23.85
C LEU K 10 -41.31 -24.90 -25.18
N LEU K 11 -40.00 -24.97 -25.33
CA LEU K 11 -39.43 -25.43 -26.58
C LEU K 11 -39.48 -26.95 -26.72
N GLU K 12 -39.47 -27.67 -25.60
CA GLU K 12 -39.79 -29.10 -25.65
C GLU K 12 -41.21 -29.32 -26.11
N ASN K 13 -42.14 -28.47 -25.65
CA ASN K 13 -43.50 -28.51 -26.17
C ASN K 13 -43.50 -28.25 -27.67
N ALA K 14 -42.72 -27.27 -28.11
CA ALA K 14 -42.68 -26.92 -29.54
C ALA K 14 -41.99 -27.98 -30.39
N GLN K 15 -41.12 -28.80 -29.79
CA GLN K 15 -40.37 -29.77 -30.58
C GLN K 15 -41.29 -30.81 -31.21
N GLU K 16 -42.38 -31.15 -30.54
CA GLU K 16 -43.32 -32.12 -31.08
C GLU K 16 -44.02 -31.61 -32.34
N HIS K 17 -44.00 -30.29 -32.57
CA HIS K 17 -44.64 -29.69 -33.72
C HIS K 17 -43.67 -29.29 -34.82
N SER K 18 -42.39 -29.14 -34.51
CA SER K 18 -41.42 -28.72 -35.50
C SER K 18 -40.98 -29.89 -36.36
N THR K 19 -40.41 -29.56 -37.51
CA THR K 19 -39.99 -30.56 -38.47
C THR K 19 -38.71 -31.23 -37.99
N VAL K 20 -38.13 -32.07 -38.84
CA VAL K 20 -36.88 -32.74 -38.49
C VAL K 20 -35.75 -31.73 -38.39
N ILE K 21 -35.59 -30.92 -39.44
CA ILE K 21 -34.47 -29.99 -39.49
C ILE K 21 -34.64 -28.90 -38.44
N GLY K 22 -35.88 -28.50 -38.15
CA GLY K 22 -36.10 -27.56 -37.06
C GLY K 22 -35.75 -28.16 -35.71
N LYS K 23 -36.02 -29.45 -35.54
CA LYS K 23 -35.63 -30.12 -34.31
C LYS K 23 -34.12 -30.17 -34.18
N VAL K 24 -33.43 -30.41 -35.29
CA VAL K 24 -31.97 -30.37 -35.30
C VAL K 24 -31.48 -28.99 -34.90
N TRP K 25 -32.13 -27.95 -35.42
CA TRP K 25 -31.77 -26.59 -35.06
C TRP K 25 -31.95 -26.35 -33.58
N LEU K 26 -33.04 -26.87 -33.02
CA LEU K 26 -33.31 -26.64 -31.61
C LEU K 26 -32.30 -27.35 -30.73
N THR K 27 -31.92 -28.56 -31.11
CA THR K 27 -30.90 -29.27 -30.34
C THR K 27 -29.54 -28.60 -30.50
N VAL K 28 -29.27 -28.02 -31.66
CA VAL K 28 -28.07 -27.20 -31.82
C VAL K 28 -28.12 -26.02 -30.87
N LEU K 29 -29.29 -25.43 -30.71
CA LEU K 29 -29.44 -24.28 -29.84
C LEU K 29 -29.13 -24.64 -28.40
N PHE K 30 -29.75 -25.70 -27.90
CA PHE K 30 -29.56 -26.06 -26.50
C PHE K 30 -28.17 -26.60 -26.25
N ILE K 31 -27.70 -27.52 -27.09
CA ILE K 31 -26.45 -28.20 -26.81
C ILE K 31 -25.27 -27.26 -26.98
N PHE K 32 -25.36 -26.33 -27.92
CA PHE K 32 -24.24 -25.48 -28.31
C PHE K 32 -24.43 -24.04 -27.86
N ARG K 33 -25.53 -23.41 -28.25
CA ARG K 33 -25.72 -22.00 -27.95
C ARG K 33 -25.88 -21.78 -26.46
N ILE K 34 -26.81 -22.47 -25.84
CA ILE K 34 -27.17 -22.17 -24.46
C ILE K 34 -26.19 -22.81 -23.50
N LEU K 35 -25.83 -24.06 -23.75
CA LEU K 35 -25.01 -24.79 -22.80
C LEU K 35 -23.62 -24.20 -22.69
N VAL K 36 -22.98 -23.95 -23.83
CA VAL K 36 -21.65 -23.37 -23.81
C VAL K 36 -21.68 -21.96 -23.25
N LEU K 37 -22.80 -21.28 -23.40
CA LEU K 37 -22.92 -19.92 -22.89
C LEU K 37 -23.05 -19.92 -21.38
N GLY K 38 -23.73 -20.92 -20.84
CA GLY K 38 -23.99 -20.95 -19.41
C GLY K 38 -22.93 -21.65 -18.60
N ALA K 39 -22.25 -22.60 -19.21
CA ALA K 39 -21.32 -23.48 -18.51
C ALA K 39 -19.89 -23.00 -18.60
N ALA K 40 -19.48 -22.50 -19.76
CA ALA K 40 -18.12 -22.08 -20.02
C ALA K 40 -17.96 -20.57 -20.04
N ALA K 41 -18.77 -19.88 -20.83
CA ALA K 41 -18.55 -18.48 -21.11
C ALA K 41 -18.69 -17.63 -19.85
N GLU K 42 -19.69 -17.90 -19.05
CA GLU K 42 -19.88 -17.10 -17.84
C GLU K 42 -18.71 -17.20 -16.89
N GLU K 43 -17.98 -18.30 -16.93
CA GLU K 43 -16.75 -18.41 -16.18
C GLU K 43 -15.62 -17.64 -16.84
N VAL K 44 -15.69 -17.46 -18.15
CA VAL K 44 -14.66 -16.73 -18.88
C VAL K 44 -14.83 -15.24 -18.69
N TRP K 45 -15.99 -14.72 -19.04
CA TRP K 45 -16.28 -13.31 -18.95
C TRP K 45 -16.60 -12.85 -17.55
N GLY K 46 -16.50 -13.73 -16.55
CA GLY K 46 -16.75 -13.33 -15.18
C GLY K 46 -15.70 -12.41 -14.62
N ASP K 47 -14.50 -12.42 -15.18
CA ASP K 47 -13.39 -11.58 -14.79
C ASP K 47 -13.09 -10.52 -15.85
N GLU K 48 -14.15 -9.96 -16.41
CA GLU K 48 -13.98 -8.99 -17.49
C GLU K 48 -13.68 -7.60 -16.97
N GLN K 49 -14.38 -7.17 -15.92
CA GLN K 49 -14.20 -5.85 -15.35
C GLN K 49 -13.11 -5.83 -14.31
N SER K 50 -12.90 -6.94 -13.63
CA SER K 50 -11.94 -6.99 -12.55
C SER K 50 -10.52 -6.92 -13.07
N ASP K 51 -10.13 -7.89 -13.88
CA ASP K 51 -8.76 -8.03 -14.34
C ASP K 51 -8.47 -7.23 -15.59
N PHE K 52 -9.26 -6.22 -15.89
CA PHE K 52 -8.99 -5.26 -16.97
C PHE K 52 -8.15 -4.17 -16.36
N THR K 53 -6.84 -4.35 -16.42
CA THR K 53 -5.90 -3.48 -15.75
C THR K 53 -5.33 -2.51 -16.75
N CYS K 54 -5.59 -1.23 -16.54
CA CYS K 54 -5.02 -0.17 -17.32
C CYS K 54 -3.67 0.24 -16.77
N ASN K 55 -3.01 1.15 -17.47
CA ASN K 55 -1.66 1.57 -17.19
C ASN K 55 -1.59 3.02 -16.74
N THR K 56 -2.49 3.41 -15.84
CA THR K 56 -2.51 4.75 -15.29
C THR K 56 -2.88 4.74 -13.82
N GLN K 57 -2.64 5.89 -13.18
CA GLN K 57 -3.06 6.15 -11.82
C GLN K 57 -4.35 6.95 -11.75
N GLN K 58 -4.87 7.37 -12.89
CA GLN K 58 -6.18 7.97 -12.93
C GLN K 58 -7.19 6.99 -12.36
N PRO K 59 -8.02 7.38 -11.41
CA PRO K 59 -8.93 6.40 -10.82
C PRO K 59 -10.03 5.97 -11.75
N GLY K 60 -10.56 6.89 -12.52
CA GLY K 60 -11.70 6.60 -13.35
C GLY K 60 -11.40 6.07 -14.72
N CYS K 61 -10.14 5.98 -15.11
CA CYS K 61 -9.82 5.61 -16.48
C CYS K 61 -10.19 4.17 -16.77
N GLU K 62 -10.16 3.31 -15.77
CA GLU K 62 -10.41 1.89 -15.99
C GLU K 62 -11.87 1.66 -16.35
N ASN K 63 -12.79 2.23 -15.56
CA ASN K 63 -14.22 2.06 -15.82
C ASN K 63 -14.58 2.55 -17.20
N VAL K 64 -14.12 3.74 -17.52
CA VAL K 64 -14.50 4.37 -18.78
C VAL K 64 -13.88 3.65 -19.95
N CYS K 65 -12.62 3.28 -19.84
CA CYS K 65 -11.98 2.62 -20.96
C CYS K 65 -12.55 1.24 -21.19
N TYR K 66 -12.99 0.56 -20.13
CA TYR K 66 -13.71 -0.69 -20.31
C TYR K 66 -14.98 -0.45 -21.09
N ASP K 67 -15.78 0.51 -20.66
CA ASP K 67 -17.04 0.79 -21.34
C ASP K 67 -16.81 1.22 -22.78
N ARG K 68 -15.70 1.84 -23.07
CA ARG K 68 -15.39 2.19 -24.43
C ARG K 68 -14.91 1.01 -25.23
N ALA K 69 -14.35 0.01 -24.57
CA ALA K 69 -13.91 -1.20 -25.26
C ALA K 69 -15.07 -2.14 -25.50
N PHE K 70 -15.78 -2.48 -24.44
CA PHE K 70 -16.90 -3.41 -24.47
C PHE K 70 -18.16 -2.68 -24.04
N PRO K 71 -18.83 -2.00 -24.97
CA PRO K 71 -20.08 -1.36 -24.60
C PRO K 71 -21.12 -2.33 -24.14
N ILE K 72 -21.10 -3.53 -24.68
CA ILE K 72 -21.98 -4.59 -24.26
C ILE K 72 -21.20 -5.88 -24.43
N SER K 73 -21.06 -6.63 -23.35
CA SER K 73 -20.22 -7.80 -23.35
C SER K 73 -20.80 -8.85 -24.29
N HIS K 74 -19.94 -9.75 -24.72
CA HIS K 74 -20.36 -10.76 -25.66
C HIS K 74 -21.39 -11.71 -25.06
N VAL K 75 -21.35 -11.90 -23.74
CA VAL K 75 -22.28 -12.82 -23.10
C VAL K 75 -23.68 -12.26 -23.17
N ARG K 76 -23.85 -11.00 -22.81
CA ARG K 76 -25.17 -10.39 -22.87
C ARG K 76 -25.67 -10.36 -24.31
N PHE K 77 -24.77 -10.11 -25.24
CA PHE K 77 -25.15 -10.02 -26.64
C PHE K 77 -25.64 -11.36 -27.14
N TRP K 78 -24.94 -12.43 -26.78
CA TRP K 78 -25.37 -13.76 -27.18
C TRP K 78 -26.67 -14.15 -26.51
N VAL K 79 -26.88 -13.73 -25.26
CA VAL K 79 -28.13 -14.02 -24.60
C VAL K 79 -29.29 -13.39 -25.36
N LEU K 80 -29.17 -12.11 -25.67
CA LEU K 80 -30.21 -11.45 -26.43
C LEU K 80 -30.36 -12.06 -27.81
N GLN K 81 -29.27 -12.53 -28.40
CA GLN K 81 -29.35 -13.20 -29.68
C GLN K 81 -30.20 -14.45 -29.58
N ILE K 82 -29.98 -15.23 -28.54
CA ILE K 82 -30.72 -16.46 -28.32
C ILE K 82 -32.19 -16.16 -28.15
N ILE K 83 -32.50 -15.18 -27.32
CA ILE K 83 -33.88 -14.84 -27.05
C ILE K 83 -34.58 -14.38 -28.33
N PHE K 84 -33.96 -13.44 -29.03
CA PHE K 84 -34.59 -12.86 -30.21
C PHE K 84 -34.71 -13.87 -31.33
N VAL K 85 -33.85 -14.88 -31.35
CA VAL K 85 -33.91 -15.91 -32.36
C VAL K 85 -34.88 -17.02 -31.98
N SER K 86 -35.13 -17.21 -30.69
CA SER K 86 -35.98 -18.28 -30.22
C SER K 86 -37.44 -17.89 -30.05
N THR K 87 -37.72 -16.59 -29.91
CA THR K 87 -39.09 -16.16 -29.77
C THR K 87 -40.01 -16.59 -30.91
N PRO K 88 -39.60 -16.56 -32.18
CA PRO K 88 -40.51 -17.00 -33.24
C PRO K 88 -40.99 -18.42 -33.10
N THR K 89 -40.16 -19.31 -32.58
CA THR K 89 -40.60 -20.67 -32.32
C THR K 89 -41.78 -20.69 -31.37
N LEU K 90 -41.72 -19.88 -30.32
CA LEU K 90 -42.80 -19.85 -29.35
C LEU K 90 -44.02 -19.16 -29.92
N ILE K 91 -43.83 -18.16 -30.78
CA ILE K 91 -44.95 -17.57 -31.49
C ILE K 91 -45.68 -18.64 -32.31
N TYR K 92 -44.92 -19.43 -33.06
CA TYR K 92 -45.53 -20.47 -33.88
C TYR K 92 -46.25 -21.49 -33.04
N LEU K 93 -45.63 -21.92 -31.94
CA LEU K 93 -46.30 -22.86 -31.04
C LEU K 93 -47.60 -22.28 -30.52
N GLY K 94 -47.59 -21.02 -30.11
CA GLY K 94 -48.81 -20.39 -29.65
C GLY K 94 -49.88 -20.36 -30.73
N HIS K 95 -49.47 -20.15 -31.98
CA HIS K 95 -50.42 -20.21 -33.09
C HIS K 95 -50.99 -21.60 -33.24
N VAL K 96 -50.19 -22.62 -32.96
CA VAL K 96 -50.68 -23.99 -33.07
C VAL K 96 -51.68 -24.30 -31.96
N LEU K 97 -51.34 -23.93 -30.73
CA LEU K 97 -52.21 -24.21 -29.61
C LEU K 97 -53.44 -23.32 -29.66
N LEU K 142 -51.04 -23.70 -41.01
CA LEU K 142 -50.32 -22.52 -40.56
C LEU K 142 -48.95 -22.47 -41.22
N LEU K 143 -48.95 -22.77 -42.52
CA LEU K 143 -47.69 -22.83 -43.26
C LEU K 143 -47.04 -21.46 -43.34
N ARG K 144 -47.81 -20.45 -43.76
CA ARG K 144 -47.26 -19.10 -43.87
C ARG K 144 -46.74 -18.60 -42.54
N THR K 145 -47.38 -19.00 -41.45
CA THR K 145 -46.88 -18.65 -40.12
C THR K 145 -45.48 -19.21 -39.90
N TYR K 146 -45.29 -20.49 -40.24
CA TYR K 146 -43.99 -21.12 -40.13
C TYR K 146 -42.96 -20.41 -40.98
N VAL K 147 -43.34 -20.03 -42.20
CA VAL K 147 -42.41 -19.36 -43.10
C VAL K 147 -41.97 -18.03 -42.52
N PHE K 148 -42.94 -17.25 -42.03
CA PHE K 148 -42.60 -15.97 -41.41
C PHE K 148 -41.73 -16.18 -40.19
N ASN K 149 -41.98 -17.26 -39.46
CA ASN K 149 -41.14 -17.62 -38.32
C ASN K 149 -39.68 -17.80 -38.75
N ILE K 150 -39.46 -18.59 -39.79
CA ILE K 150 -38.08 -18.88 -40.16
C ILE K 150 -37.40 -17.65 -40.75
N ILE K 151 -38.14 -16.80 -41.47
CA ILE K 151 -37.46 -15.61 -41.99
C ILE K 151 -37.16 -14.64 -40.86
N PHE K 152 -38.01 -14.60 -39.83
CA PHE K 152 -37.67 -13.80 -38.65
C PHE K 152 -36.37 -14.27 -38.03
N LYS K 153 -36.25 -15.59 -37.83
CA LYS K 153 -35.01 -16.14 -37.30
C LYS K 153 -33.82 -15.75 -38.15
N THR K 154 -33.93 -15.99 -39.45
CA THR K 154 -32.83 -15.72 -40.37
C THR K 154 -32.42 -14.25 -40.33
N LEU K 155 -33.39 -13.35 -40.41
CA LEU K 155 -33.06 -11.93 -40.49
C LEU K 155 -32.47 -11.44 -39.19
N PHE K 156 -33.05 -11.84 -38.05
CA PHE K 156 -32.51 -11.39 -36.77
C PHE K 156 -31.11 -11.93 -36.56
N GLU K 157 -30.87 -13.18 -36.91
CA GLU K 157 -29.55 -13.76 -36.69
C GLU K 157 -28.51 -13.15 -37.60
N VAL K 158 -28.88 -12.85 -38.85
CA VAL K 158 -27.99 -12.10 -39.72
C VAL K 158 -27.67 -10.76 -39.11
N GLY K 159 -28.69 -10.09 -38.55
CA GLY K 159 -28.47 -8.83 -37.89
C GLY K 159 -27.51 -8.95 -36.72
N PHE K 160 -27.59 -10.05 -36.00
CA PHE K 160 -26.75 -10.20 -34.82
C PHE K 160 -25.31 -10.49 -35.20
N ILE K 161 -25.08 -11.36 -36.18
CA ILE K 161 -23.70 -11.58 -36.60
C ILE K 161 -23.13 -10.30 -37.20
N ALA K 162 -23.94 -9.54 -37.93
CA ALA K 162 -23.46 -8.29 -38.49
C ALA K 162 -23.11 -7.29 -37.40
N GLY K 163 -23.95 -7.19 -36.38
CA GLY K 163 -23.67 -6.29 -35.29
C GLY K 163 -22.43 -6.71 -34.52
N GLN K 164 -22.27 -8.01 -34.30
CA GLN K 164 -21.09 -8.50 -33.62
C GLN K 164 -19.84 -8.16 -34.39
N TYR K 165 -19.86 -8.33 -35.71
CA TYR K 165 -18.73 -7.93 -36.53
C TYR K 165 -18.50 -6.43 -36.44
N PHE K 166 -19.58 -5.65 -36.40
CA PHE K 166 -19.44 -4.20 -36.38
C PHE K 166 -18.78 -3.74 -35.09
N LEU K 167 -19.11 -4.39 -33.98
CA LEU K 167 -18.51 -4.01 -32.70
C LEU K 167 -17.12 -4.61 -32.53
N TYR K 168 -17.02 -5.93 -32.58
CA TYR K 168 -15.79 -6.65 -32.34
C TYR K 168 -15.56 -7.60 -33.49
N GLY K 169 -14.57 -7.32 -34.31
CA GLY K 169 -14.38 -8.06 -35.53
C GLY K 169 -13.86 -9.45 -35.34
N PHE K 170 -14.65 -10.29 -34.70
CA PHE K 170 -14.33 -11.66 -34.31
C PHE K 170 -12.89 -11.85 -33.85
N GLN K 171 -12.38 -10.90 -33.08
CA GLN K 171 -11.08 -11.03 -32.47
C GLN K 171 -10.88 -10.00 -31.37
N LEU K 172 -10.62 -10.47 -30.14
CA LEU K 172 -10.28 -9.59 -29.04
C LEU K 172 -8.78 -9.48 -28.96
N LYS K 173 -8.25 -8.34 -29.29
CA LYS K 173 -6.85 -8.07 -29.07
C LYS K 173 -6.64 -7.68 -27.62
N PRO K 174 -5.49 -8.04 -27.02
CA PRO K 174 -5.29 -7.69 -25.62
C PRO K 174 -5.22 -6.21 -25.37
N LEU K 175 -4.57 -5.48 -26.23
CA LEU K 175 -4.35 -4.05 -26.03
C LEU K 175 -5.52 -3.25 -26.58
N TYR K 176 -5.94 -2.26 -25.81
CA TYR K 176 -6.88 -1.25 -26.28
C TYR K 176 -6.38 0.11 -25.83
N ARG K 177 -6.25 1.03 -26.78
CA ARG K 177 -5.78 2.38 -26.51
C ARG K 177 -6.96 3.33 -26.51
N CYS K 178 -7.27 3.89 -25.34
CA CYS K 178 -8.43 4.72 -25.12
C CYS K 178 -8.03 6.14 -24.77
N ASP K 179 -8.89 7.08 -25.16
CA ASP K 179 -8.64 8.50 -25.02
C ASP K 179 -9.85 9.22 -24.44
N ARG K 180 -10.66 8.53 -23.65
CA ARG K 180 -11.74 9.18 -22.96
C ARG K 180 -11.21 10.22 -21.98
N TRP K 181 -12.10 11.06 -21.50
CA TRP K 181 -11.67 12.26 -20.79
C TRP K 181 -10.88 11.98 -19.52
N PRO K 182 -11.32 11.11 -18.63
CA PRO K 182 -10.50 10.87 -17.44
C PRO K 182 -9.19 10.23 -17.76
N CYS K 183 -9.12 9.46 -18.82
CA CYS K 183 -7.88 8.88 -19.25
C CYS K 183 -7.04 9.93 -19.97
N PRO K 184 -5.88 10.28 -19.48
CA PRO K 184 -5.08 11.28 -20.17
C PRO K 184 -4.16 10.71 -21.24
N ASN K 185 -4.32 11.17 -22.47
CA ASN K 185 -3.35 10.95 -23.52
C ASN K 185 -3.13 9.48 -23.82
N THR K 186 -4.19 8.83 -24.30
CA THR K 186 -4.11 7.56 -25.00
C THR K 186 -3.50 6.46 -24.14
N VAL K 187 -4.25 6.15 -23.09
CA VAL K 187 -3.84 5.12 -22.15
C VAL K 187 -3.88 3.76 -22.80
N ASP K 188 -2.92 2.92 -22.43
CA ASP K 188 -2.92 1.52 -22.82
C ASP K 188 -3.66 0.71 -21.75
N CYS K 189 -4.62 -0.10 -22.17
CA CYS K 189 -5.40 -0.91 -21.26
C CYS K 189 -5.46 -2.33 -21.79
N PHE K 190 -5.20 -3.29 -20.93
CA PHE K 190 -5.06 -4.68 -21.30
C PHE K 190 -6.27 -5.48 -20.84
N ILE K 191 -6.64 -6.47 -21.63
CA ILE K 191 -7.85 -7.24 -21.46
C ILE K 191 -7.50 -8.63 -20.95
N SER K 192 -8.44 -9.21 -20.21
CA SER K 192 -8.29 -10.53 -19.63
C SER K 192 -8.88 -11.59 -20.55
N ARG K 193 -8.15 -12.68 -20.69
CA ARG K 193 -8.56 -13.80 -21.53
C ARG K 193 -8.93 -13.40 -22.95
N PRO K 194 -8.03 -12.75 -23.66
CA PRO K 194 -8.36 -12.38 -25.03
C PRO K 194 -8.42 -13.54 -25.97
N THR K 195 -7.50 -14.48 -25.87
CA THR K 195 -7.47 -15.61 -26.78
C THR K 195 -8.68 -16.51 -26.57
N GLU K 196 -8.96 -16.83 -25.31
CA GLU K 196 -10.11 -17.66 -24.99
C GLU K 196 -11.40 -17.01 -25.43
N LYS K 197 -11.53 -15.72 -25.19
CA LYS K 197 -12.74 -15.02 -25.61
C LYS K 197 -12.86 -15.01 -27.12
N THR K 198 -11.74 -14.87 -27.81
CA THR K 198 -11.76 -14.93 -29.26
C THR K 198 -12.21 -16.29 -29.74
N ILE K 199 -11.72 -17.34 -29.11
CA ILE K 199 -12.10 -18.69 -29.48
C ILE K 199 -13.60 -18.89 -29.30
N PHE K 200 -14.13 -18.43 -28.19
CA PHE K 200 -15.55 -18.64 -27.98
C PHE K 200 -16.39 -17.77 -28.89
N ILE K 201 -15.89 -16.60 -29.26
CA ILE K 201 -16.56 -15.80 -30.27
C ILE K 201 -16.63 -16.55 -31.58
N LEU K 202 -15.51 -17.12 -32.01
CA LEU K 202 -15.49 -17.86 -33.25
C LEU K 202 -16.42 -19.07 -33.20
N PHE K 203 -16.41 -19.78 -32.07
CA PHE K 203 -17.25 -20.96 -31.93
C PHE K 203 -18.72 -20.59 -32.02
N MET K 204 -19.13 -19.55 -31.30
CA MET K 204 -20.53 -19.17 -31.30
C MET K 204 -20.93 -18.57 -32.63
N LEU K 205 -20.02 -17.86 -33.28
CA LEU K 205 -20.31 -17.33 -34.60
C LEU K 205 -20.47 -18.45 -35.61
N ALA K 206 -19.69 -19.52 -35.46
CA ALA K 206 -19.84 -20.66 -36.33
C ALA K 206 -21.16 -21.37 -36.07
N VAL K 207 -21.55 -21.46 -34.80
CA VAL K 207 -22.84 -22.02 -34.47
C VAL K 207 -23.96 -21.23 -35.11
N ALA K 208 -23.86 -19.91 -35.07
CA ALA K 208 -24.89 -19.08 -35.67
C ALA K 208 -24.92 -19.23 -37.18
N CYS K 209 -23.75 -19.29 -37.81
CA CYS K 209 -23.70 -19.57 -39.24
C CYS K 209 -24.34 -20.91 -39.57
N VAL K 210 -24.13 -21.90 -38.70
CA VAL K 210 -24.74 -23.19 -38.93
C VAL K 210 -26.25 -23.10 -38.79
N SER K 211 -26.73 -22.29 -37.87
CA SER K 211 -28.17 -22.11 -37.74
C SER K 211 -28.73 -21.46 -39.00
N LEU K 212 -28.00 -20.51 -39.55
CA LEU K 212 -28.43 -19.89 -40.81
C LEU K 212 -28.44 -20.92 -41.93
N LEU K 213 -27.44 -21.79 -41.98
CA LEU K 213 -27.42 -22.84 -42.99
C LEU K 213 -28.59 -23.77 -42.82
N LEU K 214 -28.92 -24.10 -41.58
CA LEU K 214 -30.05 -24.99 -41.33
C LEU K 214 -31.36 -24.36 -41.79
N ASN K 215 -31.55 -23.08 -41.49
CA ASN K 215 -32.78 -22.43 -41.90
C ASN K 215 -32.84 -22.27 -43.41
N VAL K 216 -31.71 -22.02 -44.05
CA VAL K 216 -31.68 -21.86 -45.50
C VAL K 216 -31.85 -23.19 -46.21
N LEU K 217 -31.48 -24.29 -45.55
CA LEU K 217 -31.79 -25.61 -46.07
C LEU K 217 -33.26 -25.93 -45.86
N GLU K 218 -33.81 -25.52 -44.72
CA GLU K 218 -35.20 -25.80 -44.40
C GLU K 218 -36.14 -25.10 -45.36
N ILE K 219 -35.84 -23.83 -45.68
CA ILE K 219 -36.75 -23.06 -46.52
C ILE K 219 -36.85 -23.66 -47.91
N TYR K 220 -35.76 -24.23 -48.42
CA TYR K 220 -35.82 -24.93 -49.69
C TYR K 220 -36.46 -26.30 -49.55
N HIS K 221 -36.25 -26.97 -48.41
CA HIS K 221 -36.91 -28.25 -48.15
C HIS K 221 -38.42 -28.10 -48.13
N LEU K 222 -38.92 -26.90 -47.81
CA LEU K 222 -40.34 -26.63 -47.89
C LEU K 222 -40.75 -26.31 -49.32
N GLY L 2 -33.21 -16.66 -10.10
CA GLY L 2 -33.62 -16.49 -8.71
C GLY L 2 -34.65 -17.50 -8.27
N ASP L 3 -35.43 -17.13 -7.26
CA ASP L 3 -36.47 -17.99 -6.71
C ASP L 3 -37.80 -17.73 -7.42
N TRP L 4 -37.75 -17.84 -8.73
CA TRP L 4 -38.88 -17.50 -9.59
C TRP L 4 -39.83 -18.66 -9.87
N SER L 5 -39.54 -19.86 -9.36
CA SER L 5 -40.23 -21.06 -9.82
C SER L 5 -41.72 -21.02 -9.46
N PHE L 6 -42.04 -20.54 -8.27
CA PHE L 6 -43.43 -20.60 -7.81
C PHE L 6 -44.31 -19.66 -8.62
N LEU L 7 -43.83 -18.45 -8.86
CA LEU L 7 -44.54 -17.52 -9.71
C LEU L 7 -44.78 -18.12 -11.09
N GLY L 8 -43.77 -18.77 -11.64
CA GLY L 8 -43.92 -19.39 -12.94
C GLY L 8 -44.97 -20.48 -12.94
N ARG L 9 -44.99 -21.29 -11.89
CA ARG L 9 -46.00 -22.33 -11.79
C ARG L 9 -47.40 -21.74 -11.72
N LEU L 10 -47.58 -20.74 -10.87
CA LEU L 10 -48.91 -20.14 -10.73
C LEU L 10 -49.36 -19.49 -12.02
N LEU L 11 -48.42 -18.90 -12.75
CA LEU L 11 -48.78 -18.25 -14.00
C LEU L 11 -48.98 -19.24 -15.14
N GLU L 12 -48.33 -20.40 -15.08
CA GLU L 12 -48.68 -21.49 -15.98
C GLU L 12 -50.10 -21.96 -15.72
N ASN L 13 -50.50 -22.02 -14.45
CA ASN L 13 -51.89 -22.31 -14.13
C ASN L 13 -52.80 -21.24 -14.71
N ALA L 14 -52.40 -19.98 -14.61
CA ALA L 14 -53.23 -18.88 -15.11
C ALA L 14 -53.28 -18.82 -16.63
N GLN L 15 -52.28 -19.38 -17.31
CA GLN L 15 -52.22 -19.28 -18.77
C GLN L 15 -53.39 -20.01 -19.43
N GLU L 16 -53.85 -21.10 -18.81
CA GLU L 16 -54.97 -21.83 -19.36
C GLU L 16 -56.27 -21.02 -19.33
N HIS L 17 -56.33 -19.98 -18.52
CA HIS L 17 -57.52 -19.14 -18.38
C HIS L 17 -57.40 -17.81 -19.11
N SER L 18 -56.19 -17.36 -19.43
CA SER L 18 -56.02 -16.08 -20.09
C SER L 18 -56.26 -16.21 -21.59
N THR L 19 -56.51 -15.06 -22.21
CA THR L 19 -56.82 -15.02 -23.63
C THR L 19 -55.56 -15.24 -24.44
N VAL L 20 -55.68 -15.07 -25.75
CA VAL L 20 -54.52 -15.23 -26.62
C VAL L 20 -53.51 -14.12 -26.38
N ILE L 21 -53.98 -12.87 -26.41
CA ILE L 21 -53.09 -11.74 -26.28
C ILE L 21 -52.51 -11.67 -24.88
N GLY L 22 -53.28 -12.08 -23.87
CA GLY L 22 -52.74 -12.17 -22.53
C GLY L 22 -51.66 -13.23 -22.41
N LYS L 23 -51.84 -14.33 -23.12
CA LYS L 23 -50.81 -15.37 -23.15
C LYS L 23 -49.55 -14.85 -23.80
N VAL L 24 -49.71 -14.08 -24.88
CA VAL L 24 -48.57 -13.43 -25.52
C VAL L 24 -47.86 -12.52 -24.55
N TRP L 25 -48.63 -11.75 -23.77
CA TRP L 25 -48.05 -10.87 -22.78
C TRP L 25 -47.26 -11.66 -21.74
N LEU L 26 -47.80 -12.80 -21.32
CA LEU L 26 -47.13 -13.58 -20.30
C LEU L 26 -45.84 -14.18 -20.82
N THR L 27 -45.84 -14.63 -22.07
CA THR L 27 -44.61 -15.15 -22.65
C THR L 27 -43.60 -14.03 -22.87
N VAL L 28 -44.06 -12.83 -23.18
CA VAL L 28 -43.18 -11.68 -23.23
C VAL L 28 -42.57 -11.44 -21.86
N LEU L 29 -43.36 -11.61 -20.81
CA LEU L 29 -42.87 -11.39 -19.46
C LEU L 29 -41.76 -12.36 -19.12
N PHE L 30 -42.00 -13.65 -19.34
CA PHE L 30 -41.01 -14.64 -18.95
C PHE L 30 -39.78 -14.59 -19.85
N ILE L 31 -39.99 -14.54 -21.16
CA ILE L 31 -38.88 -14.66 -22.08
C ILE L 31 -38.00 -13.42 -22.04
N PHE L 32 -38.60 -12.26 -21.82
CA PHE L 32 -37.91 -10.97 -21.92
C PHE L 32 -37.71 -10.32 -20.56
N ARG L 33 -38.77 -10.11 -19.81
CA ARG L 33 -38.66 -9.39 -18.55
C ARG L 33 -37.85 -10.18 -17.54
N ILE L 34 -38.24 -11.41 -17.29
CA ILE L 34 -37.66 -12.16 -16.19
C ILE L 34 -36.33 -12.78 -16.59
N LEU L 35 -36.27 -13.34 -17.80
CA LEU L 35 -35.08 -14.07 -18.20
C LEU L 35 -33.89 -13.15 -18.35
N VAL L 36 -34.07 -12.04 -19.06
CA VAL L 36 -32.99 -11.09 -19.25
C VAL L 36 -32.59 -10.47 -17.92
N LEU L 37 -33.52 -10.37 -17.00
CA LEU L 37 -33.22 -9.77 -15.71
C LEU L 37 -32.40 -10.72 -14.86
N GLY L 38 -32.65 -12.01 -14.97
CA GLY L 38 -31.97 -12.99 -14.15
C GLY L 38 -30.69 -13.51 -14.71
N ALA L 39 -30.58 -13.53 -16.03
CA ALA L 39 -29.47 -14.16 -16.71
C ALA L 39 -28.38 -13.18 -17.08
N ALA L 40 -28.74 -11.98 -17.51
CA ALA L 40 -27.80 -10.98 -17.97
C ALA L 40 -27.61 -9.85 -16.98
N ALA L 41 -28.69 -9.25 -16.51
CA ALA L 41 -28.60 -8.02 -15.75
C ALA L 41 -27.90 -8.22 -14.42
N GLU L 42 -28.20 -9.31 -13.73
CA GLU L 42 -27.57 -9.55 -12.44
C GLU L 42 -26.07 -9.69 -12.55
N GLU L 43 -25.58 -10.12 -13.71
CA GLU L 43 -24.16 -10.13 -13.96
C GLU L 43 -23.64 -8.75 -14.27
N VAL L 44 -24.49 -7.87 -14.80
CA VAL L 44 -24.10 -6.51 -15.14
C VAL L 44 -24.02 -5.66 -13.88
N TRP L 45 -25.11 -5.58 -13.16
CA TRP L 45 -25.21 -4.77 -11.96
C TRP L 45 -24.57 -5.41 -10.74
N GLY L 46 -23.93 -6.57 -10.91
CA GLY L 46 -23.26 -7.20 -9.79
C GLY L 46 -22.04 -6.47 -9.31
N ASP L 47 -21.44 -5.65 -10.17
CA ASP L 47 -20.28 -4.83 -9.87
C ASP L 47 -20.64 -3.35 -9.79
N GLU L 48 -21.78 -3.06 -9.20
CA GLU L 48 -22.27 -1.69 -9.14
C GLU L 48 -21.63 -0.91 -8.00
N GLN L 49 -21.51 -1.52 -6.84
CA GLN L 49 -20.94 -0.87 -5.67
C GLN L 49 -19.44 -1.02 -5.61
N SER L 50 -18.91 -2.11 -6.16
CA SER L 50 -17.50 -2.37 -6.07
C SER L 50 -16.70 -1.43 -6.95
N ASP L 51 -16.95 -1.47 -8.24
CA ASP L 51 -16.17 -0.73 -9.21
C ASP L 51 -16.67 0.70 -9.43
N PHE L 52 -17.42 1.24 -8.49
CA PHE L 52 -17.80 2.65 -8.49
C PHE L 52 -16.72 3.40 -7.78
N THR L 53 -15.73 3.84 -8.54
CA THR L 53 -14.53 4.44 -7.99
C THR L 53 -14.65 5.94 -8.08
N CYS L 54 -14.65 6.59 -6.93
CA CYS L 54 -14.63 8.03 -6.84
C CYS L 54 -13.20 8.54 -6.88
N ASN L 55 -13.07 9.87 -6.89
CA ASN L 55 -11.81 10.56 -7.07
C ASN L 55 -11.40 11.31 -5.82
N THR L 56 -11.52 10.68 -4.66
CA THR L 56 -11.13 11.28 -3.40
C THR L 56 -10.52 10.25 -2.47
N GLN L 57 -9.87 10.77 -1.43
CA GLN L 57 -9.35 9.98 -0.33
C GLN L 57 -10.27 9.96 0.87
N GLN L 58 -11.35 10.71 0.82
CA GLN L 58 -12.38 10.60 1.85
C GLN L 58 -12.88 9.17 1.89
N PRO L 59 -12.92 8.52 3.05
CA PRO L 59 -13.32 7.12 3.07
C PRO L 59 -14.78 6.92 2.78
N GLY L 60 -15.63 7.79 3.29
CA GLY L 60 -17.06 7.62 3.17
C GLY L 60 -17.69 8.17 1.93
N CYS L 61 -16.94 8.87 1.10
CA CYS L 61 -17.55 9.55 -0.03
C CYS L 61 -18.11 8.57 -1.05
N GLU L 62 -17.51 7.40 -1.17
CA GLU L 62 -17.93 6.44 -2.18
C GLU L 62 -19.30 5.89 -1.86
N ASN L 63 -19.51 5.44 -0.62
CA ASN L 63 -20.81 4.89 -0.23
C ASN L 63 -21.91 5.89 -0.42
N VAL L 64 -21.68 7.10 0.06
CA VAL L 64 -22.71 8.11 0.02
C VAL L 64 -23.00 8.56 -1.39
N CYS L 65 -21.96 8.77 -2.18
CA CYS L 65 -22.18 9.24 -3.53
C CYS L 65 -22.84 8.17 -4.38
N TYR L 66 -22.57 6.90 -4.11
CA TYR L 66 -23.33 5.85 -4.78
C TYR L 66 -24.79 5.94 -4.42
N ASP L 67 -25.10 6.02 -3.14
CA ASP L 67 -26.49 6.09 -2.72
C ASP L 67 -27.18 7.33 -3.26
N ARG L 68 -26.44 8.39 -3.49
CA ARG L 68 -27.02 9.58 -4.08
C ARG L 68 -27.20 9.42 -5.57
N ALA L 69 -26.41 8.57 -6.20
CA ALA L 69 -26.56 8.33 -7.61
C ALA L 69 -27.67 7.34 -7.89
N PHE L 70 -27.59 6.17 -7.27
CA PHE L 70 -28.54 5.08 -7.44
C PHE L 70 -29.23 4.82 -6.11
N PRO L 71 -30.29 5.56 -5.79
CA PRO L 71 -31.02 5.28 -4.56
C PRO L 71 -31.60 3.90 -4.54
N ILE L 72 -31.98 3.40 -5.70
CA ILE L 72 -32.47 2.04 -5.84
C ILE L 72 -32.03 1.57 -7.21
N SER L 73 -31.30 0.48 -7.25
CA SER L 73 -30.73 0.01 -8.48
C SER L 73 -31.81 -0.40 -9.45
N HIS L 74 -31.44 -0.42 -10.72
CA HIS L 74 -32.40 -0.74 -11.74
C HIS L 74 -32.90 -2.17 -11.63
N VAL L 75 -32.07 -3.07 -11.11
CA VAL L 75 -32.45 -4.46 -11.01
C VAL L 75 -33.57 -4.62 -10.00
N ARG L 76 -33.41 -4.03 -8.83
CA ARG L 76 -34.45 -4.11 -7.81
C ARG L 76 -35.72 -3.45 -8.30
N PHE L 77 -35.58 -2.35 -9.03
CA PHE L 77 -36.73 -1.63 -9.52
C PHE L 77 -37.51 -2.46 -10.52
N TRP L 78 -36.79 -3.12 -11.42
CA TRP L 78 -37.44 -3.99 -12.38
C TRP L 78 -38.07 -5.20 -11.72
N VAL L 79 -37.45 -5.72 -10.67
CA VAL L 79 -38.04 -6.84 -9.95
C VAL L 79 -39.38 -6.43 -9.37
N LEU L 80 -39.41 -5.31 -8.67
CA LEU L 80 -40.66 -4.83 -8.11
C LEU L 80 -41.66 -4.51 -9.20
N GLN L 81 -41.19 -4.03 -10.34
CA GLN L 81 -42.10 -3.77 -11.45
C GLN L 81 -42.76 -5.05 -11.91
N ILE L 82 -41.99 -6.11 -12.04
CA ILE L 82 -42.50 -7.40 -12.47
C ILE L 82 -43.53 -7.90 -11.48
N ILE L 83 -43.21 -7.84 -10.20
CA ILE L 83 -44.12 -8.33 -9.17
C ILE L 83 -45.43 -7.55 -9.20
N PHE L 84 -45.33 -6.23 -9.17
CA PHE L 84 -46.51 -5.39 -9.08
C PHE L 84 -47.35 -5.48 -10.33
N VAL L 85 -46.74 -5.82 -11.46
CA VAL L 85 -47.47 -5.96 -12.71
C VAL L 85 -48.06 -7.35 -12.86
N SER L 86 -47.47 -8.35 -12.21
CA SER L 86 -47.91 -9.72 -12.35
C SER L 86 -48.93 -10.14 -11.31
N THR L 87 -48.99 -9.45 -10.16
CA THR L 87 -49.97 -9.80 -9.14
C THR L 87 -51.41 -9.80 -9.63
N PRO L 88 -51.86 -8.86 -10.47
CA PRO L 88 -53.26 -8.91 -10.91
C PRO L 88 -53.63 -10.19 -11.63
N THR L 89 -52.70 -10.77 -12.39
CA THR L 89 -52.96 -12.05 -13.03
C THR L 89 -53.31 -13.11 -12.00
N LEU L 90 -52.57 -13.14 -10.90
CA LEU L 90 -52.82 -14.14 -9.88
C LEU L 90 -54.09 -13.83 -9.10
N ILE L 91 -54.41 -12.55 -8.93
CA ILE L 91 -55.70 -12.18 -8.37
C ILE L 91 -56.83 -12.74 -9.22
N TYR L 92 -56.74 -12.54 -10.54
CA TYR L 92 -57.79 -13.02 -11.43
C TYR L 92 -57.89 -14.53 -11.40
N LEU L 93 -56.76 -15.23 -11.42
CA LEU L 93 -56.77 -16.68 -11.31
C LEU L 93 -57.45 -17.11 -10.02
N GLY L 94 -57.11 -16.49 -8.91
CA GLY L 94 -57.76 -16.83 -7.66
C GLY L 94 -59.26 -16.61 -7.70
N HIS L 95 -59.69 -15.56 -8.39
CA HIS L 95 -61.13 -15.33 -8.58
C HIS L 95 -61.75 -16.44 -9.40
N VAL L 96 -61.00 -16.98 -10.36
CA VAL L 96 -61.53 -18.08 -11.17
C VAL L 96 -61.65 -19.35 -10.35
N LEU L 97 -60.60 -19.68 -9.60
CA LEU L 97 -60.61 -20.90 -8.82
C LEU L 97 -61.56 -20.76 -7.63
N LEU L 142 -66.69 -13.35 -14.94
CA LEU L 142 -65.78 -12.49 -14.18
C LEU L 142 -65.12 -11.50 -15.12
N LEU L 143 -65.92 -10.93 -16.01
CA LEU L 143 -65.40 -10.02 -17.02
C LEU L 143 -64.86 -8.74 -16.38
N ARG L 144 -65.66 -8.12 -15.52
CA ARG L 144 -65.23 -6.89 -14.86
C ARG L 144 -63.98 -7.11 -14.04
N THR L 145 -63.82 -8.30 -13.46
CA THR L 145 -62.59 -8.64 -12.76
C THR L 145 -61.38 -8.59 -13.68
N TYR L 146 -61.52 -9.19 -14.87
CA TYR L 146 -60.46 -9.15 -15.87
C TYR L 146 -60.14 -7.73 -16.28
N VAL L 147 -61.17 -6.91 -16.46
CA VAL L 147 -60.95 -5.52 -16.88
C VAL L 147 -60.18 -4.76 -15.81
N PHE L 148 -60.60 -4.91 -14.56
CA PHE L 148 -59.89 -4.25 -13.48
C PHE L 148 -58.46 -4.76 -13.39
N ASN L 149 -58.25 -6.04 -13.66
CA ASN L 149 -56.91 -6.61 -13.72
C ASN L 149 -56.05 -5.89 -14.73
N ILE L 150 -56.56 -5.72 -15.96
CA ILE L 150 -55.71 -5.13 -16.98
C ILE L 150 -55.48 -3.65 -16.72
N ILE L 151 -56.45 -2.93 -16.15
CA ILE L 151 -56.17 -1.53 -15.87
C ILE L 151 -55.18 -1.41 -14.73
N PHE L 152 -55.22 -2.33 -13.77
CA PHE L 152 -54.18 -2.34 -12.74
C PHE L 152 -52.81 -2.48 -13.35
N LYS L 153 -52.66 -3.48 -14.25
CA LYS L 153 -51.40 -3.66 -14.94
C LYS L 153 -50.96 -2.38 -15.64
N THR L 154 -51.86 -1.82 -16.45
CA THR L 154 -51.54 -0.64 -17.24
C THR L 154 -51.11 0.52 -16.36
N LEU L 155 -51.87 0.79 -15.30
CA LEU L 155 -51.58 1.95 -14.48
C LEU L 155 -50.29 1.76 -13.71
N PHE L 156 -50.07 0.57 -13.14
CA PHE L 156 -48.83 0.36 -12.40
C PHE L 156 -47.63 0.45 -13.33
N GLU L 157 -47.73 -0.11 -14.52
CA GLU L 157 -46.59 -0.10 -15.43
C GLU L 157 -46.30 1.29 -15.94
N VAL L 158 -47.34 2.08 -16.20
CA VAL L 158 -47.14 3.48 -16.53
C VAL L 158 -46.44 4.19 -15.38
N GLY L 159 -46.86 3.89 -14.16
CA GLY L 159 -46.20 4.47 -13.01
C GLY L 159 -44.74 4.10 -12.92
N PHE L 160 -44.42 2.87 -13.30
CA PHE L 160 -43.05 2.41 -13.17
C PHE L 160 -42.16 3.04 -14.24
N ILE L 161 -42.63 3.11 -15.48
CA ILE L 161 -41.82 3.78 -16.49
C ILE L 161 -41.67 5.26 -16.16
N ALA L 162 -42.72 5.87 -15.62
CA ALA L 162 -42.61 7.27 -15.23
C ALA L 162 -41.62 7.45 -14.11
N GLY L 163 -41.65 6.58 -13.11
CA GLY L 163 -40.69 6.68 -12.03
C GLY L 163 -39.27 6.44 -12.50
N GLN L 164 -39.08 5.49 -13.39
CA GLN L 164 -37.76 5.23 -13.93
C GLN L 164 -37.24 6.45 -14.67
N TYR L 165 -38.08 7.09 -15.46
CA TYR L 165 -37.66 8.32 -16.12
C TYR L 165 -37.35 9.41 -15.11
N PHE L 166 -38.13 9.47 -14.03
CA PHE L 166 -37.93 10.52 -13.04
C PHE L 166 -36.59 10.35 -12.34
N LEU L 167 -36.19 9.12 -12.08
CA LEU L 167 -34.93 8.87 -11.42
C LEU L 167 -33.76 8.93 -12.39
N TYR L 168 -33.78 8.08 -13.40
CA TYR L 168 -32.70 7.95 -14.38
C TYR L 168 -33.30 8.06 -15.76
N GLY L 169 -32.99 9.15 -16.44
CA GLY L 169 -33.64 9.44 -17.69
C GLY L 169 -33.19 8.58 -18.84
N PHE L 170 -33.47 7.28 -18.75
CA PHE L 170 -33.06 6.24 -19.68
C PHE L 170 -31.65 6.44 -20.23
N GLN L 171 -30.72 6.85 -19.38
CA GLN L 171 -29.32 6.93 -19.76
C GLN L 171 -28.43 7.08 -18.54
N LEU L 172 -27.51 6.15 -18.34
CA LEU L 172 -26.51 6.25 -17.30
C LEU L 172 -25.27 6.89 -17.87
N LYS L 173 -25.00 8.10 -17.46
CA LYS L 173 -23.74 8.73 -17.80
C LYS L 173 -22.66 8.23 -16.86
N PRO L 174 -21.42 8.11 -17.34
CA PRO L 174 -20.37 7.60 -16.44
C PRO L 174 -20.09 8.51 -15.27
N LEU L 175 -20.06 9.80 -15.50
CA LEU L 175 -19.68 10.75 -14.48
C LEU L 175 -20.89 11.16 -13.65
N TYR L 176 -20.70 11.22 -12.34
CA TYR L 176 -21.67 11.80 -11.43
C TYR L 176 -20.92 12.69 -10.45
N ARG L 177 -21.36 13.94 -10.34
CA ARG L 177 -20.74 14.91 -9.45
C ARG L 177 -21.62 15.08 -8.21
N CYS L 178 -21.10 14.65 -7.07
CA CYS L 178 -21.83 14.61 -5.82
C CYS L 178 -21.23 15.56 -4.81
N ASP L 179 -22.09 16.08 -3.93
CA ASP L 179 -21.74 17.09 -2.95
C ASP L 179 -22.28 16.74 -1.57
N ARG L 180 -22.46 15.46 -1.29
CA ARG L 180 -22.87 15.05 0.04
C ARG L 180 -21.78 15.42 1.05
N TRP L 181 -22.14 15.35 2.32
CA TRP L 181 -21.29 15.94 3.36
C TRP L 181 -19.91 15.33 3.44
N PRO L 182 -19.75 14.02 3.49
CA PRO L 182 -18.40 13.48 3.56
C PRO L 182 -17.59 13.77 2.33
N CYS L 183 -18.24 13.89 1.18
CA CYS L 183 -17.56 14.26 -0.03
C CYS L 183 -17.28 15.76 -0.03
N PRO L 184 -16.04 16.19 -0.05
CA PRO L 184 -15.79 17.63 -0.07
C PRO L 184 -15.76 18.24 -1.45
N ASN L 185 -16.61 19.22 -1.69
CA ASN L 185 -16.52 20.09 -2.84
C ASN L 185 -16.61 19.33 -4.16
N THR L 186 -17.77 18.74 -4.39
CA THR L 186 -18.22 18.30 -5.70
C THR L 186 -17.27 17.28 -6.32
N VAL L 187 -17.22 16.13 -5.67
CA VAL L 187 -16.38 15.03 -6.09
C VAL L 187 -16.88 14.46 -7.40
N ASP L 188 -15.96 14.05 -8.25
CA ASP L 188 -16.27 13.30 -9.46
C ASP L 188 -16.24 11.82 -9.14
N CYS L 189 -17.30 11.11 -9.51
CA CYS L 189 -17.40 9.68 -9.26
C CYS L 189 -17.85 8.99 -10.52
N PHE L 190 -17.16 7.93 -10.89
CA PHE L 190 -17.37 7.24 -12.14
C PHE L 190 -18.08 5.92 -11.91
N ILE L 191 -18.90 5.53 -12.88
CA ILE L 191 -19.79 4.40 -12.78
C ILE L 191 -19.28 3.28 -13.66
N SER L 192 -19.60 2.05 -13.27
CA SER L 192 -19.20 0.86 -13.99
C SER L 192 -20.29 0.42 -14.95
N ARG L 193 -19.87 0.06 -16.15
CA ARG L 193 -20.76 -0.40 -17.20
C ARG L 193 -21.91 0.57 -17.48
N PRO L 194 -21.60 1.82 -17.80
CA PRO L 194 -22.68 2.75 -18.10
C PRO L 194 -23.38 2.46 -19.41
N THR L 195 -22.64 2.14 -20.45
CA THR L 195 -23.24 1.90 -21.74
C THR L 195 -24.11 0.65 -21.73
N GLU L 196 -23.58 -0.42 -21.17
CA GLU L 196 -24.32 -1.68 -21.07
C GLU L 196 -25.58 -1.50 -20.24
N LYS L 197 -25.46 -0.79 -19.12
CA LYS L 197 -26.62 -0.56 -18.29
C LYS L 197 -27.65 0.29 -19.01
N THR L 198 -27.19 1.25 -19.78
CA THR L 198 -28.10 2.06 -20.57
C THR L 198 -28.83 1.22 -21.59
N ILE L 199 -28.12 0.32 -22.24
CA ILE L 199 -28.72 -0.55 -23.23
C ILE L 199 -29.79 -1.41 -22.60
N PHE L 200 -29.51 -1.98 -21.44
CA PHE L 200 -30.50 -2.84 -20.83
C PHE L 200 -31.67 -2.04 -20.30
N ILE L 201 -31.44 -0.80 -19.88
CA ILE L 201 -32.55 0.07 -19.51
C ILE L 201 -33.45 0.30 -20.71
N LEU L 202 -32.86 0.60 -21.85
CA LEU L 202 -33.66 0.84 -23.05
C LEU L 202 -34.42 -0.41 -23.45
N PHE L 203 -33.77 -1.56 -23.40
CA PHE L 203 -34.40 -2.81 -23.78
C PHE L 203 -35.58 -3.12 -22.88
N MET L 204 -35.40 -2.98 -21.57
CA MET L 204 -36.49 -3.30 -20.66
C MET L 204 -37.59 -2.26 -20.73
N LEU L 205 -37.24 -1.01 -20.98
CA LEU L 205 -38.25 0.02 -21.15
C LEU L 205 -39.06 -0.23 -22.41
N ALA L 206 -38.41 -0.74 -23.46
CA ALA L 206 -39.13 -1.08 -24.66
C ALA L 206 -40.04 -2.27 -24.42
N VAL L 207 -39.57 -3.24 -23.65
CA VAL L 207 -40.41 -4.37 -23.30
C VAL L 207 -41.64 -3.90 -22.54
N ALA L 208 -41.46 -2.96 -21.62
CA ALA L 208 -42.60 -2.46 -20.86
C ALA L 208 -43.57 -1.69 -21.74
N CYS L 209 -43.04 -0.88 -22.66
CA CYS L 209 -43.89 -0.20 -23.62
C CYS L 209 -44.66 -1.20 -24.46
N VAL L 210 -44.03 -2.31 -24.81
CA VAL L 210 -44.71 -3.33 -25.58
C VAL L 210 -45.81 -3.97 -24.75
N SER L 211 -45.57 -4.16 -23.47
CA SER L 211 -46.62 -4.69 -22.62
C SER L 211 -47.80 -3.73 -22.54
N LEU L 212 -47.52 -2.44 -22.48
CA LEU L 212 -48.60 -1.46 -22.50
C LEU L 212 -49.36 -1.51 -23.82
N LEU L 213 -48.64 -1.66 -24.93
CA LEU L 213 -49.31 -1.79 -26.21
C LEU L 213 -50.19 -3.03 -26.26
N LEU L 214 -49.69 -4.14 -25.70
CA LEU L 214 -50.47 -5.36 -25.68
C LEU L 214 -51.74 -5.19 -24.88
N ASN L 215 -51.64 -4.55 -23.70
CA ASN L 215 -52.82 -4.37 -22.89
C ASN L 215 -53.80 -3.40 -23.53
N VAL L 216 -53.29 -2.37 -24.21
CA VAL L 216 -54.15 -1.39 -24.86
C VAL L 216 -54.78 -1.97 -26.11
N LEU L 217 -54.15 -2.97 -26.72
CA LEU L 217 -54.81 -3.71 -27.79
C LEU L 217 -55.84 -4.67 -27.25
N GLU L 218 -55.54 -5.27 -26.10
CA GLU L 218 -56.45 -6.23 -25.50
C GLU L 218 -57.74 -5.57 -25.06
N ILE L 219 -57.65 -4.39 -24.45
CA ILE L 219 -58.82 -3.73 -23.91
C ILE L 219 -59.79 -3.36 -25.02
N TYR L 220 -59.28 -3.01 -26.20
CA TYR L 220 -60.16 -2.77 -27.35
C TYR L 220 -60.65 -4.07 -27.97
N HIS L 221 -59.82 -5.11 -27.94
CA HIS L 221 -60.25 -6.42 -28.42
C HIS L 221 -61.42 -6.95 -27.62
N LEU L 222 -61.55 -6.52 -26.37
CA LEU L 222 -62.69 -6.86 -25.55
C LEU L 222 -63.88 -5.97 -25.88
#